data_1IE3
#
_entry.id   1IE3
#
_cell.length_a   147.410
_cell.length_b   52.850
_cell.length_c   169.910
_cell.angle_alpha   90.00
_cell.angle_beta   101.76
_cell.angle_gamma   90.00
#
_symmetry.space_group_name_H-M   'C 1 2 1'
#
loop_
_entity.id
_entity.type
_entity.pdbx_description
1 polymer 'MALATE DEHYDROGENASE'
2 non-polymer NICOTINAMIDE-ADENINE-DINUCLEOTIDE
3 non-polymer 'PYRUVIC ACID'
4 water water
#
_entity_poly.entity_id   1
_entity_poly.type   'polypeptide(L)'
_entity_poly.pdbx_seq_one_letter_code
;MKVAVLGAAGGIGQALALLLKTQLPSGSELSLYDIAPVTPGVAVDLSHIPTAVKIKGFSGEDATPALEGADVVLISAGVA
RKPGMDRSDLFNVNAGIVKNLVQQVAKTCPKACIGIITNPVNTTVAIAAEVLKKAGVYDKNKLFGVTTLDIICSNTFVAE
LKGKQPGEVEVPVIGGHSGVTILPLLSQVPGVSFTEQEVADLTKRIQNAGTEVVEAKAGGGSATLSMGQAAARFGLSLVR
ALQGEQGVVECAYVEGDGQYARFFSQPLLLGKNGVEERKSIGTLSAFEQNALEGMLDTLKKDIALGQEFVNK
;
_entity_poly.pdbx_strand_id   A,B,C,D
#
loop_
_chem_comp.id
_chem_comp.type
_chem_comp.name
_chem_comp.formula
NAD non-polymer NICOTINAMIDE-ADENINE-DINUCLEOTIDE 'C21 H27 N7 O14 P2'
PYR non-polymer 'PYRUVIC ACID' 'C3 H4 O3'
#
# COMPACT_ATOMS: atom_id res chain seq x y z
N MET A 1 16.92 21.60 2.50
CA MET A 1 17.62 20.56 1.70
C MET A 1 17.53 20.86 0.20
N LYS A 2 18.55 21.53 -0.33
CA LYS A 2 18.57 21.89 -1.75
C LYS A 2 19.57 21.07 -2.55
N VAL A 3 19.07 20.41 -3.59
CA VAL A 3 19.91 19.60 -4.46
C VAL A 3 20.01 20.25 -5.83
N ALA A 4 21.23 20.37 -6.34
CA ALA A 4 21.46 20.96 -7.65
C ALA A 4 21.94 19.89 -8.64
N VAL A 5 21.45 19.97 -9.86
CA VAL A 5 21.82 19.03 -10.90
C VAL A 5 22.41 19.81 -12.09
N LEU A 6 23.67 19.53 -12.41
CA LEU A 6 24.34 20.19 -13.51
C LEU A 6 24.36 19.23 -14.70
N GLY A 7 23.81 19.69 -15.82
CA GLY A 7 23.71 18.85 -17.01
C GLY A 7 22.32 18.20 -16.97
N ALA A 8 21.36 18.93 -16.41
CA ALA A 8 19.99 18.47 -16.24
C ALA A 8 19.20 18.21 -17.53
N ALA A 9 19.50 18.95 -18.58
CA ALA A 9 18.80 18.75 -19.85
C ALA A 9 19.19 17.47 -20.59
N GLY A 10 20.24 16.80 -20.11
CA GLY A 10 20.69 15.58 -20.78
C GLY A 10 19.93 14.32 -20.42
N GLY A 11 20.13 13.27 -21.20
CA GLY A 11 19.47 12.01 -20.94
C GLY A 11 19.51 11.62 -19.47
N ILE A 12 20.71 11.47 -18.93
CA ILE A 12 20.84 11.12 -17.51
C ILE A 12 20.20 12.19 -16.63
N GLY A 13 20.36 13.45 -17.03
CA GLY A 13 19.82 14.56 -16.27
C GLY A 13 18.30 14.58 -16.12
N GLN A 14 17.60 14.32 -17.22
CA GLN A 14 16.14 14.31 -17.17
C GLN A 14 15.61 13.14 -16.39
N ALA A 15 16.23 11.98 -16.55
CA ALA A 15 15.80 10.77 -15.83
C ALA A 15 16.07 10.92 -14.35
N LEU A 16 17.07 11.74 -14.02
CA LEU A 16 17.45 11.95 -12.63
C LEU A 16 16.54 13.00 -11.99
N ALA A 17 16.30 14.08 -12.72
CA ALA A 17 15.44 15.17 -12.24
C ALA A 17 14.04 14.61 -12.04
N LEU A 18 13.58 13.78 -12.99
CA LEU A 18 12.27 13.16 -12.90
C LEU A 18 12.10 12.34 -11.62
N LEU A 19 13.04 11.42 -11.38
CA LEU A 19 13.00 10.55 -10.20
C LEU A 19 13.16 11.31 -8.88
N LEU A 20 13.97 12.36 -8.91
CA LEU A 20 14.22 13.18 -7.72
C LEU A 20 13.00 14.04 -7.34
N LYS A 21 12.27 14.50 -8.36
CA LYS A 21 11.10 15.32 -8.14
C LYS A 21 10.02 14.54 -7.41
N THR A 22 9.92 13.26 -7.72
CA THR A 22 8.91 12.41 -7.12
C THR A 22 9.40 11.59 -5.94
N GLN A 23 10.68 11.72 -5.58
CA GLN A 23 11.23 10.96 -4.47
C GLN A 23 11.87 11.75 -3.33
N LEU A 24 12.39 12.94 -3.61
CA LEU A 24 12.99 13.75 -2.56
C LEU A 24 11.96 13.98 -1.45
N PRO A 25 12.42 14.13 -0.20
CA PRO A 25 11.45 14.36 0.89
C PRO A 25 10.71 15.68 0.64
N SER A 26 9.58 15.86 1.32
CA SER A 26 8.77 17.07 1.16
C SER A 26 9.50 18.32 1.65
N GLY A 27 9.24 19.46 1.01
CA GLY A 27 9.87 20.70 1.41
C GLY A 27 11.23 20.86 0.74
N SER A 28 11.75 19.75 0.25
CA SER A 28 13.03 19.71 -0.44
C SER A 28 12.99 20.59 -1.69
N GLU A 29 14.14 21.11 -2.07
CA GLU A 29 14.25 21.98 -3.24
C GLU A 29 15.16 21.37 -4.28
N LEU A 30 14.82 21.56 -5.56
CA LEU A 30 15.58 20.99 -6.65
C LEU A 30 15.81 22.02 -7.76
N SER A 31 17.07 22.34 -8.03
CA SER A 31 17.39 23.29 -9.07
C SER A 31 18.14 22.59 -10.18
N LEU A 32 17.81 22.92 -11.42
CA LEU A 32 18.45 22.30 -12.55
C LEU A 32 19.27 23.33 -13.33
N TYR A 33 20.44 22.91 -13.81
CA TYR A 33 21.28 23.78 -14.59
C TYR A 33 21.84 23.02 -15.78
N ASP A 34 21.92 23.70 -16.92
CA ASP A 34 22.46 23.13 -18.15
C ASP A 34 22.64 24.28 -19.15
N ILE A 35 23.62 24.19 -20.03
CA ILE A 35 23.85 25.27 -20.99
C ILE A 35 22.83 25.24 -22.12
N ALA A 36 22.11 24.14 -22.23
CA ALA A 36 21.09 23.99 -23.26
C ALA A 36 19.92 24.92 -22.94
N PRO A 37 19.47 25.69 -23.94
CA PRO A 37 18.35 26.63 -23.78
C PRO A 37 17.06 26.03 -23.19
N VAL A 38 16.78 24.79 -23.54
CA VAL A 38 15.60 24.09 -23.06
C VAL A 38 15.48 23.86 -21.53
N THR A 39 16.57 23.98 -20.81
CA THR A 39 16.61 23.68 -19.35
C THR A 39 15.48 24.33 -18.52
N PRO A 40 15.14 25.62 -18.66
CA PRO A 40 14.11 26.23 -17.83
C PRO A 40 12.75 25.58 -18.09
N GLY A 41 12.61 25.03 -19.29
CA GLY A 41 11.37 24.36 -19.67
C GLY A 41 11.26 22.99 -19.04
N VAL A 42 12.39 22.29 -18.92
CA VAL A 42 12.40 20.97 -18.31
C VAL A 42 11.84 21.13 -16.90
N ALA A 43 12.28 22.18 -16.23
CA ALA A 43 11.83 22.48 -14.87
C ALA A 43 10.32 22.71 -14.83
N VAL A 44 9.82 23.47 -15.80
CA VAL A 44 8.40 23.79 -15.91
C VAL A 44 7.61 22.49 -16.09
N ASP A 45 8.15 21.61 -16.92
CA ASP A 45 7.54 20.31 -17.21
C ASP A 45 7.45 19.51 -15.93
N LEU A 46 8.49 19.54 -15.11
CA LEU A 46 8.49 18.79 -13.85
C LEU A 46 7.66 19.42 -12.73
N SER A 47 7.50 20.74 -12.79
CA SER A 47 6.73 21.47 -11.76
C SER A 47 5.23 21.14 -11.79
N HIS A 48 4.78 20.56 -12.89
CA HIS A 48 3.37 20.20 -13.01
C HIS A 48 3.12 18.90 -12.28
N ILE A 49 4.20 18.26 -11.83
CA ILE A 49 4.03 17.01 -11.09
C ILE A 49 3.74 17.37 -9.63
N PRO A 50 2.64 16.90 -9.04
CA PRO A 50 2.18 17.29 -7.69
C PRO A 50 2.99 16.60 -6.59
N THR A 51 4.15 17.13 -6.22
CA THR A 51 4.93 16.66 -5.07
C THR A 51 5.39 17.89 -4.31
N ALA A 52 5.73 17.71 -3.04
CA ALA A 52 6.18 18.82 -2.21
C ALA A 52 7.67 19.11 -2.46
N VAL A 53 8.01 19.42 -3.70
CA VAL A 53 9.39 19.72 -4.06
C VAL A 53 9.48 20.88 -5.05
N LYS A 54 9.94 22.03 -4.59
CA LYS A 54 10.10 23.18 -5.46
C LYS A 54 11.14 22.79 -6.52
N ILE A 55 11.04 23.40 -7.69
CA ILE A 55 11.99 23.12 -8.75
C ILE A 55 12.12 24.30 -9.71
N LYS A 56 13.35 24.57 -10.13
CA LYS A 56 13.64 25.67 -11.05
C LYS A 56 14.74 25.26 -12.01
N GLY A 57 14.70 25.87 -13.18
CA GLY A 57 15.69 25.60 -14.20
C GLY A 57 16.39 26.89 -14.59
N PHE A 58 17.63 26.77 -15.04
CA PHE A 58 18.40 27.93 -15.47
C PHE A 58 19.31 27.49 -16.60
N SER A 59 19.69 28.44 -17.44
CA SER A 59 20.59 28.17 -18.54
C SER A 59 21.62 29.29 -18.49
N GLY A 60 22.40 29.44 -19.56
CA GLY A 60 23.42 30.47 -19.60
C GLY A 60 24.77 29.90 -19.20
N GLU A 61 25.79 30.76 -19.20
CA GLU A 61 27.14 30.34 -18.87
C GLU A 61 27.42 30.35 -17.37
N ASP A 62 26.52 30.97 -16.61
CA ASP A 62 26.67 31.06 -15.17
C ASP A 62 25.65 30.20 -14.42
N ALA A 63 26.15 29.29 -13.60
CA ALA A 63 25.28 28.39 -12.84
C ALA A 63 25.11 28.81 -11.39
N THR A 64 25.57 30.01 -11.05
CA THR A 64 25.46 30.51 -9.68
C THR A 64 24.05 30.33 -9.13
N PRO A 65 23.04 30.87 -9.83
CA PRO A 65 21.66 30.76 -9.36
C PRO A 65 21.28 29.34 -8.92
N ALA A 66 21.73 28.35 -9.67
CA ALA A 66 21.43 26.96 -9.35
C ALA A 66 22.22 26.45 -8.16
N LEU A 67 23.43 26.99 -7.99
CA LEU A 67 24.30 26.55 -6.90
C LEU A 67 24.08 27.23 -5.55
N GLU A 68 23.53 28.44 -5.55
CA GLU A 68 23.31 29.15 -4.29
C GLU A 68 22.54 28.35 -3.24
N GLY A 69 23.14 28.25 -2.06
CA GLY A 69 22.51 27.53 -0.95
C GLY A 69 22.36 26.03 -1.15
N ALA A 70 22.93 25.50 -2.21
CA ALA A 70 22.83 24.06 -2.46
C ALA A 70 23.61 23.24 -1.44
N ASP A 71 23.01 22.13 -1.01
CA ASP A 71 23.62 21.23 -0.06
C ASP A 71 24.22 20.05 -0.79
N VAL A 72 23.63 19.71 -1.94
CA VAL A 72 24.09 18.60 -2.75
C VAL A 72 24.18 19.01 -4.22
N VAL A 73 25.31 18.71 -4.86
CA VAL A 73 25.47 19.04 -6.27
C VAL A 73 25.82 17.76 -7.02
N LEU A 74 24.97 17.38 -7.96
CA LEU A 74 25.22 16.18 -8.74
C LEU A 74 25.59 16.66 -10.13
N ILE A 75 26.73 16.22 -10.63
CA ILE A 75 27.21 16.63 -11.94
C ILE A 75 27.18 15.52 -12.98
N SER A 76 26.28 15.65 -13.93
CA SER A 76 26.13 14.67 -15.01
C SER A 76 26.32 15.38 -16.34
N ALA A 77 26.90 16.57 -16.30
CA ALA A 77 27.15 17.33 -17.52
C ALA A 77 28.28 16.66 -18.32
N GLY A 78 28.43 17.05 -19.57
CA GLY A 78 29.50 16.45 -20.35
C GLY A 78 29.09 15.95 -21.73
N VAL A 79 29.70 14.85 -22.13
CA VAL A 79 29.43 14.26 -23.43
C VAL A 79 29.50 12.73 -23.35
N ALA A 80 28.53 12.11 -23.99
CA ALA A 80 28.44 10.63 -24.04
C ALA A 80 29.06 10.12 -25.34
N ARG A 81 28.77 10.83 -26.42
CA ARG A 81 29.30 10.50 -27.75
C ARG A 81 28.84 11.49 -28.81
N LYS A 82 29.73 11.79 -29.75
CA LYS A 82 29.43 12.71 -30.85
C LYS A 82 30.19 12.25 -32.09
N PRO A 83 29.59 12.44 -33.27
CA PRO A 83 30.24 12.03 -34.52
C PRO A 83 31.54 12.78 -34.80
N GLY A 84 32.64 12.04 -34.88
CA GLY A 84 33.92 12.66 -35.17
C GLY A 84 34.97 12.61 -34.08
N MET A 85 34.54 12.47 -32.83
CA MET A 85 35.50 12.43 -31.71
C MET A 85 35.78 11.02 -31.23
N ASP A 86 37.02 10.78 -30.78
CA ASP A 86 37.42 9.45 -30.29
C ASP A 86 37.88 9.52 -28.82
N ARG A 87 37.99 8.34 -28.22
CA ARG A 87 38.47 8.17 -26.83
C ARG A 87 39.11 9.46 -26.26
N SER A 88 40.20 9.92 -26.87
CA SER A 88 40.92 11.12 -26.38
C SER A 88 40.01 12.35 -26.35
N ASP A 89 39.28 12.54 -27.43
CA ASP A 89 38.39 13.71 -27.61
C ASP A 89 37.38 13.83 -26.45
N LEU A 90 36.69 12.75 -26.15
CA LEU A 90 35.68 12.74 -25.06
C LEU A 90 36.30 13.23 -23.76
N PHE A 91 37.45 12.66 -23.40
CA PHE A 91 38.16 13.05 -22.19
C PHE A 91 38.53 14.52 -22.26
N ASN A 92 39.13 14.94 -23.38
CA ASN A 92 39.54 16.32 -23.58
C ASN A 92 38.40 17.30 -23.30
N VAL A 93 37.21 16.95 -23.78
CA VAL A 93 36.04 17.80 -23.58
C VAL A 93 35.42 17.68 -22.19
N ASN A 94 35.24 16.47 -21.67
CA ASN A 94 34.65 16.29 -20.34
C ASN A 94 35.52 16.84 -19.20
N ALA A 95 36.84 16.75 -19.33
CA ALA A 95 37.73 17.25 -18.30
C ALA A 95 37.54 18.75 -18.12
N GLY A 96 37.45 19.46 -19.24
CA GLY A 96 37.26 20.90 -19.22
C GLY A 96 35.94 21.28 -18.57
N ILE A 97 34.89 20.56 -18.93
CA ILE A 97 33.56 20.83 -18.38
C ILE A 97 33.55 20.60 -16.88
N VAL A 98 34.17 19.51 -16.42
CA VAL A 98 34.21 19.24 -15.00
C VAL A 98 35.01 20.31 -14.29
N LYS A 99 36.15 20.69 -14.90
CA LYS A 99 37.00 21.71 -14.32
C LYS A 99 36.22 23.00 -14.08
N ASN A 100 35.48 23.44 -15.09
CA ASN A 100 34.69 24.65 -15.03
C ASN A 100 33.59 24.59 -13.97
N LEU A 101 32.78 23.53 -14.02
CA LEU A 101 31.67 23.38 -13.09
C LEU A 101 32.13 23.23 -11.64
N VAL A 102 33.14 22.40 -11.39
CA VAL A 102 33.60 22.26 -10.01
C VAL A 102 34.14 23.63 -9.57
N GLN A 103 34.73 24.36 -10.52
CA GLN A 103 35.26 25.69 -10.27
C GLN A 103 34.14 26.60 -9.77
N GLN A 104 33.05 26.67 -10.53
CA GLN A 104 31.90 27.51 -10.14
C GLN A 104 31.33 27.08 -8.79
N VAL A 105 31.37 25.77 -8.53
CA VAL A 105 30.88 25.23 -7.27
C VAL A 105 31.76 25.69 -6.13
N ALA A 106 33.07 25.63 -6.34
CA ALA A 106 34.03 26.04 -5.33
C ALA A 106 33.75 27.46 -4.85
N LYS A 107 33.48 28.36 -5.78
CA LYS A 107 33.22 29.75 -5.42
C LYS A 107 31.81 30.01 -4.87
N THR A 108 30.83 29.21 -5.29
CA THR A 108 29.46 29.41 -4.85
C THR A 108 28.97 28.60 -3.64
N CYS A 109 29.18 27.29 -3.66
CA CYS A 109 28.73 26.44 -2.55
C CYS A 109 29.79 25.43 -2.10
N PRO A 110 30.95 25.93 -1.65
CA PRO A 110 32.09 25.12 -1.18
C PRO A 110 31.83 24.08 -0.09
N LYS A 111 30.68 24.14 0.57
CA LYS A 111 30.38 23.17 1.63
C LYS A 111 29.46 22.03 1.18
N ALA A 112 29.00 22.08 -0.06
CA ALA A 112 28.11 21.05 -0.56
C ALA A 112 28.84 19.75 -0.88
N CYS A 113 28.11 18.65 -0.72
CA CYS A 113 28.60 17.33 -1.08
C CYS A 113 28.52 17.25 -2.59
N ILE A 114 29.58 16.80 -3.21
CA ILE A 114 29.59 16.77 -4.66
C ILE A 114 29.66 15.38 -5.24
N GLY A 115 28.62 15.01 -5.97
CA GLY A 115 28.59 13.70 -6.61
C GLY A 115 28.90 13.91 -8.07
N ILE A 116 30.00 13.32 -8.55
CA ILE A 116 30.36 13.44 -9.95
C ILE A 116 30.02 12.18 -10.73
N ILE A 117 29.23 12.35 -11.78
CA ILE A 117 28.79 11.24 -12.62
C ILE A 117 29.50 11.24 -13.97
N THR A 118 29.90 12.42 -14.42
CA THR A 118 30.60 12.60 -15.69
C THR A 118 31.80 11.66 -15.82
N ASN A 119 31.87 10.94 -16.93
CA ASN A 119 32.98 10.01 -17.19
C ASN A 119 34.14 10.67 -17.96
N PRO A 120 35.37 10.13 -17.81
CA PRO A 120 35.66 8.96 -16.97
C PRO A 120 35.78 9.40 -15.52
N VAL A 121 35.02 8.73 -14.66
CA VAL A 121 35.00 9.03 -13.23
C VAL A 121 36.34 8.89 -12.52
N ASN A 122 37.08 7.82 -12.81
CA ASN A 122 38.37 7.61 -12.18
C ASN A 122 39.23 8.87 -12.30
N THR A 123 39.19 9.48 -13.47
CA THR A 123 39.97 10.68 -13.77
C THR A 123 39.27 12.01 -13.43
N THR A 124 37.93 12.04 -13.55
CA THR A 124 37.20 13.29 -13.29
C THR A 124 37.11 13.72 -11.82
N VAL A 125 37.10 12.78 -10.87
CA VAL A 125 37.05 13.24 -9.48
C VAL A 125 38.44 13.77 -9.12
N ALA A 126 39.46 13.29 -9.83
CA ALA A 126 40.83 13.75 -9.57
C ALA A 126 40.89 15.22 -9.99
N ILE A 127 40.39 15.50 -11.18
CA ILE A 127 40.36 16.88 -11.68
C ILE A 127 39.61 17.73 -10.65
N ALA A 128 38.44 17.26 -10.25
CA ALA A 128 37.58 17.97 -9.29
C ALA A 128 38.32 18.26 -8.00
N ALA A 129 39.02 17.24 -7.49
CA ALA A 129 39.80 17.33 -6.27
C ALA A 129 40.87 18.41 -6.40
N GLU A 130 41.64 18.34 -7.48
CA GLU A 130 42.69 19.32 -7.71
C GLU A 130 42.13 20.73 -7.83
N VAL A 131 40.99 20.89 -8.49
CA VAL A 131 40.39 22.21 -8.63
C VAL A 131 39.97 22.80 -7.28
N LEU A 132 39.48 21.94 -6.38
CA LEU A 132 39.04 22.37 -5.06
C LEU A 132 40.20 22.81 -4.17
N LYS A 133 41.34 22.14 -4.32
CA LYS A 133 42.52 22.47 -3.51
C LYS A 133 43.04 23.84 -3.90
N LYS A 134 43.15 24.10 -5.19
CA LYS A 134 43.65 25.38 -5.65
C LYS A 134 42.78 26.54 -5.19
N ALA A 135 41.60 26.22 -4.66
CA ALA A 135 40.68 27.25 -4.19
C ALA A 135 40.65 27.33 -2.67
N GLY A 136 41.20 26.32 -2.02
CA GLY A 136 41.23 26.30 -0.57
C GLY A 136 39.92 25.87 0.04
N VAL A 137 39.15 25.06 -0.68
CA VAL A 137 37.88 24.62 -0.16
C VAL A 137 37.70 23.10 -0.22
N TYR A 138 38.75 22.39 -0.62
CA TYR A 138 38.69 20.93 -0.71
C TYR A 138 38.47 20.21 0.61
N ASP A 139 37.52 19.28 0.60
CA ASP A 139 37.17 18.47 1.76
C ASP A 139 36.91 17.07 1.21
N LYS A 140 37.94 16.23 1.23
CA LYS A 140 37.84 14.87 0.70
C LYS A 140 36.64 14.05 1.19
N ASN A 141 35.95 14.53 2.23
CA ASN A 141 34.78 13.81 2.75
C ASN A 141 33.51 14.18 1.97
N LYS A 142 33.59 15.23 1.17
CA LYS A 142 32.45 15.70 0.41
C LYS A 142 32.63 15.63 -1.11
N LEU A 143 33.57 14.81 -1.56
CA LEU A 143 33.81 14.65 -2.99
C LEU A 143 33.63 13.17 -3.28
N PHE A 144 32.69 12.87 -4.17
CA PHE A 144 32.39 11.47 -4.51
C PHE A 144 32.22 11.26 -5.99
N GLY A 145 32.80 10.17 -6.42
CA GLY A 145 32.64 9.68 -7.79
C GLY A 145 31.49 8.69 -7.74
N VAL A 146 30.43 9.03 -8.42
CA VAL A 146 29.23 8.18 -8.39
C VAL A 146 29.44 6.89 -9.13
N THR A 147 29.54 5.79 -8.39
CA THR A 147 29.76 4.47 -8.98
C THR A 147 28.60 3.52 -8.75
N THR A 148 27.50 4.04 -8.20
CA THR A 148 26.32 3.23 -7.87
C THR A 148 25.79 2.36 -9.02
N LEU A 149 25.99 2.80 -10.25
CA LEU A 149 25.52 2.01 -11.38
C LEU A 149 26.10 0.60 -11.33
N ASP A 150 27.38 0.49 -11.01
CA ASP A 150 28.04 -0.82 -10.95
C ASP A 150 27.36 -1.69 -9.91
N ILE A 151 27.07 -1.10 -8.75
CA ILE A 151 26.41 -1.84 -7.68
C ILE A 151 25.05 -2.40 -8.11
N ILE A 152 24.19 -1.60 -8.74
CA ILE A 152 22.89 -2.14 -9.12
C ILE A 152 22.92 -3.16 -10.26
N CYS A 153 23.83 -3.00 -11.22
CA CYS A 153 23.93 -4.00 -12.30
C CYS A 153 24.31 -5.33 -11.66
N SER A 154 25.24 -5.26 -10.69
CA SER A 154 25.70 -6.46 -9.98
C SER A 154 24.53 -7.13 -9.29
N ASN A 155 23.79 -6.34 -8.53
CA ASN A 155 22.61 -6.84 -7.82
C ASN A 155 21.69 -7.54 -8.80
N THR A 156 21.47 -6.90 -9.95
CA THR A 156 20.61 -7.46 -10.99
C THR A 156 21.14 -8.78 -11.56
N PHE A 157 22.40 -8.78 -12.00
CA PHE A 157 22.98 -10.00 -12.56
C PHE A 157 23.05 -11.14 -11.55
N VAL A 158 23.42 -10.84 -10.31
CA VAL A 158 23.49 -11.90 -9.31
C VAL A 158 22.11 -12.49 -9.05
N ALA A 159 21.10 -11.62 -8.88
CA ALA A 159 19.74 -12.07 -8.61
C ALA A 159 19.26 -13.01 -9.71
N GLU A 160 19.53 -12.61 -10.94
CA GLU A 160 19.14 -13.36 -12.10
C GLU A 160 19.79 -14.75 -12.13
N LEU A 161 21.08 -14.81 -11.81
CA LEU A 161 21.78 -16.09 -11.85
C LEU A 161 21.39 -17.03 -10.71
N LYS A 162 21.36 -16.52 -9.48
CA LYS A 162 21.04 -17.35 -8.33
C LYS A 162 19.53 -17.41 -8.03
N GLY A 163 18.73 -16.86 -8.94
CA GLY A 163 17.29 -16.88 -8.76
C GLY A 163 16.87 -16.28 -7.43
N LYS A 164 17.36 -15.08 -7.13
CA LYS A 164 17.02 -14.39 -5.89
C LYS A 164 16.12 -13.20 -6.22
N GLN A 165 15.52 -12.62 -5.19
CA GLN A 165 14.66 -11.45 -5.35
C GLN A 165 15.58 -10.25 -5.57
N PRO A 166 15.48 -9.60 -6.74
CA PRO A 166 16.28 -8.44 -7.11
C PRO A 166 16.58 -7.43 -6.01
N GLY A 167 15.60 -7.16 -5.16
CA GLY A 167 15.80 -6.19 -4.10
C GLY A 167 16.38 -6.73 -2.82
N GLU A 168 16.76 -7.99 -2.80
CA GLU A 168 17.32 -8.60 -1.59
C GLU A 168 18.84 -8.78 -1.69
N VAL A 169 19.40 -8.43 -2.83
CA VAL A 169 20.85 -8.58 -3.05
C VAL A 169 21.56 -7.21 -3.11
N GLU A 170 22.61 -7.11 -2.31
CA GLU A 170 23.42 -5.90 -2.25
C GLU A 170 24.91 -6.28 -2.34
N VAL A 171 25.43 -6.25 -3.55
CA VAL A 171 26.81 -6.58 -3.84
C VAL A 171 27.78 -5.41 -3.69
N PRO A 172 28.74 -5.49 -2.76
CA PRO A 172 29.66 -4.36 -2.65
C PRO A 172 30.62 -4.38 -3.83
N VAL A 173 30.93 -3.21 -4.38
CA VAL A 173 31.83 -3.12 -5.51
C VAL A 173 32.90 -2.12 -5.16
N ILE A 174 34.16 -2.50 -5.38
CA ILE A 174 35.27 -1.62 -5.06
C ILE A 174 36.10 -1.34 -6.28
N GLY A 175 37.10 -0.50 -6.08
CA GLY A 175 38.03 -0.16 -7.15
C GLY A 175 37.78 1.15 -7.84
N GLY A 176 37.57 1.05 -9.15
CA GLY A 176 37.31 2.22 -9.96
C GLY A 176 36.00 2.04 -10.70
N HIS A 177 35.84 2.78 -11.78
CA HIS A 177 34.61 2.71 -12.53
C HIS A 177 34.90 2.60 -14.02
N SER A 178 35.55 1.50 -14.42
CA SER A 178 35.87 1.28 -15.83
C SER A 178 36.59 -0.04 -16.10
N GLY A 179 36.07 -0.79 -17.07
CA GLY A 179 36.66 -2.06 -17.46
C GLY A 179 37.25 -2.98 -16.38
N VAL A 180 38.56 -2.90 -16.17
CA VAL A 180 39.23 -3.76 -15.18
C VAL A 180 39.42 -3.12 -13.82
N THR A 181 38.89 -1.91 -13.62
CA THR A 181 39.02 -1.26 -12.33
C THR A 181 37.77 -1.48 -11.49
N ILE A 182 36.76 -2.10 -12.10
CA ILE A 182 35.51 -2.39 -11.42
C ILE A 182 35.64 -3.78 -10.81
N LEU A 183 35.51 -3.87 -9.50
CA LEU A 183 35.64 -5.15 -8.85
C LEU A 183 34.50 -5.52 -7.90
N PRO A 184 33.62 -6.42 -8.35
CA PRO A 184 32.50 -6.83 -7.51
C PRO A 184 32.94 -7.89 -6.51
N LEU A 185 32.75 -7.61 -5.23
CA LEU A 185 33.13 -8.55 -4.18
C LEU A 185 32.08 -9.64 -4.03
N LEU A 186 31.99 -10.48 -5.04
CA LEU A 186 31.04 -11.57 -5.05
C LEU A 186 31.23 -12.56 -3.90
N SER A 187 32.39 -12.52 -3.25
CA SER A 187 32.66 -13.46 -2.16
C SER A 187 32.00 -13.01 -0.87
N GLN A 188 31.56 -11.75 -0.84
CA GLN A 188 30.93 -11.17 0.35
C GLN A 188 29.41 -11.03 0.26
N VAL A 189 28.79 -11.77 -0.67
CA VAL A 189 27.36 -11.73 -0.84
C VAL A 189 26.71 -12.81 0.01
N PRO A 190 26.06 -12.44 1.13
CA PRO A 190 25.42 -13.43 2.00
C PRO A 190 24.56 -14.43 1.24
N GLY A 191 24.36 -15.60 1.85
CA GLY A 191 23.53 -16.62 1.22
C GLY A 191 24.08 -17.35 0.02
N VAL A 192 24.20 -16.65 -1.11
CA VAL A 192 24.70 -17.28 -2.33
C VAL A 192 26.15 -17.73 -2.32
N SER A 193 26.41 -18.82 -3.04
CA SER A 193 27.75 -19.37 -3.17
C SER A 193 28.03 -19.34 -4.66
N PHE A 194 29.26 -19.05 -5.04
CA PHE A 194 29.59 -18.98 -6.46
C PHE A 194 30.59 -20.00 -6.92
N THR A 195 30.49 -20.35 -8.20
CA THR A 195 31.39 -21.30 -8.83
C THR A 195 32.48 -20.40 -9.44
N GLU A 196 33.71 -20.88 -9.46
CA GLU A 196 34.81 -20.11 -10.02
C GLU A 196 34.50 -19.66 -11.44
N GLN A 197 33.81 -20.51 -12.18
CA GLN A 197 33.42 -20.17 -13.56
C GLN A 197 32.38 -19.03 -13.54
N GLU A 198 31.51 -19.04 -12.54
CA GLU A 198 30.46 -18.01 -12.43
C GLU A 198 31.05 -16.70 -11.94
N VAL A 199 32.11 -16.79 -11.12
CA VAL A 199 32.75 -15.58 -10.62
C VAL A 199 33.48 -14.93 -11.79
N ALA A 200 34.00 -15.77 -12.68
CA ALA A 200 34.72 -15.30 -13.84
C ALA A 200 33.76 -14.68 -14.85
N ASP A 201 32.64 -15.36 -15.11
CA ASP A 201 31.65 -14.86 -16.04
C ASP A 201 30.96 -13.60 -15.52
N LEU A 202 30.38 -13.67 -14.32
CA LEU A 202 29.69 -12.52 -13.73
C LEU A 202 30.58 -11.28 -13.73
N THR A 203 31.76 -11.43 -13.15
CA THR A 203 32.72 -10.34 -13.06
C THR A 203 32.90 -9.70 -14.42
N LYS A 204 32.97 -10.53 -15.46
CA LYS A 204 33.16 -10.04 -16.82
C LYS A 204 31.94 -9.23 -17.27
N ARG A 205 30.75 -9.77 -17.04
CA ARG A 205 29.52 -9.10 -17.43
C ARG A 205 29.35 -7.77 -16.69
N ILE A 206 29.73 -7.74 -15.43
CA ILE A 206 29.60 -6.51 -14.66
C ILE A 206 30.55 -5.43 -15.19
N GLN A 207 31.79 -5.83 -15.49
CA GLN A 207 32.77 -4.88 -16.00
C GLN A 207 32.42 -4.35 -17.39
N ASN A 208 31.68 -5.13 -18.17
CA ASN A 208 31.31 -4.71 -19.52
C ASN A 208 29.87 -4.22 -19.75
N ALA A 209 29.05 -4.27 -18.70
CA ALA A 209 27.65 -3.86 -18.74
C ALA A 209 27.39 -2.58 -19.54
N GLY A 210 28.19 -1.55 -19.28
CA GLY A 210 28.02 -0.30 -20.00
C GLY A 210 28.11 -0.55 -21.49
N THR A 211 29.18 -1.22 -21.90
CA THR A 211 29.41 -1.53 -23.32
C THR A 211 28.25 -2.33 -23.89
N GLU A 212 27.71 -3.24 -23.09
CA GLU A 212 26.59 -4.08 -23.52
C GLU A 212 25.40 -3.22 -23.93
N VAL A 213 25.22 -2.09 -23.22
CA VAL A 213 24.12 -1.17 -23.49
C VAL A 213 24.38 -0.41 -24.78
N VAL A 214 25.59 0.15 -24.91
CA VAL A 214 25.97 0.91 -26.09
C VAL A 214 25.76 0.11 -27.38
N GLU A 215 26.20 -1.14 -27.38
CA GLU A 215 26.06 -1.98 -28.57
C GLU A 215 24.60 -2.27 -28.87
N ALA A 216 23.78 -2.33 -27.83
CA ALA A 216 22.36 -2.60 -28.00
C ALA A 216 21.65 -1.37 -28.57
N LYS A 217 22.03 -0.18 -28.11
CA LYS A 217 21.45 1.05 -28.60
C LYS A 217 22.06 1.38 -29.96
N ALA A 218 22.88 0.46 -30.46
CA ALA A 218 23.54 0.62 -31.75
C ALA A 218 24.05 2.04 -32.00
N GLY A 219 25.05 2.47 -31.23
CA GLY A 219 25.59 3.80 -31.41
C GLY A 219 24.60 4.89 -31.02
N GLY A 220 23.39 4.48 -30.67
CA GLY A 220 22.38 5.44 -30.27
C GLY A 220 22.60 6.05 -28.90
N GLY A 221 23.67 5.66 -28.23
CA GLY A 221 23.96 6.21 -26.91
C GLY A 221 24.34 5.18 -25.86
N SER A 222 24.62 5.66 -24.65
CA SER A 222 24.99 4.78 -23.55
C SER A 222 23.87 4.72 -22.51
N ALA A 223 24.09 3.99 -21.43
CA ALA A 223 23.10 3.85 -20.38
C ALA A 223 22.72 5.20 -19.81
N THR A 224 21.44 5.55 -19.88
CA THR A 224 20.98 6.82 -19.36
C THR A 224 19.93 6.59 -18.30
N LEU A 225 18.97 5.72 -18.61
CA LEU A 225 17.87 5.41 -17.71
C LEU A 225 18.31 4.65 -16.46
N SER A 226 19.23 3.71 -16.62
CA SER A 226 19.72 2.95 -15.48
C SER A 226 20.65 3.84 -14.66
N MET A 227 21.44 4.68 -15.35
CA MET A 227 22.35 5.59 -14.64
C MET A 227 21.55 6.63 -13.86
N GLY A 228 20.41 7.04 -14.43
CA GLY A 228 19.55 8.01 -13.76
C GLY A 228 19.01 7.39 -12.49
N GLN A 229 18.59 6.13 -12.59
CA GLN A 229 18.08 5.40 -11.45
C GLN A 229 19.20 5.29 -10.40
N ALA A 230 20.39 4.93 -10.86
CA ALA A 230 21.54 4.78 -9.97
C ALA A 230 21.91 6.07 -9.26
N ALA A 231 21.89 7.18 -9.98
CA ALA A 231 22.23 8.48 -9.40
C ALA A 231 21.19 8.92 -8.38
N ALA A 232 19.94 8.55 -8.66
CA ALA A 232 18.83 8.91 -7.77
C ALA A 232 19.06 8.24 -6.44
N ARG A 233 19.37 6.95 -6.47
CA ARG A 233 19.63 6.20 -5.25
C ARG A 233 20.72 6.87 -4.45
N PHE A 234 21.79 7.24 -5.14
CA PHE A 234 22.92 7.89 -4.50
C PHE A 234 22.52 9.24 -3.94
N GLY A 235 21.68 9.96 -4.70
CA GLY A 235 21.23 11.28 -4.27
C GLY A 235 20.44 11.22 -2.98
N LEU A 236 19.49 10.30 -2.93
CA LEU A 236 18.66 10.14 -1.75
C LEU A 236 19.45 9.62 -0.54
N SER A 237 20.42 8.75 -0.78
CA SER A 237 21.23 8.22 0.32
C SER A 237 21.96 9.38 1.00
N LEU A 238 22.44 10.32 0.19
CA LEU A 238 23.15 11.50 0.66
C LEU A 238 22.22 12.39 1.46
N VAL A 239 21.04 12.66 0.90
CA VAL A 239 20.06 13.51 1.54
C VAL A 239 19.65 12.89 2.87
N ARG A 240 19.33 11.61 2.86
CA ARG A 240 18.93 10.91 4.09
C ARG A 240 20.00 11.10 5.15
N ALA A 241 21.24 10.78 4.77
CA ALA A 241 22.40 10.89 5.65
C ALA A 241 22.67 12.32 6.07
N LEU A 242 22.48 13.27 5.16
CA LEU A 242 22.69 14.67 5.50
C LEU A 242 21.60 15.15 6.44
N GLN A 243 20.53 14.38 6.59
CA GLN A 243 19.45 14.77 7.48
C GLN A 243 19.44 14.03 8.80
N GLY A 244 20.55 13.38 9.12
CA GLY A 244 20.64 12.68 10.40
C GLY A 244 20.30 11.21 10.45
N GLU A 245 19.92 10.61 9.33
CA GLU A 245 19.60 9.20 9.36
C GLU A 245 20.86 8.40 9.69
N GLN A 246 20.67 7.28 10.38
CA GLN A 246 21.79 6.42 10.79
C GLN A 246 22.03 5.24 9.86
N GLY A 247 23.27 4.75 9.88
CA GLY A 247 23.62 3.59 9.08
C GLY A 247 23.42 3.62 7.58
N VAL A 248 23.64 4.76 6.97
CA VAL A 248 23.49 4.83 5.52
C VAL A 248 24.85 4.49 4.94
N VAL A 249 24.97 3.28 4.41
CA VAL A 249 26.21 2.82 3.80
C VAL A 249 26.09 2.84 2.30
N GLU A 250 27.13 3.32 1.62
CA GLU A 250 27.10 3.39 0.17
C GLU A 250 28.52 3.28 -0.40
N CYS A 251 28.68 2.57 -1.50
CA CYS A 251 29.99 2.45 -2.13
C CYS A 251 30.20 3.62 -3.09
N ALA A 252 31.28 4.37 -2.89
CA ALA A 252 31.59 5.50 -3.76
C ALA A 252 33.10 5.60 -3.97
N TYR A 253 33.50 6.49 -4.86
CA TYR A 253 34.91 6.70 -5.21
C TYR A 253 35.38 7.97 -4.50
N VAL A 254 36.13 7.80 -3.42
CA VAL A 254 36.62 8.94 -2.66
C VAL A 254 38.12 8.90 -2.42
N GLU A 255 38.62 9.95 -1.80
CA GLU A 255 40.03 10.04 -1.46
C GLU A 255 40.14 9.47 -0.03
N GLY A 256 40.85 8.36 0.10
CA GLY A 256 41.01 7.76 1.42
C GLY A 256 42.48 7.57 1.72
N ASP A 257 42.82 6.54 2.48
CA ASP A 257 44.22 6.26 2.78
C ASP A 257 44.74 5.61 1.49
N GLY A 258 45.72 6.25 0.86
CA GLY A 258 46.24 5.73 -0.40
C GLY A 258 46.71 4.30 -0.47
N GLN A 259 46.29 3.46 0.49
CA GLN A 259 46.70 2.07 0.53
C GLN A 259 46.67 1.32 -0.81
N TYR A 260 45.82 1.75 -1.72
CA TYR A 260 45.73 1.09 -3.02
C TYR A 260 45.93 2.12 -4.13
N ALA A 261 45.28 3.27 -3.97
CA ALA A 261 45.40 4.37 -4.92
C ALA A 261 44.91 5.60 -4.17
N ARG A 262 45.29 6.79 -4.61
CA ARG A 262 44.84 8.01 -3.93
C ARG A 262 43.32 8.00 -3.75
N PHE A 263 42.61 7.69 -4.83
CA PHE A 263 41.17 7.61 -4.78
C PHE A 263 40.82 6.15 -4.99
N PHE A 264 39.88 5.65 -4.21
CA PHE A 264 39.48 4.25 -4.30
C PHE A 264 37.98 4.15 -3.97
N SER A 265 37.28 3.22 -4.62
CA SER A 265 35.86 3.08 -4.32
C SER A 265 35.71 1.97 -3.29
N GLN A 266 35.12 2.32 -2.16
CA GLN A 266 34.92 1.35 -1.09
C GLN A 266 33.68 1.73 -0.25
N PRO A 267 33.20 0.79 0.57
CA PRO A 267 32.04 1.04 1.42
C PRO A 267 32.24 2.26 2.31
N LEU A 268 31.28 3.19 2.28
CA LEU A 268 31.37 4.39 3.09
C LEU A 268 30.16 4.56 4.02
N LEU A 269 30.39 5.12 5.19
CA LEU A 269 29.32 5.40 6.13
C LEU A 269 29.06 6.89 5.96
N LEU A 270 27.88 7.23 5.56
CA LEU A 270 27.56 8.64 5.29
C LEU A 270 26.90 9.31 6.50
N GLY A 271 27.17 10.60 6.66
CA GLY A 271 26.61 11.35 7.77
C GLY A 271 26.41 12.84 7.48
N LYS A 272 26.16 13.60 8.53
CA LYS A 272 25.94 15.04 8.43
C LYS A 272 27.00 15.84 7.67
N ASN A 273 28.18 15.28 7.45
CA ASN A 273 29.21 16.03 6.73
C ASN A 273 29.83 15.26 5.58
N GLY A 274 29.05 14.42 4.92
CA GLY A 274 29.55 13.63 3.83
C GLY A 274 30.05 12.31 4.39
N VAL A 275 31.24 11.89 3.97
CA VAL A 275 31.79 10.64 4.48
C VAL A 275 32.06 10.77 5.97
N GLU A 276 31.55 9.82 6.74
CA GLU A 276 31.72 9.81 8.19
C GLU A 276 32.84 8.85 8.54
N GLU A 277 32.93 7.80 7.75
CA GLU A 277 33.92 6.76 7.95
C GLU A 277 34.07 5.86 6.72
N ARG A 278 35.31 5.77 6.28
CA ARG A 278 35.67 4.87 5.17
C ARG A 278 35.82 3.50 5.79
N LYS A 279 35.05 2.56 5.31
CA LYS A 279 35.05 1.22 5.91
C LYS A 279 36.00 0.26 5.21
N SER A 280 36.46 -0.72 5.97
CA SER A 280 37.38 -1.73 5.46
C SER A 280 36.71 -2.58 4.39
N ILE A 281 37.45 -2.90 3.34
CA ILE A 281 36.90 -3.71 2.26
C ILE A 281 36.73 -5.16 2.71
N GLY A 282 37.18 -5.45 3.92
CA GLY A 282 37.06 -6.80 4.46
C GLY A 282 37.87 -7.88 3.76
N THR A 283 37.44 -9.13 3.93
CA THR A 283 38.11 -10.28 3.35
C THR A 283 37.84 -10.45 1.86
N LEU A 284 38.89 -10.78 1.11
CA LEU A 284 38.78 -11.00 -0.32
C LEU A 284 39.20 -12.43 -0.68
N SER A 285 38.68 -12.94 -1.78
CA SER A 285 39.02 -14.29 -2.22
C SER A 285 40.25 -14.21 -3.12
N ALA A 286 40.86 -15.36 -3.40
CA ALA A 286 42.04 -15.40 -4.25
C ALA A 286 41.78 -14.62 -5.53
N PHE A 287 40.66 -14.92 -6.17
CA PHE A 287 40.27 -14.25 -7.41
C PHE A 287 40.15 -12.74 -7.24
N GLU A 288 39.61 -12.33 -6.10
CA GLU A 288 39.44 -10.92 -5.78
C GLU A 288 40.75 -10.16 -5.55
N GLN A 289 41.69 -10.82 -4.86
CA GLN A 289 42.98 -10.20 -4.57
C GLN A 289 43.80 -10.12 -5.84
N ASN A 290 43.66 -11.11 -6.69
CA ASN A 290 44.39 -11.15 -7.94
C ASN A 290 43.87 -10.09 -8.92
N ALA A 291 42.55 -9.92 -8.96
CA ALA A 291 41.95 -8.94 -9.84
C ALA A 291 42.32 -7.55 -9.33
N LEU A 292 42.46 -7.42 -8.02
CA LEU A 292 42.81 -6.14 -7.41
C LEU A 292 44.24 -5.73 -7.76
N GLU A 293 45.22 -6.56 -7.43
CA GLU A 293 46.61 -6.23 -7.73
C GLU A 293 46.83 -5.95 -9.22
N GLY A 294 46.14 -6.71 -10.06
CA GLY A 294 46.28 -6.54 -11.49
C GLY A 294 45.62 -5.32 -12.10
N MET A 295 45.07 -4.43 -11.28
CA MET A 295 44.41 -3.24 -11.82
C MET A 295 44.92 -1.93 -11.23
N LEU A 296 45.66 -2.05 -10.13
CA LEU A 296 46.21 -0.88 -9.45
C LEU A 296 46.99 0.03 -10.41
N ASP A 297 47.76 -0.56 -11.30
CA ASP A 297 48.53 0.24 -12.26
C ASP A 297 47.59 1.09 -13.10
N THR A 298 46.55 0.46 -13.65
CA THR A 298 45.59 1.16 -14.48
C THR A 298 44.88 2.30 -13.75
N LEU A 299 44.43 2.03 -12.53
CA LEU A 299 43.73 3.05 -11.79
C LEU A 299 44.64 4.24 -11.53
N LYS A 300 45.90 3.97 -11.21
CA LYS A 300 46.88 5.03 -10.93
C LYS A 300 47.15 5.90 -12.14
N LYS A 301 47.13 5.33 -13.33
CA LYS A 301 47.33 6.12 -14.54
C LYS A 301 46.10 7.01 -14.77
N ASP A 302 44.90 6.49 -14.48
CA ASP A 302 43.69 7.28 -14.66
C ASP A 302 43.76 8.47 -13.73
N ILE A 303 44.16 8.22 -12.49
CA ILE A 303 44.27 9.29 -11.53
C ILE A 303 45.36 10.27 -11.94
N ALA A 304 46.51 9.72 -12.34
CA ALA A 304 47.65 10.54 -12.75
C ALA A 304 47.19 11.50 -13.84
N LEU A 305 46.51 10.94 -14.83
CA LEU A 305 45.99 11.70 -15.95
C LEU A 305 45.21 12.91 -15.45
N GLY A 306 44.33 12.67 -14.47
CA GLY A 306 43.52 13.73 -13.92
C GLY A 306 44.31 14.84 -13.23
N GLN A 307 45.21 14.47 -12.33
CA GLN A 307 46.02 15.45 -11.62
C GLN A 307 46.84 16.31 -12.58
N GLU A 308 47.41 15.66 -13.60
CA GLU A 308 48.22 16.36 -14.58
C GLU A 308 47.40 17.38 -15.36
N PHE A 309 46.10 17.13 -15.48
CA PHE A 309 45.23 18.03 -16.22
C PHE A 309 45.10 19.39 -15.54
N VAL A 310 45.08 19.39 -14.21
CA VAL A 310 44.97 20.64 -13.45
C VAL A 310 46.30 21.32 -13.17
N ASN A 311 47.21 20.58 -12.54
CA ASN A 311 48.53 21.11 -12.19
C ASN A 311 49.45 21.22 -13.39
N LYS A 312 48.94 20.88 -14.57
CA LYS A 312 49.70 20.94 -15.80
C LYS A 312 50.76 19.84 -15.84
N MET B 1 0.85 -10.66 -16.08
CA MET B 1 0.54 -9.24 -16.38
C MET B 1 1.58 -8.61 -17.31
N LYS B 2 1.31 -8.63 -18.61
CA LYS B 2 2.25 -8.06 -19.55
C LYS B 2 1.76 -6.72 -20.10
N VAL B 3 2.60 -5.70 -19.95
CA VAL B 3 2.29 -4.37 -20.41
C VAL B 3 3.19 -4.03 -21.59
N ALA B 4 2.60 -3.56 -22.67
CA ALA B 4 3.37 -3.18 -23.85
C ALA B 4 3.31 -1.68 -24.03
N VAL B 5 4.43 -1.11 -24.47
CA VAL B 5 4.54 0.32 -24.70
C VAL B 5 5.01 0.51 -26.13
N LEU B 6 4.19 1.15 -26.95
CA LEU B 6 4.54 1.41 -28.34
C LEU B 6 5.00 2.86 -28.42
N GLY B 7 6.19 3.07 -28.99
CA GLY B 7 6.77 4.39 -29.07
C GLY B 7 7.63 4.62 -27.84
N ALA B 8 8.17 3.53 -27.29
CA ALA B 8 8.98 3.56 -26.08
C ALA B 8 10.30 4.33 -26.14
N ALA B 9 10.75 4.71 -27.33
CA ALA B 9 12.01 5.44 -27.45
C ALA B 9 11.87 6.94 -27.47
N GLY B 10 10.64 7.43 -27.45
CA GLY B 10 10.42 8.87 -27.49
C GLY B 10 10.57 9.50 -26.13
N GLY B 11 10.46 10.83 -26.10
CA GLY B 11 10.56 11.55 -24.83
C GLY B 11 9.62 11.00 -23.77
N ILE B 12 8.34 10.87 -24.13
CA ILE B 12 7.35 10.35 -23.19
C ILE B 12 7.60 8.88 -22.91
N GLY B 13 7.81 8.10 -23.96
CA GLY B 13 8.05 6.67 -23.83
C GLY B 13 9.15 6.28 -22.86
N GLN B 14 10.32 6.89 -22.99
CA GLN B 14 11.43 6.54 -22.10
C GLN B 14 11.16 6.86 -20.64
N ALA B 15 10.47 7.97 -20.37
CA ALA B 15 10.16 8.32 -18.99
C ALA B 15 9.12 7.34 -18.45
N LEU B 16 8.17 6.99 -19.31
CA LEU B 16 7.11 6.05 -18.98
C LEU B 16 7.70 4.67 -18.65
N ALA B 17 8.52 4.14 -19.55
CA ALA B 17 9.17 2.83 -19.36
C ALA B 17 10.00 2.82 -18.07
N LEU B 18 10.73 3.90 -17.82
CA LEU B 18 11.55 4.02 -16.61
C LEU B 18 10.70 3.87 -15.38
N LEU B 19 9.63 4.66 -15.33
CA LEU B 19 8.70 4.67 -14.20
C LEU B 19 8.00 3.34 -14.03
N LEU B 20 7.70 2.66 -15.14
CA LEU B 20 7.01 1.37 -15.06
C LEU B 20 7.96 0.26 -14.64
N LYS B 21 9.20 0.33 -15.12
CA LYS B 21 10.21 -0.66 -14.80
C LYS B 21 10.39 -0.76 -13.28
N THR B 22 10.36 0.38 -12.62
CA THR B 22 10.55 0.41 -11.17
C THR B 22 9.26 0.37 -10.35
N GLN B 23 8.10 0.50 -10.98
CA GLN B 23 6.87 0.56 -10.17
C GLN B 23 5.84 -0.55 -10.46
N LEU B 24 5.92 -1.21 -11.60
CA LEU B 24 4.97 -2.32 -11.87
C LEU B 24 5.17 -3.40 -10.81
N PRO B 25 4.09 -4.02 -10.34
CA PRO B 25 4.28 -5.07 -9.32
C PRO B 25 5.25 -6.18 -9.75
N SER B 26 5.79 -6.90 -8.77
CA SER B 26 6.72 -7.99 -9.04
C SER B 26 6.06 -9.06 -9.88
N GLY B 27 6.82 -9.61 -10.82
CA GLY B 27 6.28 -10.65 -11.69
C GLY B 27 5.78 -10.08 -13.01
N SER B 28 5.53 -8.77 -13.04
CA SER B 28 5.05 -8.14 -14.25
C SER B 28 6.09 -8.25 -15.34
N GLU B 29 5.66 -8.01 -16.57
CA GLU B 29 6.53 -8.09 -17.73
C GLU B 29 6.29 -6.81 -18.52
N LEU B 30 7.36 -6.27 -19.09
CA LEU B 30 7.27 -5.03 -19.84
C LEU B 30 7.97 -5.19 -21.18
N SER B 31 7.24 -4.99 -22.27
CA SER B 31 7.83 -5.09 -23.59
C SER B 31 7.69 -3.75 -24.30
N LEU B 32 8.82 -3.23 -24.80
CA LEU B 32 8.84 -1.96 -25.47
C LEU B 32 9.01 -2.15 -26.96
N TYR B 33 8.35 -1.29 -27.73
CA TYR B 33 8.42 -1.32 -29.19
C TYR B 33 8.42 0.09 -29.73
N ASP B 34 9.20 0.33 -30.76
CA ASP B 34 9.31 1.64 -31.38
C ASP B 34 10.06 1.39 -32.68
N ILE B 35 9.91 2.27 -33.66
CA ILE B 35 10.60 2.08 -34.93
C ILE B 35 12.06 2.45 -34.81
N ALA B 36 12.39 3.30 -33.84
CA ALA B 36 13.77 3.71 -33.62
C ALA B 36 14.60 2.46 -33.35
N PRO B 37 15.71 2.29 -34.07
CA PRO B 37 16.58 1.12 -33.91
C PRO B 37 17.25 1.03 -32.54
N VAL B 38 17.26 2.13 -31.81
CA VAL B 38 17.88 2.18 -30.50
C VAL B 38 17.04 1.47 -29.42
N THR B 39 15.80 1.19 -29.77
CA THR B 39 14.80 0.62 -28.84
C THR B 39 15.25 -0.62 -28.05
N PRO B 40 15.90 -1.66 -28.61
CA PRO B 40 16.27 -2.81 -27.82
C PRO B 40 17.32 -2.43 -26.77
N GLY B 41 18.14 -1.43 -27.10
CA GLY B 41 19.14 -0.96 -26.17
C GLY B 41 18.49 -0.21 -25.03
N VAL B 42 17.34 0.40 -25.28
CA VAL B 42 16.63 1.13 -24.23
C VAL B 42 16.19 0.09 -23.22
N ALA B 43 15.75 -1.07 -23.72
CA ALA B 43 15.31 -2.14 -22.85
C ALA B 43 16.49 -2.72 -22.08
N VAL B 44 17.63 -2.90 -22.76
CA VAL B 44 18.83 -3.43 -22.10
C VAL B 44 19.25 -2.45 -20.99
N ASP B 45 19.22 -1.16 -21.31
CA ASP B 45 19.56 -0.12 -20.35
C ASP B 45 18.69 -0.33 -19.09
N LEU B 46 17.38 -0.39 -19.30
CA LEU B 46 16.41 -0.58 -18.21
C LEU B 46 16.49 -1.93 -17.52
N SER B 47 16.94 -2.96 -18.22
CA SER B 47 17.03 -4.29 -17.60
C SER B 47 18.08 -4.36 -16.51
N HIS B 48 18.96 -3.36 -16.43
CA HIS B 48 20.01 -3.35 -15.41
C HIS B 48 19.57 -2.80 -14.06
N ILE B 49 18.29 -2.47 -13.94
CA ILE B 49 17.74 -1.95 -12.69
C ILE B 49 17.18 -3.14 -11.90
N PRO B 50 17.57 -3.35 -10.64
CA PRO B 50 17.10 -4.50 -9.86
C PRO B 50 15.64 -4.47 -9.39
N THR B 51 14.71 -4.71 -10.29
CA THR B 51 13.27 -4.85 -9.92
C THR B 51 12.76 -6.11 -10.62
N ALA B 52 11.88 -6.82 -9.95
CA ALA B 52 11.37 -8.10 -10.48
C ALA B 52 10.38 -7.90 -11.64
N VAL B 53 10.78 -7.10 -12.62
CA VAL B 53 9.96 -6.86 -13.79
C VAL B 53 10.76 -7.14 -15.06
N LYS B 54 10.45 -8.25 -15.72
CA LYS B 54 11.12 -8.64 -16.97
C LYS B 54 10.87 -7.60 -18.05
N ILE B 55 11.88 -7.33 -18.88
CA ILE B 55 11.72 -6.34 -19.93
C ILE B 55 12.50 -6.67 -21.20
N LYS B 56 11.86 -6.43 -22.35
CA LYS B 56 12.43 -6.67 -23.67
C LYS B 56 12.00 -5.53 -24.57
N GLY B 57 12.85 -5.18 -25.54
CA GLY B 57 12.51 -4.10 -26.45
C GLY B 57 12.65 -4.56 -27.88
N PHE B 58 11.88 -3.98 -28.79
CA PHE B 58 11.93 -4.35 -30.20
C PHE B 58 11.80 -3.14 -31.10
N SER B 59 12.29 -3.29 -32.33
CA SER B 59 12.20 -2.24 -33.32
C SER B 59 11.78 -2.92 -34.62
N GLY B 60 11.71 -2.15 -35.70
CA GLY B 60 11.29 -2.75 -36.95
C GLY B 60 9.87 -2.27 -37.23
N GLU B 61 9.23 -2.88 -38.23
CA GLU B 61 7.88 -2.48 -38.59
C GLU B 61 6.79 -3.46 -38.15
N ASP B 62 7.17 -4.43 -37.35
CA ASP B 62 6.21 -5.42 -36.86
C ASP B 62 6.25 -5.43 -35.33
N ALA B 63 5.16 -4.98 -34.71
CA ALA B 63 5.10 -4.93 -33.26
C ALA B 63 4.64 -6.25 -32.64
N THR B 64 4.38 -7.24 -33.47
CA THR B 64 3.90 -8.52 -32.97
C THR B 64 4.58 -9.08 -31.73
N PRO B 65 5.90 -9.33 -31.79
CA PRO B 65 6.60 -9.90 -30.62
C PRO B 65 6.40 -9.09 -29.34
N ALA B 66 6.23 -7.78 -29.47
CA ALA B 66 6.00 -6.93 -28.31
C ALA B 66 4.54 -7.03 -27.86
N LEU B 67 3.65 -7.32 -28.80
CA LEU B 67 2.22 -7.41 -28.51
C LEU B 67 1.69 -8.78 -28.05
N GLU B 68 2.38 -9.86 -28.41
CA GLU B 68 1.94 -11.20 -28.00
C GLU B 68 1.76 -11.33 -26.50
N GLY B 69 0.57 -11.75 -26.08
CA GLY B 69 0.26 -11.93 -24.67
C GLY B 69 0.02 -10.67 -23.85
N ALA B 70 0.11 -9.51 -24.48
CA ALA B 70 -0.09 -8.23 -23.78
C ALA B 70 -1.46 -8.07 -23.12
N ASP B 71 -1.45 -7.59 -21.88
CA ASP B 71 -2.68 -7.35 -21.12
C ASP B 71 -3.03 -5.87 -21.22
N VAL B 72 -1.99 -5.04 -21.29
CA VAL B 72 -2.15 -3.61 -21.38
C VAL B 72 -1.23 -3.05 -22.46
N VAL B 73 -1.78 -2.21 -23.33
CA VAL B 73 -0.97 -1.59 -24.37
C VAL B 73 -1.11 -0.10 -24.20
N LEU B 74 0.02 0.60 -24.14
CA LEU B 74 0.03 2.04 -24.00
C LEU B 74 0.70 2.58 -25.24
N ILE B 75 0.00 3.43 -25.98
CA ILE B 75 0.56 3.98 -27.20
C ILE B 75 0.94 5.43 -27.06
N SER B 76 2.23 5.73 -27.23
CA SER B 76 2.72 7.09 -27.13
C SER B 76 3.52 7.45 -28.36
N ALA B 77 3.42 6.62 -29.38
CA ALA B 77 4.13 6.89 -30.63
C ALA B 77 3.53 8.14 -31.27
N GLY B 78 4.20 8.68 -32.28
CA GLY B 78 3.69 9.85 -32.95
C GLY B 78 4.73 10.95 -33.09
N VAL B 79 4.29 12.12 -33.53
CA VAL B 79 5.20 13.25 -33.71
C VAL B 79 4.77 14.47 -32.88
N ALA B 80 5.64 14.87 -31.95
CA ALA B 80 5.37 16.01 -31.09
C ALA B 80 5.52 17.28 -31.93
N ARG B 81 6.55 17.30 -32.76
CA ARG B 81 6.81 18.43 -33.64
C ARG B 81 8.02 18.21 -34.52
N LYS B 82 7.91 18.65 -35.77
CA LYS B 82 8.99 18.56 -36.73
C LYS B 82 9.02 19.85 -37.52
N PRO B 83 10.24 20.35 -37.82
CA PRO B 83 10.34 21.59 -38.58
C PRO B 83 9.66 21.50 -39.95
N GLY B 84 8.83 22.50 -40.26
CA GLY B 84 8.14 22.51 -41.53
C GLY B 84 6.72 21.99 -41.49
N MET B 85 6.37 21.29 -40.41
CA MET B 85 5.03 20.73 -40.27
C MET B 85 4.12 21.60 -39.42
N ASP B 86 2.89 21.82 -39.86
CA ASP B 86 1.93 22.62 -39.10
C ASP B 86 0.88 21.72 -38.45
N ARG B 87 -0.18 22.32 -37.92
CA ARG B 87 -1.26 21.61 -37.24
C ARG B 87 -1.78 20.38 -37.98
N SER B 88 -2.25 20.59 -39.20
CA SER B 88 -2.80 19.52 -40.02
C SER B 88 -1.80 18.46 -40.41
N ASP B 89 -0.54 18.85 -40.58
CA ASP B 89 0.50 17.91 -40.96
C ASP B 89 0.70 16.91 -39.82
N LEU B 90 0.87 17.44 -38.61
CA LEU B 90 1.07 16.59 -37.43
C LEU B 90 -0.09 15.61 -37.26
N PHE B 91 -1.30 16.11 -37.45
CA PHE B 91 -2.51 15.30 -37.32
C PHE B 91 -2.51 14.11 -38.27
N ASN B 92 -2.24 14.36 -39.54
CA ASN B 92 -2.22 13.29 -40.52
C ASN B 92 -1.17 12.25 -40.18
N VAL B 93 -0.01 12.71 -39.74
CA VAL B 93 1.06 11.80 -39.36
C VAL B 93 0.63 10.96 -38.15
N ASN B 94 0.15 11.63 -37.10
CA ASN B 94 -0.28 10.93 -35.90
C ASN B 94 -1.50 10.02 -36.14
N ALA B 95 -2.41 10.44 -36.99
CA ALA B 95 -3.61 9.67 -37.28
C ALA B 95 -3.22 8.36 -37.95
N GLY B 96 -2.28 8.43 -38.89
CA GLY B 96 -1.83 7.25 -39.60
C GLY B 96 -1.02 6.32 -38.72
N ILE B 97 -0.30 6.87 -37.75
CA ILE B 97 0.49 6.03 -36.85
C ILE B 97 -0.46 5.26 -35.94
N VAL B 98 -1.46 5.94 -35.41
CA VAL B 98 -2.40 5.26 -34.52
C VAL B 98 -3.21 4.23 -35.28
N LYS B 99 -3.50 4.51 -36.53
CA LYS B 99 -4.27 3.56 -37.33
C LYS B 99 -3.45 2.27 -37.50
N ASN B 100 -2.24 2.41 -38.00
CA ASN B 100 -1.34 1.29 -38.21
C ASN B 100 -1.13 0.45 -36.95
N LEU B 101 -0.86 1.11 -35.84
CA LEU B 101 -0.61 0.43 -34.57
C LEU B 101 -1.82 -0.29 -33.98
N VAL B 102 -2.99 0.34 -34.01
CA VAL B 102 -4.17 -0.31 -33.47
C VAL B 102 -4.49 -1.56 -34.27
N GLN B 103 -4.29 -1.48 -35.59
CA GLN B 103 -4.53 -2.62 -36.47
C GLN B 103 -3.70 -3.82 -36.03
N GLN B 104 -2.45 -3.58 -35.67
CA GLN B 104 -1.58 -4.65 -35.23
C GLN B 104 -2.08 -5.17 -33.89
N VAL B 105 -2.54 -4.25 -33.05
CA VAL B 105 -3.09 -4.61 -31.75
C VAL B 105 -4.27 -5.55 -31.94
N ALA B 106 -5.15 -5.19 -32.85
CA ALA B 106 -6.35 -5.96 -33.17
C ALA B 106 -6.04 -7.39 -33.59
N LYS B 107 -4.94 -7.55 -34.32
CA LYS B 107 -4.52 -8.86 -34.83
C LYS B 107 -3.84 -9.75 -33.80
N THR B 108 -2.93 -9.16 -33.03
CA THR B 108 -2.18 -9.91 -32.03
C THR B 108 -2.83 -10.01 -30.66
N CYS B 109 -3.15 -8.87 -30.04
CA CYS B 109 -3.77 -8.89 -28.71
C CYS B 109 -5.09 -8.13 -28.66
N PRO B 110 -6.15 -8.72 -29.24
CA PRO B 110 -7.47 -8.12 -29.28
C PRO B 110 -8.18 -7.91 -27.94
N LYS B 111 -7.80 -8.66 -26.91
CA LYS B 111 -8.45 -8.50 -25.60
C LYS B 111 -7.70 -7.66 -24.57
N ALA B 112 -6.72 -6.89 -25.04
CA ALA B 112 -5.95 -6.05 -24.13
C ALA B 112 -6.56 -4.66 -24.04
N CYS B 113 -6.43 -4.04 -22.87
CA CYS B 113 -6.94 -2.69 -22.68
C CYS B 113 -5.97 -1.77 -23.38
N ILE B 114 -6.51 -0.83 -24.15
CA ILE B 114 -5.67 0.10 -24.87
C ILE B 114 -5.77 1.49 -24.30
N GLY B 115 -4.62 2.11 -24.08
CA GLY B 115 -4.55 3.45 -23.54
C GLY B 115 -3.81 4.27 -24.55
N ILE B 116 -4.50 5.22 -25.15
CA ILE B 116 -3.93 6.07 -26.17
C ILE B 116 -3.47 7.40 -25.59
N ILE B 117 -2.19 7.69 -25.80
CA ILE B 117 -1.55 8.90 -25.30
C ILE B 117 -1.35 9.87 -26.44
N THR B 118 -1.13 9.33 -27.63
CA THR B 118 -0.91 10.14 -28.82
C THR B 118 -2.00 11.20 -28.99
N ASN B 119 -1.59 12.42 -29.29
CA ASN B 119 -2.52 13.52 -29.50
C ASN B 119 -2.78 13.71 -30.99
N PRO B 120 -3.93 14.30 -31.34
CA PRO B 120 -4.95 14.78 -30.41
C PRO B 120 -5.86 13.64 -29.94
N VAL B 121 -5.83 13.37 -28.63
CA VAL B 121 -6.62 12.29 -28.02
C VAL B 121 -8.12 12.34 -28.36
N ASN B 122 -8.68 13.53 -28.50
CA ASN B 122 -10.10 13.66 -28.82
C ASN B 122 -10.45 12.96 -30.12
N THR B 123 -9.51 12.99 -31.07
CA THR B 123 -9.69 12.36 -32.38
C THR B 123 -9.08 10.96 -32.49
N THR B 124 -7.90 10.79 -31.91
CA THR B 124 -7.20 9.50 -32.00
C THR B 124 -7.90 8.31 -31.36
N VAL B 125 -8.62 8.50 -30.26
CA VAL B 125 -9.29 7.34 -29.66
C VAL B 125 -10.46 6.93 -30.56
N ALA B 126 -11.01 7.89 -31.28
CA ALA B 126 -12.12 7.63 -32.18
C ALA B 126 -11.60 6.73 -33.32
N ILE B 127 -10.48 7.13 -33.90
CA ILE B 127 -9.84 6.38 -34.97
C ILE B 127 -9.60 4.95 -34.49
N ALA B 128 -8.98 4.80 -33.31
CA ALA B 128 -8.70 3.47 -32.81
C ALA B 128 -9.98 2.66 -32.73
N ALA B 129 -11.04 3.27 -32.21
CA ALA B 129 -12.32 2.60 -32.08
C ALA B 129 -12.77 2.03 -33.41
N GLU B 130 -12.76 2.88 -34.44
CA GLU B 130 -13.17 2.46 -35.77
C GLU B 130 -12.31 1.32 -36.29
N VAL B 131 -10.99 1.41 -36.09
CA VAL B 131 -10.09 0.36 -36.53
C VAL B 131 -10.45 -0.98 -35.87
N LEU B 132 -10.73 -0.92 -34.57
CA LEU B 132 -11.10 -2.13 -33.84
C LEU B 132 -12.47 -2.68 -34.29
N LYS B 133 -13.39 -1.78 -34.66
CA LYS B 133 -14.70 -2.21 -35.13
C LYS B 133 -14.54 -2.96 -36.46
N LYS B 134 -13.98 -2.31 -37.46
CA LYS B 134 -13.78 -2.93 -38.76
C LYS B 134 -13.11 -4.30 -38.68
N ALA B 135 -12.35 -4.54 -37.63
CA ALA B 135 -11.66 -5.80 -37.41
C ALA B 135 -12.57 -6.74 -36.63
N GLY B 136 -13.62 -6.17 -36.06
CA GLY B 136 -14.58 -6.96 -35.30
C GLY B 136 -14.14 -7.41 -33.93
N VAL B 137 -13.35 -6.58 -33.25
CA VAL B 137 -12.88 -6.94 -31.92
C VAL B 137 -13.07 -5.81 -30.94
N TYR B 138 -13.78 -4.77 -31.36
CA TYR B 138 -14.01 -3.62 -30.49
C TYR B 138 -14.83 -3.98 -29.26
N ASP B 139 -14.34 -3.43 -28.16
CA ASP B 139 -14.93 -3.52 -26.82
C ASP B 139 -14.74 -2.17 -26.17
N LYS B 140 -15.80 -1.41 -26.14
CA LYS B 140 -15.75 -0.03 -25.66
C LYS B 140 -15.24 0.10 -24.23
N ASN B 141 -15.21 -1.01 -23.48
CA ASN B 141 -14.72 -0.96 -22.10
C ASN B 141 -13.20 -1.07 -21.99
N LYS B 142 -12.53 -1.42 -23.10
CA LYS B 142 -11.07 -1.57 -23.08
C LYS B 142 -10.29 -0.55 -23.90
N LEU B 143 -10.93 0.54 -24.29
CA LEU B 143 -10.23 1.56 -25.06
C LEU B 143 -10.35 2.87 -24.29
N PHE B 144 -9.20 3.50 -24.00
CA PHE B 144 -9.19 4.75 -23.24
C PHE B 144 -8.19 5.74 -23.82
N GLY B 145 -8.57 6.99 -23.65
CA GLY B 145 -7.73 8.12 -23.99
C GLY B 145 -7.17 8.61 -22.67
N VAL B 146 -5.86 8.68 -22.58
CA VAL B 146 -5.24 9.10 -21.33
C VAL B 146 -5.28 10.60 -21.17
N THR B 147 -5.93 11.04 -20.12
CA THR B 147 -6.12 12.46 -19.82
C THR B 147 -5.55 12.81 -18.46
N THR B 148 -4.99 11.82 -17.78
CA THR B 148 -4.42 12.02 -16.44
C THR B 148 -3.58 13.28 -16.33
N LEU B 149 -2.89 13.65 -17.40
CA LEU B 149 -2.05 14.83 -17.35
C LEU B 149 -2.86 16.04 -16.91
N ASP B 150 -4.09 16.17 -17.43
CA ASP B 150 -4.95 17.30 -17.06
C ASP B 150 -5.27 17.26 -15.57
N ILE B 151 -5.34 16.05 -15.02
CA ILE B 151 -5.63 15.84 -13.60
C ILE B 151 -4.49 16.34 -12.69
N ILE B 152 -3.30 15.78 -12.88
CA ILE B 152 -2.14 16.15 -12.04
C ILE B 152 -1.78 17.63 -12.17
N CYS B 153 -1.98 18.20 -13.35
CA CYS B 153 -1.70 19.62 -13.53
C CYS B 153 -2.70 20.42 -12.67
N SER B 154 -3.96 20.02 -12.74
CA SER B 154 -5.00 20.69 -11.96
C SER B 154 -4.70 20.55 -10.47
N ASN B 155 -4.33 19.34 -10.04
CA ASN B 155 -4.03 19.11 -8.63
C ASN B 155 -2.93 20.02 -8.14
N THR B 156 -1.89 20.18 -8.96
CA THR B 156 -0.75 21.03 -8.63
C THR B 156 -1.15 22.49 -8.52
N PHE B 157 -1.83 23.01 -9.53
CA PHE B 157 -2.25 24.41 -9.53
C PHE B 157 -3.20 24.76 -8.40
N VAL B 158 -4.16 23.86 -8.13
CA VAL B 158 -5.14 24.08 -7.07
C VAL B 158 -4.49 24.16 -5.69
N ALA B 159 -3.65 23.19 -5.37
CA ALA B 159 -2.98 23.18 -4.07
C ALA B 159 -2.10 24.42 -3.91
N GLU B 160 -1.39 24.77 -4.96
CA GLU B 160 -0.53 25.94 -4.94
C GLU B 160 -1.32 27.19 -4.59
N LEU B 161 -2.48 27.35 -5.23
CA LEU B 161 -3.32 28.51 -5.03
C LEU B 161 -4.03 28.59 -3.69
N LYS B 162 -4.57 27.48 -3.21
CA LYS B 162 -5.29 27.45 -1.93
C LYS B 162 -4.41 26.91 -0.80
N GLY B 163 -3.10 26.94 -1.01
CA GLY B 163 -2.18 26.48 0.01
C GLY B 163 -2.47 25.14 0.64
N LYS B 164 -2.47 24.09 -0.17
CA LYS B 164 -2.71 22.75 0.33
C LYS B 164 -1.49 21.91 -0.06
N GLN B 165 -1.37 20.71 0.50
CA GLN B 165 -0.26 19.84 0.14
C GLN B 165 -0.60 19.26 -1.21
N PRO B 166 0.32 19.37 -2.19
CA PRO B 166 0.11 18.85 -3.54
C PRO B 166 -0.56 17.46 -3.60
N GLY B 167 -0.13 16.56 -2.73
CA GLY B 167 -0.67 15.22 -2.72
C GLY B 167 -2.05 14.98 -2.13
N GLU B 168 -2.63 15.96 -1.47
CA GLU B 168 -3.95 15.77 -0.89
C GLU B 168 -5.10 16.33 -1.73
N VAL B 169 -4.80 16.86 -2.91
CA VAL B 169 -5.84 17.41 -3.78
C VAL B 169 -6.06 16.47 -4.97
N GLU B 170 -7.33 16.30 -5.34
CA GLU B 170 -7.70 15.43 -6.47
C GLU B 170 -8.86 16.09 -7.22
N VAL B 171 -8.55 16.81 -8.28
CA VAL B 171 -9.55 17.51 -9.07
C VAL B 171 -10.09 16.66 -10.21
N PRO B 172 -11.42 16.50 -10.28
CA PRO B 172 -11.97 15.69 -11.37
C PRO B 172 -12.02 16.56 -12.62
N VAL B 173 -11.57 16.01 -13.74
CA VAL B 173 -11.56 16.74 -15.01
C VAL B 173 -12.37 15.93 -16.01
N ILE B 174 -13.25 16.60 -16.73
CA ILE B 174 -14.11 15.92 -17.69
C ILE B 174 -14.12 16.59 -19.05
N GLY B 175 -14.80 15.96 -20.01
CA GLY B 175 -14.88 16.52 -21.33
C GLY B 175 -13.92 15.89 -22.30
N GLY B 176 -13.06 16.74 -22.88
CA GLY B 176 -12.07 16.28 -23.82
C GLY B 176 -10.66 16.53 -23.31
N HIS B 177 -9.69 16.37 -24.18
CA HIS B 177 -8.31 16.55 -23.77
C HIS B 177 -7.57 17.71 -24.42
N SER B 178 -8.31 18.70 -24.91
CA SER B 178 -7.63 19.84 -25.53
C SER B 178 -8.41 21.14 -25.52
N GLY B 179 -7.67 22.22 -25.29
CA GLY B 179 -8.25 23.54 -25.25
C GLY B 179 -9.51 23.66 -24.43
N VAL B 180 -10.61 24.06 -25.07
CA VAL B 180 -11.89 24.25 -24.41
C VAL B 180 -12.66 23.00 -24.00
N THR B 181 -12.19 21.82 -24.41
CA THR B 181 -12.92 20.60 -24.03
C THR B 181 -12.42 20.06 -22.69
N ILE B 182 -11.45 20.75 -22.11
CA ILE B 182 -10.91 20.35 -20.81
C ILE B 182 -11.66 21.12 -19.75
N LEU B 183 -12.46 20.41 -18.97
CA LEU B 183 -13.26 21.06 -17.95
C LEU B 183 -12.96 20.54 -16.55
N PRO B 184 -12.23 21.33 -15.76
CA PRO B 184 -11.92 20.89 -14.39
C PRO B 184 -13.09 21.25 -13.48
N LEU B 185 -13.64 20.25 -12.81
CA LEU B 185 -14.75 20.48 -11.91
C LEU B 185 -14.26 21.01 -10.56
N LEU B 186 -13.77 22.24 -10.57
CA LEU B 186 -13.27 22.87 -9.36
C LEU B 186 -14.32 22.95 -8.25
N SER B 187 -15.59 23.05 -8.61
CA SER B 187 -16.67 23.13 -7.62
C SER B 187 -16.77 21.87 -6.78
N GLN B 188 -16.22 20.77 -7.28
CA GLN B 188 -16.25 19.51 -6.57
C GLN B 188 -15.03 19.27 -5.67
N VAL B 189 -14.07 20.17 -5.71
CA VAL B 189 -12.90 20.03 -4.86
C VAL B 189 -13.36 20.33 -3.43
N PRO B 190 -13.42 19.29 -2.60
CA PRO B 190 -13.87 19.39 -1.21
C PRO B 190 -13.13 20.42 -0.36
N GLY B 191 -13.88 21.06 0.53
CA GLY B 191 -13.31 22.05 1.43
C GLY B 191 -12.58 23.20 0.77
N VAL B 192 -12.97 23.56 -0.45
CA VAL B 192 -12.32 24.66 -1.13
C VAL B 192 -13.32 25.40 -2.02
N SER B 193 -13.49 26.69 -1.79
CA SER B 193 -14.41 27.48 -2.58
C SER B 193 -13.59 28.42 -3.46
N PHE B 194 -14.11 28.76 -4.63
CA PHE B 194 -13.37 29.65 -5.52
C PHE B 194 -14.18 30.86 -5.96
N THR B 195 -13.48 31.87 -6.46
CA THR B 195 -14.08 33.09 -6.96
C THR B 195 -14.33 32.90 -8.44
N GLU B 196 -15.42 33.46 -8.95
CA GLU B 196 -15.72 33.34 -10.37
C GLU B 196 -14.48 33.76 -11.14
N GLN B 197 -13.62 34.51 -10.47
CA GLN B 197 -12.38 34.96 -11.08
C GLN B 197 -11.33 33.87 -10.97
N GLU B 198 -11.19 33.29 -9.78
CA GLU B 198 -10.25 32.21 -9.56
C GLU B 198 -10.56 31.12 -10.57
N VAL B 199 -11.80 30.64 -10.56
CA VAL B 199 -12.24 29.58 -11.47
C VAL B 199 -11.89 29.95 -12.91
N ALA B 200 -12.16 31.19 -13.29
CA ALA B 200 -11.88 31.65 -14.64
C ALA B 200 -10.39 31.53 -14.95
N ASP B 201 -9.56 31.91 -13.99
CA ASP B 201 -8.11 31.85 -14.16
C ASP B 201 -7.56 30.42 -14.13
N LEU B 202 -7.86 29.68 -13.06
CA LEU B 202 -7.40 28.31 -12.96
C LEU B 202 -7.81 27.51 -14.18
N THR B 203 -9.08 27.65 -14.58
CA THR B 203 -9.59 26.92 -15.73
C THR B 203 -8.85 27.20 -17.02
N LYS B 204 -8.56 28.46 -17.29
CA LYS B 204 -7.85 28.78 -18.52
C LYS B 204 -6.40 28.29 -18.46
N ARG B 205 -5.80 28.38 -17.27
CA ARG B 205 -4.42 27.93 -17.11
C ARG B 205 -4.32 26.42 -17.27
N ILE B 206 -5.19 25.70 -16.58
CA ILE B 206 -5.19 24.25 -16.67
C ILE B 206 -5.29 23.80 -18.13
N GLN B 207 -6.07 24.53 -18.91
CA GLN B 207 -6.25 24.22 -20.32
C GLN B 207 -5.03 24.60 -21.16
N ASN B 208 -4.19 25.50 -20.64
CA ASN B 208 -3.00 25.93 -21.38
C ASN B 208 -1.71 25.47 -20.70
N ALA B 209 -1.84 24.51 -19.80
CA ALA B 209 -0.69 23.98 -19.07
C ALA B 209 0.43 23.52 -20.00
N GLY B 210 0.05 22.84 -21.09
CA GLY B 210 1.04 22.38 -22.03
C GLY B 210 1.80 23.52 -22.70
N THR B 211 1.06 24.42 -23.33
CA THR B 211 1.65 25.56 -24.01
C THR B 211 2.68 26.21 -23.09
N GLU B 212 2.34 26.25 -21.80
CA GLU B 212 3.22 26.84 -20.80
C GLU B 212 4.60 26.18 -20.82
N VAL B 213 4.63 24.86 -21.01
CA VAL B 213 5.89 24.14 -21.06
C VAL B 213 6.61 24.37 -22.37
N VAL B 214 5.86 24.47 -23.46
CA VAL B 214 6.43 24.70 -24.78
C VAL B 214 7.17 26.03 -24.86
N GLU B 215 6.52 27.11 -24.44
CA GLU B 215 7.13 28.43 -24.47
C GLU B 215 8.37 28.50 -23.57
N ALA B 216 8.37 27.73 -22.48
CA ALA B 216 9.49 27.72 -21.56
C ALA B 216 10.68 26.97 -22.17
N LYS B 217 10.43 26.27 -23.28
CA LYS B 217 11.46 25.53 -23.98
C LYS B 217 11.86 26.21 -25.29
N ALA B 218 11.76 27.53 -25.29
CA ALA B 218 12.11 28.35 -26.46
C ALA B 218 11.57 27.71 -27.76
N GLY B 219 10.37 27.17 -27.64
CA GLY B 219 9.60 26.58 -28.77
C GLY B 219 10.15 25.21 -29.27
N GLY B 220 11.20 24.69 -28.65
CA GLY B 220 11.79 23.41 -29.12
C GLY B 220 11.68 22.30 -28.05
N GLY B 221 10.46 21.95 -27.70
CA GLY B 221 10.22 20.89 -26.71
C GLY B 221 8.84 20.97 -26.12
N SER B 222 8.35 19.83 -25.61
CA SER B 222 7.03 19.77 -25.01
C SER B 222 6.99 18.96 -23.71
N ALA B 223 5.91 19.08 -22.96
CA ALA B 223 5.75 18.36 -21.69
C ALA B 223 5.92 16.87 -21.89
N THR B 224 7.11 16.37 -21.60
CA THR B 224 7.40 14.95 -21.76
C THR B 224 7.47 14.19 -20.45
N LEU B 225 8.19 14.76 -19.48
CA LEU B 225 8.38 14.13 -18.17
C LEU B 225 7.11 14.11 -17.31
N SER B 226 6.29 15.16 -17.37
CA SER B 226 5.07 15.16 -16.58
C SER B 226 4.05 14.23 -17.23
N MET B 227 4.18 14.08 -18.55
CA MET B 227 3.30 13.20 -19.31
C MET B 227 3.63 11.75 -18.97
N GLY B 228 4.94 11.46 -18.88
CA GLY B 228 5.37 10.10 -18.53
C GLY B 228 4.84 9.75 -17.16
N GLN B 229 4.93 10.72 -16.26
CA GLN B 229 4.43 10.58 -14.90
C GLN B 229 2.92 10.31 -14.92
N ALA B 230 2.17 11.13 -15.65
CA ALA B 230 0.71 10.95 -15.74
C ALA B 230 0.33 9.60 -16.33
N ALA B 231 1.03 9.20 -17.39
CA ALA B 231 0.76 7.91 -18.03
C ALA B 231 1.15 6.75 -17.11
N ALA B 232 2.12 6.98 -16.23
CA ALA B 232 2.55 5.94 -15.29
C ALA B 232 1.43 5.66 -14.28
N ARG B 233 0.91 6.74 -13.69
CA ARG B 233 -0.19 6.62 -12.74
C ARG B 233 -1.40 5.94 -13.40
N PHE B 234 -1.70 6.33 -14.64
CA PHE B 234 -2.81 5.71 -15.33
C PHE B 234 -2.55 4.22 -15.48
N GLY B 235 -1.43 3.88 -16.12
CA GLY B 235 -1.08 2.48 -16.32
C GLY B 235 -1.12 1.66 -15.04
N LEU B 236 -0.57 2.21 -13.96
CA LEU B 236 -0.56 1.48 -12.70
C LEU B 236 -1.98 1.28 -12.17
N SER B 237 -2.87 2.20 -12.52
CA SER B 237 -4.27 2.09 -12.08
C SER B 237 -4.91 0.93 -12.82
N LEU B 238 -4.67 0.87 -14.13
CA LEU B 238 -5.21 -0.21 -14.93
C LEU B 238 -4.71 -1.56 -14.46
N VAL B 239 -3.40 -1.67 -14.25
CA VAL B 239 -2.81 -2.95 -13.82
C VAL B 239 -3.43 -3.40 -12.49
N ARG B 240 -3.52 -2.48 -11.54
CA ARG B 240 -4.11 -2.79 -10.25
C ARG B 240 -5.57 -3.26 -10.37
N ALA B 241 -6.34 -2.61 -11.25
CA ALA B 241 -7.74 -3.01 -11.42
C ALA B 241 -7.81 -4.36 -12.12
N LEU B 242 -6.88 -4.61 -13.04
CA LEU B 242 -6.86 -5.89 -13.76
C LEU B 242 -6.42 -7.02 -12.86
N GLN B 243 -5.68 -6.69 -11.81
CA GLN B 243 -5.23 -7.71 -10.87
C GLN B 243 -6.31 -7.97 -9.84
N GLY B 244 -7.44 -7.27 -10.00
CA GLY B 244 -8.56 -7.46 -9.11
C GLY B 244 -8.69 -6.47 -7.96
N GLU B 245 -7.93 -5.38 -7.99
CA GLU B 245 -8.06 -4.44 -6.88
C GLU B 245 -9.36 -3.65 -6.99
N GLN B 246 -9.95 -3.31 -5.84
CA GLN B 246 -11.21 -2.59 -5.78
C GLN B 246 -11.08 -1.09 -5.54
N GLY B 247 -12.11 -0.36 -5.94
CA GLY B 247 -12.14 1.07 -5.77
C GLY B 247 -11.22 1.92 -6.62
N VAL B 248 -10.63 1.36 -7.67
CA VAL B 248 -9.76 2.16 -8.51
C VAL B 248 -10.58 3.02 -9.45
N VAL B 249 -10.53 4.32 -9.20
CA VAL B 249 -11.26 5.28 -10.00
C VAL B 249 -10.29 6.17 -10.75
N GLU B 250 -10.58 6.43 -12.03
CA GLU B 250 -9.71 7.26 -12.82
C GLU B 250 -10.52 7.95 -13.93
N CYS B 251 -10.22 9.22 -14.20
CA CYS B 251 -10.91 9.94 -15.26
C CYS B 251 -10.20 9.65 -16.57
N ALA B 252 -10.94 9.10 -17.53
CA ALA B 252 -10.36 8.79 -18.83
C ALA B 252 -11.38 9.09 -19.94
N TYR B 253 -10.88 9.26 -21.15
CA TYR B 253 -11.71 9.56 -22.31
C TYR B 253 -12.21 8.27 -22.93
N VAL B 254 -13.48 7.93 -22.71
CA VAL B 254 -14.05 6.70 -23.25
C VAL B 254 -15.41 6.88 -23.93
N GLU B 255 -15.89 5.81 -24.54
CA GLU B 255 -17.19 5.80 -25.18
C GLU B 255 -18.18 5.32 -24.13
N GLY B 256 -19.29 6.03 -23.99
CA GLY B 256 -20.32 5.66 -23.03
C GLY B 256 -21.67 5.98 -23.63
N ASP B 257 -22.58 6.55 -22.85
CA ASP B 257 -23.88 6.93 -23.41
C ASP B 257 -23.63 8.29 -24.04
N GLY B 258 -24.24 8.55 -25.19
CA GLY B 258 -24.01 9.81 -25.86
C GLY B 258 -24.68 10.99 -25.21
N GLN B 259 -24.77 10.99 -23.89
CA GLN B 259 -25.40 12.08 -23.15
C GLN B 259 -24.84 13.45 -23.53
N TYR B 260 -23.54 13.51 -23.82
CA TYR B 260 -22.90 14.78 -24.21
C TYR B 260 -22.18 14.60 -25.55
N ALA B 261 -21.58 13.43 -25.75
CA ALA B 261 -20.88 13.09 -26.99
C ALA B 261 -20.57 11.60 -26.95
N ARG B 262 -20.34 10.98 -28.11
CA ARG B 262 -20.04 9.54 -28.15
C ARG B 262 -18.91 9.18 -27.18
N PHE B 263 -17.83 9.97 -27.23
CA PHE B 263 -16.68 9.78 -26.36
C PHE B 263 -16.67 10.96 -25.38
N PHE B 264 -16.44 10.67 -24.11
CA PHE B 264 -16.42 11.71 -23.09
C PHE B 264 -15.57 11.27 -21.91
N SER B 265 -14.71 12.17 -21.43
CA SER B 265 -13.88 11.85 -20.29
C SER B 265 -14.68 12.14 -19.03
N GLN B 266 -14.70 11.17 -18.13
CA GLN B 266 -15.42 11.29 -16.88
C GLN B 266 -14.85 10.26 -15.91
N PRO B 267 -15.14 10.39 -14.62
CA PRO B 267 -14.61 9.42 -13.66
C PRO B 267 -15.10 8.01 -14.02
N LEU B 268 -14.22 7.03 -13.84
CA LEU B 268 -14.53 5.65 -14.16
C LEU B 268 -13.99 4.72 -13.07
N LEU B 269 -14.77 3.68 -12.83
CA LEU B 269 -14.37 2.62 -11.90
C LEU B 269 -13.74 1.54 -12.76
N LEU B 270 -12.48 1.28 -12.53
CA LEU B 270 -11.78 0.29 -13.34
C LEU B 270 -11.85 -1.09 -12.69
N GLY B 271 -12.01 -2.11 -13.53
CA GLY B 271 -12.10 -3.47 -13.00
C GLY B 271 -11.32 -4.48 -13.82
N LYS B 272 -11.65 -5.76 -13.65
CA LYS B 272 -10.96 -6.83 -14.35
C LYS B 272 -11.11 -6.88 -15.87
N ASN B 273 -12.12 -6.21 -16.43
CA ASN B 273 -12.29 -6.25 -17.87
C ASN B 273 -12.14 -4.88 -18.53
N GLY B 274 -11.63 -3.95 -17.76
CA GLY B 274 -11.48 -2.57 -18.22
C GLY B 274 -12.51 -1.73 -17.49
N VAL B 275 -13.12 -0.80 -18.18
CA VAL B 275 -14.14 0.03 -17.54
C VAL B 275 -15.23 -0.87 -16.96
N GLU B 276 -15.53 -0.70 -15.68
CA GLU B 276 -16.57 -1.50 -15.07
C GLU B 276 -17.83 -0.66 -14.88
N GLU B 277 -17.63 0.61 -14.56
CA GLU B 277 -18.74 1.52 -14.34
C GLU B 277 -18.39 2.95 -14.74
N ARG B 278 -19.34 3.62 -15.40
CA ARG B 278 -19.15 5.00 -15.81
C ARG B 278 -19.92 5.84 -14.80
N LYS B 279 -19.19 6.45 -13.88
CA LYS B 279 -19.77 7.26 -12.82
C LYS B 279 -20.35 8.58 -13.34
N SER B 280 -21.31 9.15 -12.62
CA SER B 280 -21.92 10.40 -13.04
C SER B 280 -20.96 11.56 -12.78
N ILE B 281 -21.03 12.59 -13.61
CA ILE B 281 -20.16 13.74 -13.43
C ILE B 281 -20.67 14.51 -12.21
N GLY B 282 -21.82 14.11 -11.70
CA GLY B 282 -22.38 14.76 -10.53
C GLY B 282 -22.92 16.16 -10.79
N THR B 283 -22.94 16.97 -9.75
CA THR B 283 -23.44 18.34 -9.79
C THR B 283 -22.44 19.38 -10.28
N LEU B 284 -22.81 20.13 -11.31
CA LEU B 284 -21.94 21.15 -11.88
C LEU B 284 -22.35 22.54 -11.44
N SER B 285 -21.40 23.47 -11.44
CA SER B 285 -21.68 24.84 -11.04
C SER B 285 -22.24 25.53 -12.26
N ALA B 286 -22.66 26.78 -12.09
CA ALA B 286 -23.21 27.54 -13.21
C ALA B 286 -22.14 27.58 -14.28
N PHE B 287 -20.99 28.13 -13.92
CA PHE B 287 -19.86 28.27 -14.85
C PHE B 287 -19.55 26.95 -15.54
N GLU B 288 -19.53 25.87 -14.77
CA GLU B 288 -19.24 24.56 -15.30
C GLU B 288 -20.27 24.12 -16.34
N GLN B 289 -21.53 24.06 -15.95
CA GLN B 289 -22.59 23.66 -16.87
C GLN B 289 -22.49 24.52 -18.15
N ASN B 290 -22.14 25.79 -17.97
CA ASN B 290 -22.01 26.72 -19.08
C ASN B 290 -20.82 26.43 -19.99
N ALA B 291 -19.69 26.04 -19.39
CA ALA B 291 -18.50 25.73 -20.18
C ALA B 291 -18.72 24.40 -20.92
N LEU B 292 -19.40 23.48 -20.26
CA LEU B 292 -19.70 22.17 -20.83
C LEU B 292 -20.46 22.26 -22.16
N GLU B 293 -21.64 22.88 -22.12
CA GLU B 293 -22.45 23.04 -23.32
C GLU B 293 -21.72 23.81 -24.40
N GLY B 294 -20.95 24.80 -23.98
CA GLY B 294 -20.21 25.62 -24.93
C GLY B 294 -19.12 24.92 -25.73
N MET B 295 -18.67 23.75 -25.28
CA MET B 295 -17.62 23.05 -26.02
C MET B 295 -18.08 21.77 -26.73
N LEU B 296 -19.28 21.31 -26.39
CA LEU B 296 -19.83 20.09 -26.96
C LEU B 296 -19.71 19.98 -28.48
N ASP B 297 -19.97 21.08 -29.19
CA ASP B 297 -19.89 21.04 -30.65
C ASP B 297 -18.47 20.86 -31.16
N THR B 298 -17.50 21.38 -30.40
CA THR B 298 -16.11 21.25 -30.77
C THR B 298 -15.68 19.79 -30.60
N LEU B 299 -16.01 19.22 -29.43
CA LEU B 299 -15.69 17.84 -29.13
C LEU B 299 -16.30 16.90 -30.18
N LYS B 300 -17.54 17.16 -30.56
CA LYS B 300 -18.24 16.34 -31.54
C LYS B 300 -17.53 16.32 -32.90
N LYS B 301 -16.96 17.45 -33.29
CA LYS B 301 -16.25 17.51 -34.56
C LYS B 301 -14.92 16.76 -34.43
N ASP B 302 -14.21 16.99 -33.33
CA ASP B 302 -12.94 16.29 -33.09
C ASP B 302 -13.19 14.82 -33.35
N ILE B 303 -14.31 14.34 -32.82
CA ILE B 303 -14.73 12.95 -32.97
C ILE B 303 -15.07 12.59 -34.42
N ALA B 304 -15.82 13.46 -35.09
CA ALA B 304 -16.21 13.23 -36.47
C ALA B 304 -14.95 13.09 -37.32
N LEU B 305 -14.01 13.99 -37.08
CA LEU B 305 -12.74 14.02 -37.80
C LEU B 305 -12.01 12.67 -37.74
N GLY B 306 -12.13 11.97 -36.62
CA GLY B 306 -11.46 10.68 -36.46
C GLY B 306 -12.17 9.55 -37.17
N GLN B 307 -13.50 9.62 -37.21
CA GLN B 307 -14.31 8.60 -37.86
C GLN B 307 -14.19 8.68 -39.38
N GLU B 308 -14.07 9.89 -39.91
CA GLU B 308 -13.95 10.06 -41.35
C GLU B 308 -12.53 9.76 -41.81
N PHE B 309 -11.58 9.74 -40.89
CA PHE B 309 -10.21 9.47 -41.26
C PHE B 309 -10.02 8.02 -41.65
N VAL B 310 -10.67 7.14 -40.91
CA VAL B 310 -10.56 5.71 -41.15
C VAL B 310 -11.61 5.18 -42.13
N ASN B 311 -11.93 5.97 -43.16
CA ASN B 311 -12.92 5.55 -44.14
C ASN B 311 -12.73 6.17 -45.52
N LYS B 312 -11.54 6.71 -45.76
CA LYS B 312 -11.23 7.35 -47.04
C LYS B 312 -9.75 7.21 -47.36
N MET C 1 -9.04 12.16 22.17
CA MET C 1 -10.48 11.83 22.31
C MET C 1 -10.66 10.50 23.03
N LYS C 2 -11.59 10.46 23.98
CA LYS C 2 -11.84 9.24 24.75
C LYS C 2 -13.15 8.53 24.42
N VAL C 3 -13.04 7.25 24.05
CA VAL C 3 -14.17 6.42 23.70
C VAL C 3 -14.40 5.35 24.76
N ALA C 4 -15.64 5.23 25.24
CA ALA C 4 -15.99 4.24 26.25
C ALA C 4 -16.96 3.20 25.67
N VAL C 5 -16.69 1.93 25.94
CA VAL C 5 -17.51 0.84 25.45
C VAL C 5 -18.09 0.04 26.61
N LEU C 6 -19.40 0.18 26.84
CA LEU C 6 -20.10 -0.51 27.92
C LEU C 6 -20.60 -1.88 27.49
N GLY C 7 -20.21 -2.91 28.25
CA GLY C 7 -20.58 -4.27 27.93
C GLY C 7 -19.56 -4.78 26.92
N ALA C 8 -18.31 -4.34 27.10
CA ALA C 8 -17.20 -4.69 26.23
C ALA C 8 -16.78 -6.17 26.24
N ALA C 9 -17.06 -6.86 27.34
CA ALA C 9 -16.69 -8.28 27.43
C ALA C 9 -17.61 -9.18 26.60
N GLY C 10 -18.68 -8.61 26.06
CA GLY C 10 -19.60 -9.40 25.26
C GLY C 10 -19.05 -9.76 23.89
N GLY C 11 -19.79 -10.62 23.17
CA GLY C 11 -19.39 -11.02 21.84
C GLY C 11 -19.25 -9.83 20.92
N ILE C 12 -20.23 -8.93 20.97
CA ILE C 12 -20.23 -7.74 20.14
C ILE C 12 -19.19 -6.76 20.69
N GLY C 13 -19.15 -6.63 22.01
CA GLY C 13 -18.19 -5.73 22.63
C GLY C 13 -16.74 -6.05 22.30
N GLN C 14 -16.36 -7.32 22.43
CA GLN C 14 -14.99 -7.76 22.14
C GLN C 14 -14.61 -7.52 20.69
N ALA C 15 -15.50 -7.88 19.78
CA ALA C 15 -15.26 -7.67 18.35
C ALA C 15 -15.10 -6.18 18.07
N LEU C 16 -15.89 -5.37 18.77
CA LEU C 16 -15.86 -3.92 18.61
C LEU C 16 -14.62 -3.28 19.24
N ALA C 17 -14.24 -3.75 20.43
CA ALA C 17 -13.06 -3.21 21.09
C ALA C 17 -11.83 -3.51 20.21
N LEU C 18 -11.84 -4.68 19.58
CA LEU C 18 -10.76 -5.09 18.71
C LEU C 18 -10.57 -4.17 17.50
N LEU C 19 -11.66 -3.90 16.78
CA LEU C 19 -11.59 -3.05 15.60
C LEU C 19 -11.31 -1.59 15.93
N LEU C 20 -11.70 -1.16 17.13
CA LEU C 20 -11.45 0.21 17.54
C LEU C 20 -9.99 0.37 17.90
N LYS C 21 -9.47 -0.60 18.67
CA LYS C 21 -8.08 -0.62 19.11
C LYS C 21 -7.14 -0.52 17.91
N THR C 22 -7.52 -1.15 16.82
CA THR C 22 -6.71 -1.18 15.62
C THR C 22 -6.99 -0.05 14.62
N GLN C 23 -8.12 0.62 14.76
CA GLN C 23 -8.44 1.67 13.79
C GLN C 23 -8.61 3.08 14.32
N LEU C 24 -8.88 3.25 15.61
CA LEU C 24 -9.01 4.60 16.15
C LEU C 24 -7.75 5.40 15.86
N PRO C 25 -7.88 6.72 15.64
CA PRO C 25 -6.71 7.55 15.37
C PRO C 25 -5.72 7.59 16.54
N SER C 26 -4.44 7.76 16.23
CA SER C 26 -3.39 7.80 17.26
C SER C 26 -3.72 8.87 18.29
N GLY C 27 -3.37 8.62 19.54
CA GLY C 27 -3.62 9.60 20.57
C GLY C 27 -4.95 9.44 21.26
N SER C 28 -5.89 8.77 20.61
CA SER C 28 -7.19 8.56 21.23
C SER C 28 -7.08 7.58 22.39
N GLU C 29 -8.00 7.71 23.35
CA GLU C 29 -8.00 6.82 24.51
C GLU C 29 -9.22 5.91 24.40
N LEU C 30 -9.11 4.71 24.96
CA LEU C 30 -10.21 3.75 24.89
C LEU C 30 -10.42 3.05 26.23
N SER C 31 -11.66 3.04 26.70
CA SER C 31 -12.00 2.40 27.96
C SER C 31 -13.07 1.33 27.81
N LEU C 32 -12.85 0.20 28.47
CA LEU C 32 -13.77 -0.91 28.40
C LEU C 32 -14.40 -1.15 29.76
N TYR C 33 -15.70 -1.36 29.79
CA TYR C 33 -16.41 -1.62 31.03
C TYR C 33 -17.44 -2.72 30.84
N ASP C 34 -17.63 -3.54 31.87
CA ASP C 34 -18.57 -4.65 31.81
C ASP C 34 -18.54 -5.37 33.17
N ILE C 35 -19.70 -5.60 33.76
CA ILE C 35 -19.78 -6.25 35.06
C ILE C 35 -18.94 -7.52 35.20
N ALA C 36 -18.78 -8.24 34.10
CA ALA C 36 -18.00 -9.48 34.09
C ALA C 36 -16.55 -9.20 34.51
N PRO C 37 -16.05 -9.94 35.51
CA PRO C 37 -14.69 -9.77 36.01
C PRO C 37 -13.59 -9.86 34.95
N VAL C 38 -13.83 -10.66 33.91
CA VAL C 38 -12.88 -10.85 32.82
C VAL C 38 -12.51 -9.57 32.07
N THR C 39 -13.35 -8.55 32.20
CA THR C 39 -13.15 -7.28 31.49
C THR C 39 -11.76 -6.63 31.56
N PRO C 40 -11.22 -6.44 32.76
CA PRO C 40 -9.89 -5.82 32.82
C PRO C 40 -8.84 -6.62 32.03
N GLY C 41 -9.02 -7.94 31.98
CA GLY C 41 -8.11 -8.80 31.25
C GLY C 41 -8.27 -8.62 29.75
N VAL C 42 -9.51 -8.43 29.31
CA VAL C 42 -9.81 -8.22 27.89
C VAL C 42 -9.04 -7.00 27.43
N ALA C 43 -8.95 -6.00 28.29
CA ALA C 43 -8.22 -4.79 27.95
C ALA C 43 -6.72 -5.08 27.86
N VAL C 44 -6.20 -5.83 28.82
CA VAL C 44 -4.78 -6.16 28.83
C VAL C 44 -4.45 -6.92 27.55
N ASP C 45 -5.30 -7.90 27.22
CA ASP C 45 -5.13 -8.70 26.00
C ASP C 45 -4.98 -7.76 24.80
N LEU C 46 -5.78 -6.70 24.79
CA LEU C 46 -5.78 -5.74 23.69
C LEU C 46 -4.64 -4.75 23.75
N SER C 47 -4.18 -4.43 24.96
CA SER C 47 -3.08 -3.49 25.13
C SER C 47 -1.82 -3.97 24.44
N HIS C 48 -1.78 -5.26 24.12
CA HIS C 48 -0.63 -5.84 23.47
C HIS C 48 -0.55 -5.65 21.96
N ILE C 49 -1.55 -5.00 21.38
CA ILE C 49 -1.54 -4.75 19.94
C ILE C 49 -0.89 -3.37 19.71
N PRO C 50 0.15 -3.29 18.88
CA PRO C 50 0.90 -2.06 18.65
C PRO C 50 0.22 -0.94 17.86
N THR C 51 -0.59 -0.15 18.57
CA THR C 51 -1.28 1.02 18.02
C THR C 51 -1.22 2.09 19.10
N ALA C 52 -1.24 3.36 18.69
CA ALA C 52 -1.16 4.47 19.65
C ALA C 52 -2.52 4.81 20.28
N VAL C 53 -3.19 3.79 20.81
CA VAL C 53 -4.48 3.96 21.45
C VAL C 53 -4.40 3.39 22.86
N LYS C 54 -4.51 4.26 23.85
CA LYS C 54 -4.46 3.88 25.25
C LYS C 54 -5.70 3.06 25.59
N ILE C 55 -5.55 2.01 26.40
CA ILE C 55 -6.70 1.21 26.76
C ILE C 55 -6.67 0.69 28.19
N LYS C 56 -7.78 0.89 28.91
CA LYS C 56 -7.92 0.43 30.29
C LYS C 56 -9.22 -0.36 30.37
N GLY C 57 -9.29 -1.32 31.28
CA GLY C 57 -10.49 -2.11 31.43
C GLY C 57 -10.96 -2.02 32.88
N PHE C 58 -12.25 -1.76 33.06
CA PHE C 58 -12.81 -1.66 34.39
C PHE C 58 -13.98 -2.60 34.60
N SER C 59 -14.10 -3.10 35.83
CA SER C 59 -15.18 -4.02 36.18
C SER C 59 -15.93 -3.44 37.36
N GLY C 60 -16.83 -4.22 37.95
CA GLY C 60 -17.59 -3.74 39.08
C GLY C 60 -18.99 -3.28 38.76
N GLU C 61 -19.61 -2.58 39.71
CA GLU C 61 -20.97 -2.09 39.52
C GLU C 61 -21.01 -0.64 39.05
N ASP C 62 -19.92 0.09 39.28
CA ASP C 62 -19.84 1.49 38.89
C ASP C 62 -18.97 1.66 37.64
N ALA C 63 -19.41 2.48 36.69
CA ALA C 63 -18.67 2.70 35.45
C ALA C 63 -17.80 3.95 35.49
N THR C 64 -18.05 4.83 36.45
CA THR C 64 -17.31 6.08 36.60
C THR C 64 -15.89 6.12 36.05
N PRO C 65 -15.02 5.22 36.52
CA PRO C 65 -13.62 5.20 36.05
C PRO C 65 -13.45 5.04 34.54
N ALA C 66 -14.49 4.53 33.87
CA ALA C 66 -14.44 4.30 32.44
C ALA C 66 -15.10 5.40 31.61
N LEU C 67 -16.18 5.97 32.14
CA LEU C 67 -16.92 7.03 31.45
C LEU C 67 -16.33 8.41 31.64
N GLU C 68 -15.54 8.56 32.69
CA GLU C 68 -14.91 9.84 33.01
C GLU C 68 -14.28 10.44 31.76
N GLY C 69 -14.47 11.74 31.56
CA GLY C 69 -13.91 12.43 30.42
C GLY C 69 -14.19 11.84 29.05
N ALA C 70 -15.19 10.97 28.96
CA ALA C 70 -15.52 10.34 27.68
C ALA C 70 -16.15 11.32 26.69
N ASP C 71 -15.97 11.05 25.41
CA ASP C 71 -16.56 11.89 24.38
C ASP C 71 -17.59 11.04 23.65
N VAL C 72 -17.24 9.78 23.42
CA VAL C 72 -18.12 8.84 22.75
C VAL C 72 -18.39 7.68 23.71
N VAL C 73 -19.65 7.26 23.80
CA VAL C 73 -20.01 6.16 24.67
C VAL C 73 -20.83 5.21 23.82
N LEU C 74 -20.30 4.01 23.63
CA LEU C 74 -21.02 3.01 22.84
C LEU C 74 -21.50 1.91 23.76
N ILE C 75 -22.82 1.83 23.90
CA ILE C 75 -23.42 0.82 24.77
C ILE C 75 -23.84 -0.45 24.06
N SER C 76 -23.26 -1.58 24.48
CA SER C 76 -23.55 -2.88 23.89
C SER C 76 -23.86 -3.87 25.00
N ALA C 77 -24.09 -3.37 26.20
CA ALA C 77 -24.40 -4.21 27.34
C ALA C 77 -25.78 -4.83 27.16
N GLY C 78 -26.00 -5.97 27.81
CA GLY C 78 -27.29 -6.64 27.72
C GLY C 78 -27.16 -8.15 27.62
N VAL C 79 -28.06 -8.76 26.85
CA VAL C 79 -28.06 -10.21 26.64
C VAL C 79 -28.62 -10.50 25.25
N ALA C 80 -28.03 -11.48 24.56
CA ALA C 80 -28.49 -11.84 23.22
C ALA C 80 -29.61 -12.87 23.27
N ARG C 81 -29.46 -13.84 24.18
CA ARG C 81 -30.45 -14.90 24.36
C ARG C 81 -30.02 -15.89 25.45
N LYS C 82 -30.91 -16.17 26.39
CA LYS C 82 -30.63 -17.11 27.47
C LYS C 82 -31.74 -18.16 27.56
N PRO C 83 -31.40 -19.38 28.01
CA PRO C 83 -32.36 -20.47 28.14
C PRO C 83 -33.50 -20.21 29.12
N GLY C 84 -34.73 -20.39 28.65
CA GLY C 84 -35.88 -20.18 29.51
C GLY C 84 -36.62 -18.87 29.28
N MET C 85 -35.92 -17.88 28.71
CA MET C 85 -36.54 -16.58 28.46
C MET C 85 -37.03 -16.42 27.04
N ASP C 86 -38.09 -15.61 26.89
CA ASP C 86 -38.67 -15.32 25.58
C ASP C 86 -38.50 -13.84 25.27
N ARG C 87 -39.07 -13.40 24.16
CA ARG C 87 -38.97 -12.00 23.74
C ARG C 87 -39.17 -11.02 24.90
N SER C 88 -40.17 -11.30 25.74
CA SER C 88 -40.51 -10.44 26.88
C SER C 88 -39.41 -10.24 27.91
N ASP C 89 -38.80 -11.33 28.36
CA ASP C 89 -37.73 -11.24 29.34
C ASP C 89 -36.56 -10.43 28.78
N LEU C 90 -36.22 -10.69 27.53
CA LEU C 90 -35.14 -9.98 26.87
C LEU C 90 -35.36 -8.47 26.95
N PHE C 91 -36.60 -8.06 26.73
CA PHE C 91 -36.97 -6.64 26.76
C PHE C 91 -36.78 -6.01 28.14
N ASN C 92 -37.35 -6.64 29.18
CA ASN C 92 -37.24 -6.13 30.54
C ASN C 92 -35.81 -6.00 31.03
N VAL C 93 -35.02 -7.04 30.82
CA VAL C 93 -33.63 -7.02 31.24
C VAL C 93 -32.88 -5.92 30.49
N ASN C 94 -32.91 -5.97 29.16
CA ASN C 94 -32.22 -4.97 28.33
C ASN C 94 -32.64 -3.55 28.69
N ALA C 95 -33.93 -3.37 28.90
CA ALA C 95 -34.48 -2.08 29.27
C ALA C 95 -33.86 -1.62 30.58
N GLY C 96 -33.80 -2.55 31.53
CA GLY C 96 -33.23 -2.25 32.83
C GLY C 96 -31.75 -1.88 32.78
N ILE C 97 -30.97 -2.66 32.04
CA ILE C 97 -29.54 -2.43 31.89
C ILE C 97 -29.29 -1.09 31.20
N VAL C 98 -29.99 -0.87 30.10
CA VAL C 98 -29.84 0.37 29.34
C VAL C 98 -30.23 1.58 30.20
N LYS C 99 -31.30 1.42 30.98
CA LYS C 99 -31.76 2.48 31.85
C LYS C 99 -30.69 2.81 32.88
N ASN C 100 -30.17 1.78 33.53
CA ASN C 100 -29.16 1.95 34.56
C ASN C 100 -27.83 2.51 34.05
N LEU C 101 -27.44 2.11 32.84
CA LEU C 101 -26.18 2.59 32.29
C LEU C 101 -26.26 4.03 31.77
N VAL C 102 -27.36 4.38 31.12
CA VAL C 102 -27.52 5.73 30.59
C VAL C 102 -27.53 6.80 31.70
N GLN C 103 -27.95 6.43 32.90
CA GLN C 103 -27.98 7.40 33.98
C GLN C 103 -26.59 7.58 34.56
N GLN C 104 -25.77 6.53 34.52
CA GLN C 104 -24.40 6.62 35.01
C GLN C 104 -23.66 7.52 34.03
N VAL C 105 -24.10 7.49 32.78
CA VAL C 105 -23.51 8.32 31.75
C VAL C 105 -23.89 9.77 32.04
N ALA C 106 -25.17 9.96 32.38
CA ALA C 106 -25.73 11.28 32.66
C ALA C 106 -25.05 12.11 33.74
N LYS C 107 -24.50 11.46 34.76
CA LYS C 107 -23.85 12.21 35.83
C LYS C 107 -22.34 12.34 35.70
N THR C 108 -21.70 11.46 34.92
CA THR C 108 -20.25 11.52 34.76
C THR C 108 -19.78 12.23 33.50
N CYS C 109 -20.40 11.91 32.38
CA CYS C 109 -20.02 12.51 31.10
C CYS C 109 -21.26 12.84 30.26
N PRO C 110 -22.09 13.78 30.73
CA PRO C 110 -23.32 14.19 30.03
C PRO C 110 -23.15 14.73 28.62
N LYS C 111 -22.12 15.54 28.39
CA LYS C 111 -21.89 16.14 27.08
C LYS C 111 -21.32 15.19 26.02
N ALA C 112 -21.25 13.89 26.35
CA ALA C 112 -20.70 12.92 25.43
C ALA C 112 -21.75 12.39 24.45
N CYS C 113 -21.28 12.00 23.26
CA CYS C 113 -22.17 11.43 22.26
C CYS C 113 -22.47 10.01 22.66
N ILE C 114 -23.74 9.63 22.61
CA ILE C 114 -24.16 8.30 23.01
C ILE C 114 -24.66 7.46 21.85
N GLY C 115 -24.03 6.31 21.64
CA GLY C 115 -24.44 5.39 20.60
C GLY C 115 -25.02 4.18 21.31
N ILE C 116 -26.26 3.82 20.99
CA ILE C 116 -26.92 2.68 21.62
C ILE C 116 -26.96 1.50 20.65
N ILE C 117 -26.44 0.36 21.09
CA ILE C 117 -26.44 -0.83 20.24
C ILE C 117 -27.43 -1.86 20.78
N THR C 118 -27.46 -1.99 22.10
CA THR C 118 -28.37 -2.93 22.76
C THR C 118 -29.76 -2.87 22.11
N ASN C 119 -30.35 -4.01 21.83
CA ASN C 119 -31.67 -4.04 21.22
C ASN C 119 -32.77 -4.21 22.28
N PRO C 120 -34.03 -3.92 21.91
CA PRO C 120 -34.45 -3.45 20.59
C PRO C 120 -34.22 -1.95 20.49
N VAL C 121 -33.32 -1.55 19.61
CA VAL C 121 -32.98 -0.14 19.43
C VAL C 121 -34.17 0.83 19.38
N ASN C 122 -35.17 0.51 18.55
CA ASN C 122 -36.36 1.37 18.43
C ASN C 122 -36.86 1.90 19.78
N THR C 123 -36.94 1.02 20.78
CA THR C 123 -37.42 1.44 22.09
C THR C 123 -36.31 1.76 23.09
N THR C 124 -35.26 0.93 23.12
CA THR C 124 -34.13 1.14 24.04
C THR C 124 -33.50 2.54 23.96
N VAL C 125 -33.72 3.24 22.85
CA VAL C 125 -33.15 4.59 22.71
C VAL C 125 -34.10 5.60 23.33
N ALA C 126 -35.38 5.28 23.32
CA ALA C 126 -36.40 6.14 23.92
C ALA C 126 -36.12 6.16 25.41
N ILE C 127 -35.85 4.98 25.96
CA ILE C 127 -35.54 4.87 27.38
C ILE C 127 -34.39 5.82 27.69
N ALA C 128 -33.34 5.71 26.87
CA ALA C 128 -32.14 6.53 27.00
C ALA C 128 -32.49 8.01 27.00
N ALA C 129 -33.39 8.41 26.09
CA ALA C 129 -33.81 9.81 25.97
C ALA C 129 -34.58 10.26 27.20
N GLU C 130 -35.55 9.45 27.63
CA GLU C 130 -36.34 9.79 28.80
C GLU C 130 -35.49 9.87 30.06
N VAL C 131 -34.42 9.09 30.11
CA VAL C 131 -33.54 9.11 31.28
C VAL C 131 -32.70 10.38 31.24
N LEU C 132 -32.18 10.72 30.06
CA LEU C 132 -31.37 11.92 29.92
C LEU C 132 -32.16 13.19 30.20
N LYS C 133 -33.48 13.11 30.02
CA LYS C 133 -34.37 14.24 30.28
C LYS C 133 -34.48 14.39 31.80
N LYS C 134 -34.86 13.30 32.45
CA LYS C 134 -35.00 13.24 33.91
C LYS C 134 -33.80 13.81 34.65
N ALA C 135 -32.72 14.09 33.93
CA ALA C 135 -31.51 14.63 34.56
C ALA C 135 -31.11 15.98 33.97
N GLY C 136 -31.89 16.49 33.04
CA GLY C 136 -31.59 17.77 32.43
C GLY C 136 -30.25 17.82 31.71
N VAL C 137 -29.93 16.77 30.96
CA VAL C 137 -28.67 16.72 30.23
C VAL C 137 -28.92 16.20 28.82
N TYR C 138 -30.19 16.01 28.47
CA TYR C 138 -30.57 15.52 27.16
C TYR C 138 -30.24 16.50 26.05
N ASP C 139 -29.66 15.97 24.98
CA ASP C 139 -29.26 16.75 23.82
C ASP C 139 -29.57 15.83 22.64
N LYS C 140 -30.74 16.00 22.04
CA LYS C 140 -31.14 15.16 20.93
C LYS C 140 -30.10 14.97 19.82
N ASN C 141 -29.03 15.78 19.84
CA ASN C 141 -28.00 15.64 18.82
C ASN C 141 -26.87 14.70 19.28
N LYS C 142 -26.94 14.24 20.52
CA LYS C 142 -25.92 13.34 21.08
C LYS C 142 -26.42 11.94 21.45
N LEU C 143 -27.56 11.52 20.91
CA LEU C 143 -28.07 10.18 21.20
C LEU C 143 -28.41 9.48 19.90
N PHE C 144 -27.71 8.39 19.61
CA PHE C 144 -27.96 7.68 18.36
C PHE C 144 -28.18 6.19 18.57
N GLY C 145 -29.15 5.71 17.82
CA GLY C 145 -29.46 4.28 17.76
C GLY C 145 -28.66 3.73 16.60
N VAL C 146 -27.79 2.80 16.88
CA VAL C 146 -26.91 2.27 15.84
C VAL C 146 -27.63 1.25 14.96
N THR C 147 -27.92 1.66 13.73
CA THR C 147 -28.63 0.81 12.77
C THR C 147 -27.72 0.42 11.61
N THR C 148 -26.46 0.86 11.69
CA THR C 148 -25.43 0.61 10.67
C THR C 148 -25.41 -0.81 10.12
N LEU C 149 -25.79 -1.78 10.93
CA LEU C 149 -25.79 -3.15 10.48
C LEU C 149 -26.73 -3.35 9.27
N ASP C 150 -27.83 -2.60 9.25
CA ASP C 150 -28.80 -2.71 8.15
C ASP C 150 -28.24 -2.15 6.86
N ILE C 151 -27.33 -1.18 6.98
CA ILE C 151 -26.70 -0.58 5.81
C ILE C 151 -25.65 -1.53 5.21
N ILE C 152 -24.73 -2.02 6.03
CA ILE C 152 -23.69 -2.91 5.49
C ILE C 152 -24.26 -4.23 4.98
N CYS C 153 -25.39 -4.63 5.50
CA CYS C 153 -26.05 -5.87 5.05
C CYS C 153 -26.63 -5.64 3.66
N SER C 154 -27.38 -4.55 3.58
CA SER C 154 -27.99 -4.13 2.32
C SER C 154 -26.91 -4.05 1.26
N ASN C 155 -25.81 -3.37 1.59
CA ASN C 155 -24.70 -3.21 0.65
C ASN C 155 -24.21 -4.54 0.09
N THR C 156 -24.06 -5.52 0.96
CA THR C 156 -23.60 -6.82 0.53
C THR C 156 -24.60 -7.48 -0.40
N PHE C 157 -25.85 -7.60 0.04
CA PHE C 157 -26.87 -8.22 -0.78
C PHE C 157 -27.01 -7.57 -2.15
N VAL C 158 -27.04 -6.25 -2.20
CA VAL C 158 -27.13 -5.58 -3.50
C VAL C 158 -25.91 -5.90 -4.37
N ALA C 159 -24.72 -5.78 -3.79
CA ALA C 159 -23.49 -6.07 -4.53
C ALA C 159 -23.51 -7.47 -5.12
N GLU C 160 -23.86 -8.45 -4.28
CA GLU C 160 -23.90 -9.84 -4.70
C GLU C 160 -24.88 -10.00 -5.85
N LEU C 161 -26.10 -9.52 -5.63
CA LEU C 161 -27.15 -9.61 -6.63
C LEU C 161 -26.82 -8.97 -7.97
N LYS C 162 -26.42 -7.71 -7.93
CA LYS C 162 -26.13 -6.98 -9.16
C LYS C 162 -24.68 -6.97 -9.61
N GLY C 163 -23.89 -7.90 -9.08
CA GLY C 163 -22.49 -7.98 -9.47
C GLY C 163 -21.71 -6.68 -9.35
N LYS C 164 -21.86 -5.99 -8.23
CA LYS C 164 -21.14 -4.74 -8.01
C LYS C 164 -20.02 -4.99 -7.00
N GLN C 165 -19.03 -4.09 -6.97
CA GLN C 165 -17.94 -4.20 -6.01
C GLN C 165 -18.60 -3.81 -4.67
N PRO C 166 -18.62 -4.75 -3.70
CA PRO C 166 -19.24 -4.47 -2.40
C PRO C 166 -18.94 -3.15 -1.71
N GLY C 167 -17.73 -2.63 -1.88
CA GLY C 167 -17.38 -1.37 -1.23
C GLY C 167 -17.83 -0.13 -1.97
N GLU C 168 -18.33 -0.30 -3.18
CA GLU C 168 -18.80 0.84 -3.97
C GLU C 168 -20.31 1.07 -3.82
N VAL C 169 -21.00 0.12 -3.19
CA VAL C 169 -22.43 0.22 -2.96
C VAL C 169 -22.75 0.83 -1.59
N GLU C 170 -23.61 1.85 -1.60
CA GLU C 170 -23.99 2.52 -0.35
C GLU C 170 -25.52 2.73 -0.34
N VAL C 171 -26.21 1.79 0.29
CA VAL C 171 -27.66 1.83 0.38
C VAL C 171 -28.17 2.55 1.61
N PRO C 172 -28.86 3.68 1.41
CA PRO C 172 -29.38 4.42 2.56
C PRO C 172 -30.55 3.61 3.15
N VAL C 173 -30.64 3.56 4.47
CA VAL C 173 -31.69 2.79 5.14
C VAL C 173 -32.38 3.63 6.19
N ILE C 174 -33.72 3.69 6.14
CA ILE C 174 -34.46 4.47 7.12
C ILE C 174 -35.48 3.62 7.86
N GLY C 175 -36.15 4.23 8.83
CA GLY C 175 -37.16 3.52 9.58
C GLY C 175 -36.69 3.13 10.97
N GLY C 176 -36.84 1.86 11.27
CA GLY C 176 -36.42 1.34 12.56
C GLY C 176 -35.40 0.24 12.36
N HIS C 177 -35.02 -0.41 13.46
CA HIS C 177 -34.04 -1.48 13.36
C HIS C 177 -34.70 -2.83 13.64
N SER C 178 -35.90 -3.04 13.09
CA SER C 178 -36.63 -4.30 13.29
C SER C 178 -37.71 -4.63 12.27
N GLY C 179 -37.68 -5.88 11.82
CA GLY C 179 -38.65 -6.42 10.88
C GLY C 179 -39.22 -5.49 9.83
N VAL C 180 -40.40 -4.93 10.12
CA VAL C 180 -41.10 -4.04 9.19
C VAL C 180 -40.60 -2.60 9.19
N THR C 181 -40.00 -2.15 10.29
CA THR C 181 -39.51 -0.79 10.36
C THR C 181 -38.22 -0.50 9.59
N ILE C 182 -37.56 -1.56 9.11
CA ILE C 182 -36.31 -1.40 8.36
C ILE C 182 -36.62 -1.12 6.89
N LEU C 183 -36.27 0.06 6.41
CA LEU C 183 -36.58 0.40 5.03
C LEU C 183 -35.37 0.75 4.16
N PRO C 184 -34.97 -0.17 3.26
CA PRO C 184 -33.83 0.11 2.38
C PRO C 184 -34.32 0.92 1.19
N LEU C 185 -33.70 2.08 0.94
CA LEU C 185 -34.11 2.89 -0.19
C LEU C 185 -33.43 2.46 -1.48
N LEU C 186 -33.71 1.22 -1.87
CA LEU C 186 -33.12 0.65 -3.09
C LEU C 186 -33.26 1.54 -4.32
N SER C 187 -34.23 2.44 -4.33
CA SER C 187 -34.46 3.32 -5.48
C SER C 187 -33.40 4.42 -5.59
N GLN C 188 -32.70 4.67 -4.48
CA GLN C 188 -31.68 5.69 -4.44
C GLN C 188 -30.26 5.15 -4.62
N VAL C 189 -30.12 3.97 -5.24
CA VAL C 189 -28.82 3.37 -5.48
C VAL C 189 -28.39 3.63 -6.92
N PRO C 190 -27.54 4.64 -7.13
CA PRO C 190 -27.03 5.06 -8.44
C PRO C 190 -26.39 3.96 -9.30
N GLY C 191 -26.79 3.92 -10.56
CA GLY C 191 -26.26 2.95 -11.51
C GLY C 191 -26.82 1.54 -11.44
N VAL C 192 -27.87 1.36 -10.65
CA VAL C 192 -28.46 0.04 -10.49
C VAL C 192 -29.98 0.07 -10.64
N SER C 193 -30.51 -0.71 -11.58
CA SER C 193 -31.95 -0.78 -11.80
C SER C 193 -32.51 -2.03 -11.16
N PHE C 194 -33.56 -1.85 -10.36
CA PHE C 194 -34.20 -2.96 -9.66
C PHE C 194 -35.62 -3.22 -10.14
N THR C 195 -35.97 -4.49 -10.22
CA THR C 195 -37.33 -4.86 -10.60
C THR C 195 -38.15 -4.72 -9.32
N GLU C 196 -39.46 -4.67 -9.45
CA GLU C 196 -40.31 -4.57 -8.28
C GLU C 196 -40.20 -5.87 -7.51
N GLN C 197 -39.95 -6.96 -8.23
CA GLN C 197 -39.79 -8.27 -7.60
C GLN C 197 -38.50 -8.28 -6.79
N GLU C 198 -37.40 -7.89 -7.43
CA GLU C 198 -36.12 -7.86 -6.75
C GLU C 198 -36.25 -7.01 -5.49
N VAL C 199 -36.83 -5.82 -5.63
CA VAL C 199 -37.00 -4.94 -4.50
C VAL C 199 -37.72 -5.63 -3.34
N ALA C 200 -38.70 -6.44 -3.67
CA ALA C 200 -39.48 -7.14 -2.65
C ALA C 200 -38.67 -8.20 -1.93
N ASP C 201 -38.05 -9.09 -2.71
CA ASP C 201 -37.24 -10.15 -2.13
C ASP C 201 -36.12 -9.53 -1.30
N LEU C 202 -35.38 -8.61 -1.90
CA LEU C 202 -34.27 -7.94 -1.23
C LEU C 202 -34.69 -7.27 0.08
N THR C 203 -35.79 -6.53 0.05
CA THR C 203 -36.27 -5.85 1.24
C THR C 203 -36.55 -6.86 2.34
N LYS C 204 -37.04 -8.04 1.98
CA LYS C 204 -37.32 -9.08 2.95
C LYS C 204 -36.02 -9.68 3.48
N ARG C 205 -35.14 -10.10 2.58
CA ARG C 205 -33.85 -10.67 2.94
C ARG C 205 -33.09 -9.72 3.89
N ILE C 206 -33.10 -8.43 3.53
CA ILE C 206 -32.45 -7.42 4.35
C ILE C 206 -33.15 -7.32 5.70
N GLN C 207 -34.49 -7.37 5.67
CA GLN C 207 -35.28 -7.28 6.89
C GLN C 207 -35.09 -8.48 7.82
N ASN C 208 -34.77 -9.64 7.26
CA ASN C 208 -34.59 -10.82 8.08
C ASN C 208 -33.15 -11.33 8.15
N ALA C 209 -32.21 -10.45 7.83
CA ALA C 209 -30.78 -10.78 7.85
C ALA C 209 -30.33 -11.42 9.17
N GLY C 210 -30.62 -10.75 10.28
CA GLY C 210 -30.22 -11.25 11.58
C GLY C 210 -30.74 -12.63 11.90
N THR C 211 -31.94 -12.95 11.42
CA THR C 211 -32.53 -14.25 11.66
C THR C 211 -31.78 -15.30 10.84
N GLU C 212 -31.43 -14.91 9.62
CA GLU C 212 -30.68 -15.78 8.72
C GLU C 212 -29.51 -16.36 9.50
N VAL C 213 -28.91 -15.53 10.34
CA VAL C 213 -27.76 -15.93 11.14
C VAL C 213 -28.11 -16.84 12.30
N VAL C 214 -29.11 -16.44 13.09
CA VAL C 214 -29.52 -17.25 14.23
C VAL C 214 -29.79 -18.68 13.79
N GLU C 215 -30.58 -18.84 12.74
CA GLU C 215 -30.92 -20.15 12.22
C GLU C 215 -29.68 -20.89 11.73
N ALA C 216 -28.75 -20.15 11.12
CA ALA C 216 -27.52 -20.73 10.60
C ALA C 216 -26.62 -21.29 11.71
N LYS C 217 -26.74 -20.73 12.90
CA LYS C 217 -25.95 -21.18 14.04
C LYS C 217 -26.75 -22.24 14.81
N ALA C 218 -27.97 -22.50 14.36
CA ALA C 218 -28.84 -23.48 15.01
C ALA C 218 -29.01 -23.18 16.50
N GLY C 219 -29.44 -21.96 16.81
CA GLY C 219 -29.63 -21.57 18.19
C GLY C 219 -28.34 -21.10 18.82
N GLY C 220 -27.23 -21.37 18.15
CA GLY C 220 -25.93 -20.96 18.67
C GLY C 220 -25.96 -19.56 19.21
N GLY C 221 -26.42 -18.61 18.38
CA GLY C 221 -26.50 -17.23 18.80
C GLY C 221 -26.96 -16.31 17.69
N SER C 222 -26.58 -15.04 17.78
CA SER C 222 -26.95 -14.05 16.78
C SER C 222 -25.68 -13.44 16.16
N ALA C 223 -25.86 -12.57 15.17
CA ALA C 223 -24.73 -11.93 14.51
C ALA C 223 -23.99 -11.05 15.52
N THR C 224 -22.73 -11.37 15.76
CA THR C 224 -21.94 -10.60 16.71
C THR C 224 -20.78 -9.95 15.99
N LEU C 225 -20.15 -10.70 15.09
CA LEU C 225 -19.00 -10.22 14.34
C LEU C 225 -19.34 -9.09 13.36
N SER C 226 -20.37 -9.29 12.54
CA SER C 226 -20.79 -8.26 11.58
C SER C 226 -21.34 -7.04 12.34
N MET C 227 -21.98 -7.28 13.47
CA MET C 227 -22.47 -6.15 14.26
C MET C 227 -21.28 -5.37 14.79
N GLY C 228 -20.19 -6.10 15.04
CA GLY C 228 -18.98 -5.47 15.53
C GLY C 228 -18.39 -4.55 14.49
N GLN C 229 -18.37 -5.01 13.25
CA GLN C 229 -17.85 -4.23 12.14
C GLN C 229 -18.69 -2.97 11.97
N ALA C 230 -20.00 -3.17 11.82
CA ALA C 230 -20.95 -2.06 11.66
C ALA C 230 -20.80 -1.05 12.79
N ALA C 231 -20.86 -1.52 14.03
CA ALA C 231 -20.71 -0.62 15.16
C ALA C 231 -19.40 0.14 15.05
N ALA C 232 -18.34 -0.55 14.66
CA ALA C 232 -17.01 0.05 14.51
C ALA C 232 -17.04 1.11 13.43
N ARG C 233 -17.72 0.81 12.32
CA ARG C 233 -17.83 1.78 11.24
C ARG C 233 -18.48 3.04 11.77
N PHE C 234 -19.52 2.85 12.57
CA PHE C 234 -20.27 3.94 13.16
C PHE C 234 -19.45 4.71 14.19
N GLY C 235 -18.75 3.99 15.06
CA GLY C 235 -17.93 4.65 16.05
C GLY C 235 -16.86 5.53 15.43
N LEU C 236 -16.28 5.07 14.32
CA LEU C 236 -15.24 5.80 13.62
C LEU C 236 -15.74 7.04 12.90
N SER C 237 -16.92 6.95 12.29
CA SER C 237 -17.47 8.11 11.60
C SER C 237 -17.75 9.17 12.65
N LEU C 238 -18.30 8.74 13.76
CA LEU C 238 -18.63 9.63 14.86
C LEU C 238 -17.39 10.33 15.38
N VAL C 239 -16.35 9.55 15.65
CA VAL C 239 -15.08 10.08 16.16
C VAL C 239 -14.41 11.05 15.19
N ARG C 240 -14.54 10.78 13.90
CA ARG C 240 -13.97 11.65 12.89
C ARG C 240 -14.68 13.00 12.87
N ALA C 241 -16.00 12.97 12.87
CA ALA C 241 -16.81 14.18 12.85
C ALA C 241 -16.48 15.05 14.06
N LEU C 242 -16.42 14.44 15.24
CA LEU C 242 -16.10 15.18 16.45
C LEU C 242 -14.70 15.76 16.34
N GLN C 243 -13.88 15.20 15.45
CA GLN C 243 -12.52 15.69 15.28
C GLN C 243 -12.42 16.79 14.23
N GLY C 244 -13.54 17.08 13.58
CA GLY C 244 -13.53 18.14 12.60
C GLY C 244 -13.65 17.74 11.14
N GLU C 245 -13.63 16.45 10.84
CA GLU C 245 -13.73 16.05 9.44
C GLU C 245 -15.11 16.46 8.92
N GLN C 246 -15.22 16.65 7.62
CA GLN C 246 -16.50 17.06 7.06
C GLN C 246 -17.00 16.15 5.94
N GLY C 247 -18.31 16.07 5.83
CA GLY C 247 -18.93 15.23 4.81
C GLY C 247 -19.27 13.88 5.38
N VAL C 248 -19.07 13.73 6.69
CA VAL C 248 -19.36 12.47 7.37
C VAL C 248 -20.87 12.29 7.49
N VAL C 249 -21.42 11.45 6.63
CA VAL C 249 -22.85 11.18 6.60
C VAL C 249 -23.18 9.75 6.96
N GLU C 250 -23.96 9.59 8.03
CA GLU C 250 -24.33 8.27 8.50
C GLU C 250 -25.80 8.18 8.89
N CYS C 251 -26.47 7.11 8.49
CA CYS C 251 -27.86 6.92 8.84
C CYS C 251 -27.91 6.46 10.29
N ALA C 252 -28.74 7.11 11.10
CA ALA C 252 -28.87 6.75 12.50
C ALA C 252 -30.24 7.11 13.06
N TYR C 253 -30.81 6.18 13.81
CA TYR C 253 -32.11 6.34 14.46
C TYR C 253 -31.93 7.42 15.52
N VAL C 254 -32.47 8.61 15.27
CA VAL C 254 -32.36 9.71 16.23
C VAL C 254 -33.69 10.44 16.36
N GLU C 255 -33.76 11.29 17.37
CA GLU C 255 -34.95 12.07 17.60
C GLU C 255 -34.94 13.19 16.57
N GLY C 256 -35.86 13.13 15.62
CA GLY C 256 -35.93 14.17 14.59
C GLY C 256 -37.00 15.20 14.88
N ASP C 257 -37.73 15.58 13.84
CA ASP C 257 -38.79 16.57 13.99
C ASP C 257 -40.18 15.96 13.80
N GLY C 258 -40.39 14.83 14.45
CA GLY C 258 -41.67 14.15 14.38
C GLY C 258 -42.38 14.03 13.05
N GLN C 259 -41.68 14.20 11.94
CA GLN C 259 -42.33 14.06 10.63
C GLN C 259 -43.10 12.76 10.56
N TYR C 260 -42.39 11.65 10.79
CA TYR C 260 -43.00 10.33 10.72
C TYR C 260 -43.11 9.66 12.10
N ALA C 261 -42.39 10.19 13.08
CA ALA C 261 -42.41 9.67 14.45
C ALA C 261 -41.33 10.35 15.29
N ARG C 262 -41.52 10.37 16.61
CA ARG C 262 -40.55 11.01 17.50
C ARG C 262 -39.11 10.58 17.16
N PHE C 263 -38.87 9.27 17.05
CA PHE C 263 -37.55 8.76 16.71
C PHE C 263 -37.62 8.09 15.36
N PHE C 264 -36.73 8.50 14.45
CA PHE C 264 -36.71 7.96 13.10
C PHE C 264 -35.26 7.80 12.64
N SER C 265 -35.03 6.93 11.66
CA SER C 265 -33.69 6.75 11.16
C SER C 265 -33.62 7.33 9.77
N GLN C 266 -32.75 8.31 9.59
CA GLN C 266 -32.56 8.99 8.31
C GLN C 266 -31.08 9.37 8.16
N PRO C 267 -30.64 9.71 6.93
CA PRO C 267 -29.25 10.09 6.73
C PRO C 267 -28.93 11.36 7.49
N LEU C 268 -27.87 11.31 8.31
CA LEU C 268 -27.48 12.46 9.11
C LEU C 268 -26.07 12.95 8.79
N LEU C 269 -25.86 14.25 8.95
CA LEU C 269 -24.56 14.87 8.71
C LEU C 269 -23.97 15.10 10.09
N LEU C 270 -22.88 14.41 10.39
CA LEU C 270 -22.24 14.51 11.70
C LEU C 270 -21.23 15.66 11.78
N GLY C 271 -21.12 16.26 12.95
CA GLY C 271 -20.19 17.37 13.13
C GLY C 271 -19.63 17.44 14.53
N LYS C 272 -18.98 18.57 14.83
CA LYS C 272 -18.36 18.80 16.13
C LYS C 272 -19.27 18.57 17.32
N ASN C 273 -20.58 18.67 17.12
CA ASN C 273 -21.52 18.47 18.22
C ASN C 273 -22.49 17.33 17.95
N GLY C 274 -21.97 16.24 17.40
CA GLY C 274 -22.82 15.11 17.08
C GLY C 274 -23.57 15.40 15.80
N VAL C 275 -24.89 15.28 15.83
CA VAL C 275 -25.69 15.56 14.65
C VAL C 275 -25.55 17.02 14.28
N GLU C 276 -25.31 17.28 13.00
CA GLU C 276 -25.13 18.62 12.50
C GLU C 276 -26.37 19.04 11.70
N GLU C 277 -26.94 18.08 10.98
CA GLU C 277 -28.11 18.30 10.15
C GLU C 277 -28.80 16.99 9.80
N ARG C 278 -30.13 16.96 9.96
CA ARG C 278 -30.90 15.77 9.63
C ARG C 278 -31.30 15.92 8.18
N LYS C 279 -30.76 15.07 7.33
CA LYS C 279 -31.05 15.15 5.91
C LYS C 279 -32.37 14.50 5.53
N SER C 280 -32.96 14.99 4.46
CA SER C 280 -34.22 14.47 3.95
C SER C 280 -34.00 13.03 3.55
N ILE C 281 -35.08 12.26 3.49
CA ILE C 281 -34.97 10.86 3.08
C ILE C 281 -35.03 10.82 1.56
N GLY C 282 -35.08 12.01 0.96
CA GLY C 282 -35.10 12.15 -0.49
C GLY C 282 -36.33 11.63 -1.21
N THR C 283 -36.21 11.49 -2.53
CA THR C 283 -37.31 11.00 -3.37
C THR C 283 -37.55 9.51 -3.19
N LEU C 284 -38.67 9.16 -2.59
CA LEU C 284 -39.01 7.76 -2.38
C LEU C 284 -39.79 7.21 -3.57
N SER C 285 -39.77 5.88 -3.72
CA SER C 285 -40.49 5.23 -4.82
C SER C 285 -41.80 4.64 -4.30
N ALA C 286 -42.65 4.18 -5.22
CA ALA C 286 -43.94 3.60 -4.88
C ALA C 286 -43.83 2.59 -3.75
N PHE C 287 -43.12 1.50 -4.02
CA PHE C 287 -42.93 0.43 -3.03
C PHE C 287 -42.45 1.01 -1.72
N GLU C 288 -41.51 1.95 -1.79
CA GLU C 288 -40.95 2.58 -0.60
C GLU C 288 -41.97 3.47 0.11
N GLN C 289 -42.77 4.21 -0.65
CA GLN C 289 -43.76 5.10 -0.07
C GLN C 289 -44.79 4.40 0.79
N ASN C 290 -45.46 3.38 0.26
CA ASN C 290 -46.46 2.70 1.07
C ASN C 290 -45.82 1.65 1.96
N ALA C 291 -44.52 1.48 1.81
CA ALA C 291 -43.77 0.53 2.65
C ALA C 291 -43.44 1.33 3.90
N LEU C 292 -43.17 2.61 3.70
CA LEU C 292 -42.87 3.49 4.82
C LEU C 292 -44.11 3.60 5.69
N GLU C 293 -45.22 4.02 5.10
CA GLU C 293 -46.48 4.18 5.82
C GLU C 293 -46.99 2.91 6.50
N GLY C 294 -46.83 1.78 5.83
CA GLY C 294 -47.30 0.52 6.40
C GLY C 294 -46.50 -0.01 7.58
N MET C 295 -45.82 0.88 8.31
CA MET C 295 -45.02 0.45 9.45
C MET C 295 -44.90 1.49 10.56
N LEU C 296 -45.35 2.71 10.31
CA LEU C 296 -45.27 3.78 11.30
C LEU C 296 -45.88 3.41 12.65
N ASP C 297 -47.07 2.81 12.65
CA ASP C 297 -47.69 2.42 13.92
C ASP C 297 -46.81 1.46 14.70
N THR C 298 -46.29 0.44 14.02
CA THR C 298 -45.41 -0.54 14.65
C THR C 298 -44.29 0.21 15.36
N LEU C 299 -43.68 1.15 14.65
CA LEU C 299 -42.58 1.95 15.18
C LEU C 299 -43.00 2.84 16.34
N LYS C 300 -44.16 3.48 16.19
CA LYS C 300 -44.66 4.38 17.23
C LYS C 300 -44.94 3.59 18.50
N LYS C 301 -45.31 2.32 18.32
CA LYS C 301 -45.58 1.43 19.44
C LYS C 301 -44.25 1.18 20.17
N ASP C 302 -43.20 0.90 19.41
CA ASP C 302 -41.87 0.66 19.98
C ASP C 302 -41.41 1.85 20.79
N ILE C 303 -41.58 3.05 20.23
CA ILE C 303 -41.18 4.28 20.90
C ILE C 303 -42.01 4.49 22.17
N ALA C 304 -43.30 4.20 22.08
CA ALA C 304 -44.22 4.36 23.19
C ALA C 304 -43.97 3.33 24.28
N LEU C 305 -43.65 2.11 23.86
CA LEU C 305 -43.38 1.03 24.81
C LEU C 305 -42.15 1.34 25.64
N GLY C 306 -41.26 2.14 25.08
CA GLY C 306 -40.05 2.51 25.79
C GLY C 306 -40.32 3.72 26.69
N GLN C 307 -41.34 4.45 26.33
CA GLN C 307 -41.77 5.64 27.08
C GLN C 307 -42.22 5.24 28.48
N GLU C 308 -43.05 4.22 28.48
CA GLU C 308 -43.63 3.66 29.71
C GLU C 308 -42.56 3.30 30.73
N PHE C 309 -41.88 2.21 30.41
CA PHE C 309 -40.83 1.62 31.24
C PHE C 309 -40.10 2.62 32.12
N VAL C 310 -39.83 3.78 31.57
CA VAL C 310 -39.09 4.79 32.31
C VAL C 310 -39.98 5.64 33.25
N ASN C 311 -41.02 6.22 32.68
CA ASN C 311 -41.95 7.10 33.42
C ASN C 311 -43.30 6.44 33.69
N LYS C 312 -43.26 5.16 33.96
CA LYS C 312 -44.46 4.38 34.21
C LYS C 312 -44.05 2.96 34.61
N MET D 1 -6.98 -17.19 -4.46
CA MET D 1 -6.30 -17.46 -3.29
C MET D 1 -7.34 -17.91 -2.27
N LYS D 2 -7.14 -19.07 -1.69
CA LYS D 2 -8.08 -19.61 -0.71
C LYS D 2 -7.40 -19.90 0.62
N VAL D 3 -7.96 -19.36 1.69
CA VAL D 3 -7.42 -19.56 3.03
C VAL D 3 -8.41 -20.32 3.90
N ALA D 4 -7.89 -21.31 4.61
CA ALA D 4 -8.70 -22.14 5.51
C ALA D 4 -8.27 -21.93 6.95
N VAL D 5 -9.25 -21.80 7.84
CA VAL D 5 -9.00 -21.61 9.25
C VAL D 5 -9.72 -22.73 10.02
N LEU D 6 -8.95 -23.69 10.52
CA LEU D 6 -9.52 -24.80 11.26
C LEU D 6 -9.67 -24.38 12.71
N GLY D 7 -10.82 -24.68 13.30
CA GLY D 7 -11.06 -24.29 14.69
C GLY D 7 -11.46 -22.84 14.70
N ALA D 8 -12.24 -22.45 13.70
CA ALA D 8 -12.69 -21.07 13.51
C ALA D 8 -13.76 -20.57 14.48
N ALA D 9 -14.42 -21.48 15.18
CA ALA D 9 -15.48 -21.09 16.12
C ALA D 9 -14.91 -20.54 17.42
N GLY D 10 -13.64 -20.85 17.69
CA GLY D 10 -13.01 -20.40 18.91
C GLY D 10 -12.81 -18.91 19.05
N GLY D 11 -12.30 -18.52 20.22
CA GLY D 11 -12.02 -17.12 20.52
C GLY D 11 -10.97 -16.54 19.58
N ILE D 12 -9.92 -17.30 19.33
CA ILE D 12 -8.85 -16.85 18.43
C ILE D 12 -9.35 -16.98 17.00
N GLY D 13 -10.09 -18.06 16.75
CA GLY D 13 -10.62 -18.33 15.44
C GLY D 13 -11.60 -17.32 14.87
N GLN D 14 -12.41 -16.70 15.72
CA GLN D 14 -13.38 -15.73 15.25
C GLN D 14 -12.78 -14.35 15.02
N ALA D 15 -11.85 -13.94 15.88
CA ALA D 15 -11.20 -12.64 15.72
C ALA D 15 -10.36 -12.71 14.46
N LEU D 16 -9.67 -13.84 14.28
CA LEU D 16 -8.83 -14.08 13.12
C LEU D 16 -9.69 -14.00 11.86
N ALA D 17 -10.76 -14.80 11.86
CA ALA D 17 -11.70 -14.83 10.75
C ALA D 17 -12.20 -13.41 10.42
N LEU D 18 -12.61 -12.69 11.46
CA LEU D 18 -13.10 -11.33 11.29
C LEU D 18 -12.07 -10.43 10.59
N LEU D 19 -10.83 -10.43 11.08
CA LEU D 19 -9.77 -9.61 10.48
C LEU D 19 -9.43 -10.06 9.06
N LEU D 20 -9.44 -11.37 8.82
CA LEU D 20 -9.14 -11.88 7.49
C LEU D 20 -10.25 -11.51 6.50
N LYS D 21 -11.48 -11.49 7.00
CA LYS D 21 -12.68 -11.16 6.23
C LYS D 21 -12.57 -9.73 5.70
N THR D 22 -12.06 -8.85 6.55
CA THR D 22 -11.94 -7.45 6.19
C THR D 22 -10.59 -7.04 5.57
N GLN D 23 -9.55 -7.86 5.70
CA GLN D 23 -8.24 -7.40 5.20
C GLN D 23 -7.64 -8.29 4.07
N LEU D 24 -8.21 -9.45 3.82
CA LEU D 24 -7.70 -10.31 2.73
C LEU D 24 -7.84 -9.55 1.41
N PRO D 25 -6.95 -9.82 0.46
CA PRO D 25 -7.07 -9.11 -0.83
C PRO D 25 -8.35 -9.46 -1.59
N SER D 26 -8.88 -8.50 -2.35
CA SER D 26 -10.10 -8.70 -3.11
C SER D 26 -10.01 -9.91 -4.02
N GLY D 27 -10.95 -10.85 -3.84
CA GLY D 27 -10.96 -12.04 -4.66
C GLY D 27 -10.53 -13.28 -3.89
N SER D 28 -10.13 -13.10 -2.64
CA SER D 28 -9.71 -14.23 -1.82
C SER D 28 -10.94 -15.01 -1.39
N GLU D 29 -10.72 -16.28 -1.08
CA GLU D 29 -11.77 -17.16 -0.62
C GLU D 29 -11.37 -17.52 0.79
N LEU D 30 -12.35 -17.58 1.69
CA LEU D 30 -12.07 -17.89 3.08
C LEU D 30 -12.99 -19.01 3.55
N SER D 31 -12.40 -20.13 3.93
CA SER D 31 -13.19 -21.26 4.41
C SER D 31 -12.98 -21.44 5.90
N LEU D 32 -14.07 -21.59 6.64
CA LEU D 32 -14.01 -21.78 8.08
C LEU D 32 -14.45 -23.21 8.39
N TYR D 33 -13.84 -23.79 9.42
CA TYR D 33 -14.17 -25.14 9.86
C TYR D 33 -13.85 -25.28 11.34
N ASP D 34 -14.70 -26.00 12.06
CA ASP D 34 -14.56 -26.23 13.50
C ASP D 34 -15.60 -27.31 13.81
N ILE D 35 -15.34 -28.18 14.78
CA ILE D 35 -16.33 -29.22 15.10
C ILE D 35 -17.59 -28.65 15.72
N ALA D 36 -17.47 -27.47 16.34
CA ALA D 36 -18.60 -26.79 16.96
C ALA D 36 -19.69 -26.59 15.91
N PRO D 37 -20.95 -26.78 16.29
CA PRO D 37 -22.06 -26.61 15.35
C PRO D 37 -22.32 -25.19 14.86
N VAL D 38 -21.90 -24.20 15.63
CA VAL D 38 -22.11 -22.82 15.24
C VAL D 38 -21.32 -22.41 13.99
N THR D 39 -20.13 -22.97 13.83
CA THR D 39 -19.24 -22.69 12.71
C THR D 39 -19.90 -22.09 11.46
N PRO D 40 -20.73 -22.87 10.75
CA PRO D 40 -21.39 -22.35 9.54
C PRO D 40 -22.12 -21.02 9.73
N GLY D 41 -22.71 -20.80 10.91
CA GLY D 41 -23.40 -19.56 11.17
C GLY D 41 -22.42 -18.42 11.36
N VAL D 42 -21.22 -18.76 11.84
CA VAL D 42 -20.17 -17.77 12.03
C VAL D 42 -19.85 -17.23 10.64
N ALA D 43 -19.80 -18.14 9.68
CA ALA D 43 -19.54 -17.76 8.29
C ALA D 43 -20.65 -16.84 7.80
N VAL D 44 -21.91 -17.26 7.94
CA VAL D 44 -23.05 -16.45 7.49
C VAL D 44 -22.98 -15.06 8.12
N ASP D 45 -22.69 -15.03 9.41
CA ASP D 45 -22.56 -13.76 10.12
C ASP D 45 -21.56 -12.89 9.37
N LEU D 46 -20.36 -13.43 9.17
CA LEU D 46 -19.27 -12.72 8.49
C LEU D 46 -19.55 -12.36 7.04
N SER D 47 -20.33 -13.19 6.35
CA SER D 47 -20.64 -12.92 4.95
C SER D 47 -21.44 -11.64 4.76
N HIS D 48 -21.92 -11.07 5.85
CA HIS D 48 -22.71 -9.83 5.79
C HIS D 48 -21.86 -8.56 5.74
N ILE D 49 -20.55 -8.71 5.84
CA ILE D 49 -19.66 -7.56 5.78
C ILE D 49 -19.26 -7.36 4.30
N PRO D 50 -19.59 -6.21 3.75
CA PRO D 50 -19.32 -5.89 2.33
C PRO D 50 -17.84 -5.78 1.94
N THR D 51 -17.19 -6.91 1.70
CA THR D 51 -15.80 -6.99 1.16
C THR D 51 -15.80 -8.10 0.11
N ALA D 52 -14.97 -7.97 -0.92
CA ALA D 52 -14.88 -8.97 -1.98
C ALA D 52 -14.08 -10.22 -1.56
N VAL D 53 -14.46 -10.82 -0.44
CA VAL D 53 -13.84 -12.03 0.08
C VAL D 53 -14.97 -13.05 0.31
N LYS D 54 -15.02 -14.08 -0.53
CA LYS D 54 -16.05 -15.12 -0.40
C LYS D 54 -15.74 -16.00 0.80
N ILE D 55 -16.76 -16.28 1.63
CA ILE D 55 -16.54 -17.09 2.81
C ILE D 55 -17.60 -18.17 3.01
N LYS D 56 -17.20 -19.26 3.68
CA LYS D 56 -18.09 -20.37 3.98
C LYS D 56 -17.61 -21.12 5.22
N GLY D 57 -18.55 -21.67 5.96
CA GLY D 57 -18.20 -22.41 7.17
C GLY D 57 -18.59 -23.87 7.06
N PHE D 58 -17.88 -24.72 7.80
CA PHE D 58 -18.12 -26.15 7.78
C PHE D 58 -18.03 -26.72 9.17
N SER D 59 -18.85 -27.74 9.45
CA SER D 59 -18.83 -28.40 10.74
C SER D 59 -18.83 -29.90 10.47
N GLY D 60 -18.84 -30.70 11.53
CA GLY D 60 -18.81 -32.14 11.37
C GLY D 60 -17.43 -32.64 11.74
N GLU D 61 -16.94 -33.68 11.07
CA GLU D 61 -15.60 -34.20 11.39
C GLU D 61 -14.68 -34.26 10.18
N ASP D 62 -15.24 -34.12 8.98
CA ASP D 62 -14.45 -34.15 7.76
C ASP D 62 -14.17 -32.72 7.28
N ALA D 63 -12.97 -32.23 7.57
CA ALA D 63 -12.58 -30.89 7.18
C ALA D 63 -12.36 -30.74 5.69
N THR D 64 -12.38 -31.85 4.97
CA THR D 64 -12.15 -31.86 3.51
C THR D 64 -12.80 -30.73 2.73
N PRO D 65 -14.13 -30.63 2.76
CA PRO D 65 -14.78 -29.55 2.00
C PRO D 65 -14.14 -28.19 2.24
N ALA D 66 -13.60 -27.99 3.44
CA ALA D 66 -12.96 -26.73 3.76
C ALA D 66 -11.53 -26.67 3.22
N LEU D 67 -10.83 -27.80 3.29
CA LEU D 67 -9.46 -27.88 2.82
C LEU D 67 -9.29 -27.89 1.31
N GLU D 68 -10.34 -28.30 0.58
CA GLU D 68 -10.27 -28.32 -0.87
C GLU D 68 -9.73 -27.00 -1.42
N GLY D 69 -8.81 -27.11 -2.39
CA GLY D 69 -8.22 -25.93 -3.00
C GLY D 69 -7.50 -24.96 -2.10
N ALA D 70 -7.38 -25.30 -0.81
CA ALA D 70 -6.70 -24.43 0.15
C ALA D 70 -5.22 -24.18 -0.16
N ASP D 71 -4.85 -22.92 -0.20
CA ASP D 71 -3.47 -22.54 -0.46
C ASP D 71 -2.78 -22.31 0.87
N VAL D 72 -3.56 -21.82 1.82
CA VAL D 72 -3.05 -21.55 3.15
C VAL D 72 -4.01 -22.13 4.18
N VAL D 73 -3.46 -22.77 5.20
CA VAL D 73 -4.27 -23.37 6.24
C VAL D 73 -3.78 -22.95 7.62
N LEU D 74 -4.61 -22.19 8.33
CA LEU D 74 -4.28 -21.73 9.68
C LEU D 74 -5.03 -22.61 10.68
N ILE D 75 -4.27 -23.30 11.51
CA ILE D 75 -4.84 -24.21 12.49
C ILE D 75 -4.82 -23.62 13.89
N SER D 76 -6.01 -23.32 14.41
CA SER D 76 -6.13 -22.76 15.75
C SER D 76 -7.02 -23.62 16.62
N ALA D 77 -7.28 -24.84 16.17
CA ALA D 77 -8.09 -25.77 16.96
C ALA D 77 -7.38 -25.97 18.29
N GLY D 78 -8.07 -26.58 19.24
CA GLY D 78 -7.46 -26.83 20.54
C GLY D 78 -8.37 -26.70 21.75
N VAL D 79 -7.75 -26.67 22.92
CA VAL D 79 -8.47 -26.55 24.18
C VAL D 79 -7.64 -25.72 25.15
N ALA D 80 -7.73 -24.40 25.02
CA ALA D 80 -6.97 -23.49 25.88
C ALA D 80 -7.00 -23.90 27.35
N ARG D 81 -8.20 -24.10 27.90
CA ARG D 81 -8.34 -24.50 29.30
C ARG D 81 -9.76 -24.93 29.69
N LYS D 82 -9.84 -26.06 30.38
CA LYS D 82 -11.12 -26.61 30.86
C LYS D 82 -10.95 -27.03 32.32
N PRO D 83 -12.01 -26.90 33.13
CA PRO D 83 -11.96 -27.27 34.55
C PRO D 83 -11.72 -28.77 34.77
N GLY D 84 -10.67 -29.09 35.53
CA GLY D 84 -10.37 -30.48 35.82
C GLY D 84 -9.17 -31.04 35.09
N MET D 85 -8.63 -30.28 34.14
CA MET D 85 -7.48 -30.74 33.38
C MET D 85 -6.25 -29.89 33.64
N ASP D 86 -5.08 -30.52 33.56
CA ASP D 86 -3.81 -29.84 33.78
C ASP D 86 -2.94 -29.79 32.54
N ARG D 87 -1.64 -29.60 32.75
CA ARG D 87 -0.68 -29.52 31.66
C ARG D 87 -0.74 -30.78 30.80
N SER D 88 -0.70 -31.94 31.46
CA SER D 88 -0.72 -33.23 30.79
C SER D 88 -1.94 -33.45 29.88
N ASP D 89 -3.14 -33.28 30.45
CA ASP D 89 -4.35 -33.46 29.67
C ASP D 89 -4.39 -32.45 28.53
N LEU D 90 -4.22 -31.17 28.88
CA LEU D 90 -4.22 -30.09 27.90
C LEU D 90 -3.28 -30.42 26.75
N PHE D 91 -2.17 -31.08 27.07
CA PHE D 91 -1.20 -31.46 26.06
C PHE D 91 -1.68 -32.62 25.19
N ASN D 92 -2.11 -33.71 25.83
CA ASN D 92 -2.58 -34.88 25.10
C ASN D 92 -3.71 -34.61 24.12
N VAL D 93 -4.62 -33.70 24.49
CA VAL D 93 -5.73 -33.39 23.60
C VAL D 93 -5.29 -32.54 22.41
N ASN D 94 -4.61 -31.44 22.69
CA ASN D 94 -4.16 -30.57 21.62
C ASN D 94 -3.25 -31.29 20.64
N ALA D 95 -2.46 -32.24 21.15
CA ALA D 95 -1.56 -33.01 20.30
C ALA D 95 -2.33 -33.88 19.31
N GLY D 96 -3.36 -34.57 19.80
CA GLY D 96 -4.17 -35.43 18.95
C GLY D 96 -4.94 -34.64 17.90
N ILE D 97 -5.42 -33.47 18.27
CA ILE D 97 -6.14 -32.63 17.32
C ILE D 97 -5.19 -32.24 16.19
N VAL D 98 -4.00 -31.76 16.55
CA VAL D 98 -2.99 -31.35 15.57
C VAL D 98 -2.65 -32.52 14.64
N LYS D 99 -2.53 -33.71 15.22
CA LYS D 99 -2.22 -34.90 14.44
C LYS D 99 -3.36 -35.17 13.48
N ASN D 100 -4.57 -35.24 14.00
CA ASN D 100 -5.77 -35.50 13.18
C ASN D 100 -5.94 -34.50 12.04
N LEU D 101 -6.01 -33.22 12.36
CA LEU D 101 -6.18 -32.18 11.35
C LEU D 101 -5.08 -32.19 10.31
N VAL D 102 -3.82 -32.18 10.75
CA VAL D 102 -2.71 -32.17 9.81
C VAL D 102 -2.73 -33.39 8.89
N GLN D 103 -3.34 -34.48 9.34
CA GLN D 103 -3.44 -35.68 8.52
C GLN D 103 -4.36 -35.43 7.34
N GLN D 104 -5.50 -34.79 7.59
CA GLN D 104 -6.46 -34.49 6.53
C GLN D 104 -5.85 -33.46 5.59
N VAL D 105 -5.14 -32.49 6.16
CA VAL D 105 -4.48 -31.47 5.36
C VAL D 105 -3.62 -32.24 4.37
N ALA D 106 -2.86 -33.17 4.91
CA ALA D 106 -1.95 -34.01 4.13
C ALA D 106 -2.68 -34.75 3.01
N LYS D 107 -3.91 -35.13 3.26
CA LYS D 107 -4.70 -35.86 2.27
C LYS D 107 -5.32 -34.96 1.21
N THR D 108 -5.89 -33.85 1.62
CA THR D 108 -6.61 -32.99 0.68
C THR D 108 -5.76 -31.88 0.03
N CYS D 109 -4.91 -31.20 0.78
CA CYS D 109 -4.12 -30.10 0.20
C CYS D 109 -2.65 -30.13 0.63
N PRO D 110 -1.88 -31.07 0.08
CA PRO D 110 -0.46 -31.24 0.41
C PRO D 110 0.44 -30.05 0.06
N LYS D 111 0.15 -29.36 -1.04
CA LYS D 111 0.96 -28.22 -1.46
C LYS D 111 0.54 -26.89 -0.85
N ALA D 112 -0.05 -26.95 0.33
CA ALA D 112 -0.51 -25.74 1.01
C ALA D 112 0.42 -25.34 2.14
N CYS D 113 0.57 -24.05 2.38
CA CYS D 113 1.41 -23.60 3.47
C CYS D 113 0.60 -23.84 4.75
N ILE D 114 1.28 -24.17 5.83
CA ILE D 114 0.59 -24.44 7.07
C ILE D 114 1.11 -23.66 8.26
N GLY D 115 0.28 -22.77 8.78
CA GLY D 115 0.65 -21.99 9.93
C GLY D 115 -0.01 -22.60 11.16
N ILE D 116 0.77 -23.23 12.03
CA ILE D 116 0.23 -23.82 13.24
C ILE D 116 0.24 -22.84 14.40
N ILE D 117 -0.93 -22.64 14.97
CA ILE D 117 -1.12 -21.69 16.06
C ILE D 117 -1.36 -22.40 17.38
N THR D 118 -1.88 -23.61 17.29
CA THR D 118 -2.19 -24.43 18.47
C THR D 118 -0.97 -24.68 19.37
N ASN D 119 -1.10 -24.34 20.66
CA ASN D 119 0.00 -24.52 21.61
C ASN D 119 0.05 -25.93 22.23
N PRO D 120 1.24 -26.36 22.68
CA PRO D 120 2.51 -25.63 22.64
C PRO D 120 3.18 -25.72 21.26
N VAL D 121 3.26 -24.58 20.58
CA VAL D 121 3.86 -24.47 19.24
C VAL D 121 5.19 -25.19 19.07
N ASN D 122 6.05 -25.08 20.09
CA ASN D 122 7.36 -25.71 20.07
C ASN D 122 7.29 -27.18 19.72
N THR D 123 6.31 -27.89 20.30
CA THR D 123 6.19 -29.32 20.02
C THR D 123 5.08 -29.71 19.06
N THR D 124 4.11 -28.82 18.84
CA THR D 124 3.01 -29.13 17.91
C THR D 124 3.47 -29.05 16.47
N VAL D 125 4.40 -28.12 16.19
CA VAL D 125 4.93 -27.99 14.84
C VAL D 125 5.72 -29.25 14.49
N ALA D 126 6.33 -29.86 15.51
CA ALA D 126 7.11 -31.08 15.33
C ALA D 126 6.17 -32.22 14.98
N ILE D 127 5.08 -32.33 15.74
CA ILE D 127 4.09 -33.36 15.48
C ILE D 127 3.61 -33.23 14.04
N ALA D 128 3.39 -31.99 13.61
CA ALA D 128 2.93 -31.73 12.25
C ALA D 128 3.94 -32.22 11.21
N ALA D 129 5.22 -31.93 11.46
CA ALA D 129 6.28 -32.35 10.54
C ALA D 129 6.31 -33.88 10.41
N GLU D 130 6.38 -34.57 11.54
CA GLU D 130 6.41 -36.02 11.55
C GLU D 130 5.20 -36.64 10.84
N VAL D 131 4.04 -36.02 11.02
CA VAL D 131 2.84 -36.51 10.37
C VAL D 131 2.96 -36.29 8.87
N LEU D 132 3.35 -35.07 8.48
CA LEU D 132 3.51 -34.75 7.06
C LEU D 132 4.61 -35.63 6.46
N LYS D 133 5.58 -36.01 7.28
CA LYS D 133 6.67 -36.85 6.82
C LYS D 133 6.19 -38.26 6.48
N LYS D 134 5.37 -38.85 7.36
CA LYS D 134 4.87 -40.20 7.11
C LYS D 134 4.04 -40.23 5.83
N ALA D 135 3.21 -39.21 5.63
CA ALA D 135 2.37 -39.13 4.43
C ALA D 135 3.23 -38.87 3.21
N GLY D 136 4.54 -38.68 3.44
CA GLY D 136 5.47 -38.43 2.36
C GLY D 136 5.16 -37.22 1.52
N VAL D 137 4.69 -36.15 2.16
CA VAL D 137 4.37 -34.91 1.45
C VAL D 137 4.99 -33.72 2.14
N TYR D 138 5.74 -33.99 3.21
CA TYR D 138 6.40 -32.93 3.96
C TYR D 138 7.23 -31.99 3.09
N ASP D 139 7.40 -30.78 3.59
CA ASP D 139 8.14 -29.73 2.90
C ASP D 139 8.44 -28.72 3.99
N LYS D 140 9.66 -28.77 4.53
CA LYS D 140 10.06 -27.88 5.60
C LYS D 140 9.81 -26.41 5.29
N ASN D 141 9.59 -26.08 4.02
CA ASN D 141 9.35 -24.70 3.62
C ASN D 141 7.89 -24.26 3.77
N LYS D 142 6.98 -25.21 3.93
CA LYS D 142 5.56 -24.89 4.07
C LYS D 142 4.96 -25.21 5.44
N LEU D 143 5.81 -25.41 6.44
CA LEU D 143 5.31 -25.68 7.78
C LEU D 143 5.81 -24.56 8.67
N PHE D 144 4.88 -23.81 9.25
CA PHE D 144 5.25 -22.70 10.11
C PHE D 144 4.49 -22.76 11.43
N GLY D 145 5.17 -22.27 12.43
CA GLY D 145 4.60 -22.13 13.75
C GLY D 145 4.39 -20.64 13.94
N VAL D 146 3.15 -20.24 14.09
CA VAL D 146 2.86 -18.82 14.22
C VAL D 146 3.34 -18.28 15.56
N THR D 147 4.42 -17.51 15.53
CA THR D 147 4.99 -16.94 16.75
C THR D 147 4.79 -15.43 16.77
N THR D 148 4.19 -14.90 15.70
CA THR D 148 3.95 -13.46 15.54
C THR D 148 3.48 -12.70 16.76
N LEU D 149 2.75 -13.37 17.65
CA LEU D 149 2.28 -12.72 18.87
C LEU D 149 3.41 -12.19 19.75
N ASP D 150 4.54 -12.89 19.81
CA ASP D 150 5.67 -12.45 20.60
C ASP D 150 6.31 -11.19 20.01
N ILE D 151 6.16 -11.03 18.70
CA ILE D 151 6.72 -9.87 18.02
C ILE D 151 5.90 -8.61 18.31
N ILE D 152 4.59 -8.68 18.14
CA ILE D 152 3.77 -7.49 18.38
C ILE D 152 3.81 -7.10 19.84
N CYS D 153 3.93 -8.08 20.74
CA CYS D 153 4.02 -7.76 22.15
C CYS D 153 5.31 -6.99 22.37
N SER D 154 6.40 -7.46 21.74
CA SER D 154 7.69 -6.79 21.86
C SER D 154 7.61 -5.37 21.33
N ASN D 155 7.02 -5.20 20.15
CA ASN D 155 6.87 -3.88 19.53
C ASN D 155 6.11 -2.90 20.42
N THR D 156 5.10 -3.38 21.12
CA THR D 156 4.31 -2.52 21.99
C THR D 156 5.05 -2.14 23.27
N PHE D 157 5.69 -3.11 23.91
CA PHE D 157 6.42 -2.84 25.15
C PHE D 157 7.58 -1.87 24.88
N VAL D 158 8.33 -2.12 23.81
CA VAL D 158 9.45 -1.27 23.47
C VAL D 158 8.98 0.14 23.15
N ALA D 159 7.88 0.24 22.41
CA ALA D 159 7.33 1.53 22.01
C ALA D 159 7.02 2.47 23.18
N GLU D 160 6.25 1.99 24.14
CA GLU D 160 5.88 2.81 25.29
C GLU D 160 7.08 3.21 26.16
N LEU D 161 7.91 2.24 26.53
CA LEU D 161 9.07 2.51 27.37
C LEU D 161 10.01 3.59 26.83
N LYS D 162 10.20 3.63 25.51
CA LYS D 162 11.10 4.61 24.92
C LYS D 162 10.38 5.72 24.17
N GLY D 163 9.10 5.92 24.47
CA GLY D 163 8.33 6.97 23.82
C GLY D 163 8.45 7.02 22.32
N LYS D 164 7.99 5.96 21.65
CA LYS D 164 8.02 5.89 20.19
C LYS D 164 6.63 5.53 19.68
N GLN D 165 6.47 5.48 18.36
CA GLN D 165 5.20 5.10 17.76
C GLN D 165 5.22 3.59 17.59
N PRO D 166 4.39 2.86 18.35
CA PRO D 166 4.34 1.40 18.28
C PRO D 166 4.38 0.80 16.87
N GLY D 167 3.94 1.58 15.89
CA GLY D 167 3.94 1.09 14.52
C GLY D 167 5.31 1.16 13.87
N GLU D 168 6.17 2.02 14.39
CA GLU D 168 7.51 2.20 13.85
C GLU D 168 8.52 1.18 14.39
N VAL D 169 8.29 0.69 15.60
CA VAL D 169 9.18 -0.28 16.23
C VAL D 169 8.90 -1.72 15.76
N GLU D 170 9.91 -2.38 15.21
CA GLU D 170 9.78 -3.75 14.75
C GLU D 170 10.91 -4.60 15.35
N VAL D 171 10.60 -5.28 16.44
CA VAL D 171 11.57 -6.10 17.16
C VAL D 171 11.66 -7.55 16.70
N PRO D 172 12.84 -7.99 16.25
CA PRO D 172 12.94 -9.39 15.81
C PRO D 172 13.04 -10.28 17.05
N VAL D 173 12.25 -11.35 17.08
CA VAL D 173 12.24 -12.27 18.21
C VAL D 173 12.61 -13.65 17.67
N ILE D 174 13.47 -14.37 18.38
CA ILE D 174 13.90 -15.70 17.94
C ILE D 174 13.80 -16.76 19.03
N GLY D 175 14.10 -17.99 18.66
CA GLY D 175 14.06 -19.08 19.61
C GLY D 175 12.82 -19.93 19.48
N GLY D 176 12.07 -20.00 20.59
CA GLY D 176 10.85 -20.78 20.61
C GLY D 176 9.65 -19.93 20.98
N HIS D 177 8.54 -20.59 21.31
CA HIS D 177 7.32 -19.88 21.66
C HIS D 177 6.81 -20.25 23.04
N SER D 178 7.66 -20.14 24.05
CA SER D 178 7.26 -20.45 25.41
C SER D 178 8.26 -20.04 26.48
N GLY D 179 7.79 -19.23 27.42
CA GLY D 179 8.62 -18.76 28.51
C GLY D 179 10.07 -18.42 28.22
N VAL D 180 10.96 -19.36 28.53
CA VAL D 180 12.39 -19.16 28.32
C VAL D 180 12.89 -19.29 26.89
N THR D 181 12.18 -20.04 26.04
CA THR D 181 12.62 -20.19 24.66
C THR D 181 12.30 -18.96 23.82
N ILE D 182 11.64 -17.97 24.42
CA ILE D 182 11.31 -16.75 23.71
C ILE D 182 12.47 -15.76 23.88
N LEU D 183 13.14 -15.44 22.78
CA LEU D 183 14.27 -14.54 22.86
C LEU D 183 14.15 -13.26 22.03
N PRO D 184 13.85 -12.13 22.71
CA PRO D 184 13.72 -10.83 22.03
C PRO D 184 15.10 -10.16 21.87
N LEU D 185 15.41 -9.72 20.66
CA LEU D 185 16.70 -9.10 20.38
C LEU D 185 16.61 -7.57 20.47
N LEU D 186 16.56 -7.07 21.71
CA LEU D 186 16.47 -5.62 21.94
C LEU D 186 17.72 -4.87 21.49
N SER D 187 18.74 -5.62 21.07
CA SER D 187 19.99 -5.03 20.60
C SER D 187 19.93 -4.74 19.11
N GLN D 188 19.16 -5.54 18.37
CA GLN D 188 19.03 -5.36 16.94
C GLN D 188 17.90 -4.38 16.58
N VAL D 189 17.41 -3.65 17.60
CA VAL D 189 16.33 -2.69 17.41
C VAL D 189 16.93 -1.33 17.10
N PRO D 190 16.98 -0.96 15.81
CA PRO D 190 17.53 0.32 15.37
C PRO D 190 16.75 1.54 15.85
N GLY D 191 17.48 2.58 16.27
CA GLY D 191 16.85 3.79 16.74
C GLY D 191 16.81 3.97 18.25
N VAL D 192 16.91 2.87 18.98
CA VAL D 192 16.87 2.92 20.43
C VAL D 192 17.89 2.00 21.09
N SER D 193 18.35 2.39 22.27
CA SER D 193 19.32 1.62 23.04
C SER D 193 18.76 1.47 24.44
N PHE D 194 18.77 0.26 24.97
CA PHE D 194 18.22 0.01 26.30
C PHE D 194 19.31 -0.23 27.35
N THR D 195 18.97 0.05 28.59
CA THR D 195 19.87 -0.15 29.71
C THR D 195 19.87 -1.63 30.05
N GLU D 196 20.90 -2.09 30.74
CA GLU D 196 20.99 -3.50 31.13
C GLU D 196 19.81 -3.85 32.02
N GLN D 197 19.30 -2.86 32.74
CA GLN D 197 18.17 -3.05 33.64
C GLN D 197 16.84 -3.13 32.90
N GLU D 198 16.62 -2.21 31.97
CA GLU D 198 15.39 -2.20 31.19
C GLU D 198 15.31 -3.51 30.42
N VAL D 199 16.41 -3.90 29.79
CA VAL D 199 16.48 -5.15 29.04
C VAL D 199 16.12 -6.33 29.96
N ALA D 200 16.74 -6.36 31.13
CA ALA D 200 16.50 -7.42 32.10
C ALA D 200 15.03 -7.69 32.30
N ASP D 201 14.24 -6.62 32.44
CA ASP D 201 12.82 -6.76 32.67
C ASP D 201 12.01 -6.90 31.38
N LEU D 202 12.31 -6.11 30.36
CA LEU D 202 11.44 -6.08 29.17
C LEU D 202 11.42 -7.51 28.64
N THR D 203 12.48 -8.25 28.94
CA THR D 203 12.58 -9.64 28.50
C THR D 203 11.64 -10.56 29.27
N LYS D 204 11.58 -10.40 30.59
CA LYS D 204 10.70 -11.23 31.40
C LYS D 204 9.25 -10.96 31.00
N ARG D 205 8.91 -9.68 30.84
CA ARG D 205 7.57 -9.26 30.46
C ARG D 205 7.13 -9.92 29.17
N ILE D 206 7.96 -9.81 28.14
CA ILE D 206 7.67 -10.42 26.85
C ILE D 206 7.53 -11.92 27.00
N GLN D 207 8.31 -12.52 27.88
CA GLN D 207 8.27 -13.97 28.09
C GLN D 207 7.04 -14.41 28.87
N ASN D 208 6.54 -13.53 29.73
CA ASN D 208 5.36 -13.87 30.52
C ASN D 208 4.19 -12.94 30.18
N ALA D 209 4.10 -12.56 28.91
CA ALA D 209 3.04 -11.69 28.43
C ALA D 209 1.71 -12.44 28.47
N GLY D 210 1.74 -13.69 28.03
CA GLY D 210 0.54 -14.51 28.04
C GLY D 210 -0.02 -14.69 29.44
N THR D 211 0.87 -14.80 30.42
CA THR D 211 0.46 -14.97 31.80
C THR D 211 -0.14 -13.67 32.32
N GLU D 212 0.41 -12.56 31.83
CA GLU D 212 -0.08 -11.24 32.21
C GLU D 212 -1.57 -11.17 31.89
N VAL D 213 -1.95 -11.80 30.78
CA VAL D 213 -3.34 -11.82 30.35
C VAL D 213 -4.18 -12.76 31.20
N VAL D 214 -3.72 -14.00 31.36
CA VAL D 214 -4.43 -14.98 32.16
C VAL D 214 -4.62 -14.46 33.58
N GLU D 215 -3.61 -13.75 34.08
CA GLU D 215 -3.67 -13.16 35.42
C GLU D 215 -4.77 -12.10 35.41
N ALA D 216 -4.66 -11.18 34.46
CA ALA D 216 -5.62 -10.08 34.30
C ALA D 216 -7.05 -10.59 34.33
N LYS D 217 -7.40 -11.46 33.39
CA LYS D 217 -8.74 -12.03 33.31
C LYS D 217 -9.00 -12.89 34.54
N ALA D 218 -7.96 -12.99 35.33
CA ALA D 218 -7.95 -13.70 36.63
C ALA D 218 -8.62 -15.08 36.58
N GLY D 219 -8.25 -15.94 35.67
CA GLY D 219 -8.88 -17.26 35.67
C GLY D 219 -9.29 -17.70 34.30
N GLY D 220 -10.53 -17.44 33.94
CA GLY D 220 -11.00 -17.79 32.61
C GLY D 220 -10.47 -16.74 31.62
N GLY D 221 -10.13 -17.22 30.44
CA GLY D 221 -9.66 -16.36 29.36
C GLY D 221 -8.15 -16.47 29.19
N SER D 222 -7.72 -16.02 28.04
CA SER D 222 -6.31 -15.98 27.63
C SER D 222 -6.18 -15.07 26.42
N ALA D 223 -4.97 -14.67 26.12
CA ALA D 223 -4.73 -13.77 24.99
C ALA D 223 -5.41 -14.36 23.77
N THR D 224 -6.56 -13.81 23.44
CA THR D 224 -7.34 -14.31 22.31
C THR D 224 -7.47 -13.27 21.19
N LEU D 225 -7.62 -12.02 21.60
CA LEU D 225 -7.80 -10.92 20.64
C LEU D 225 -6.46 -10.49 20.04
N SER D 226 -5.44 -10.30 20.89
CA SER D 226 -4.11 -9.92 20.41
C SER D 226 -3.53 -11.04 19.55
N MET D 227 -3.93 -12.28 19.86
CA MET D 227 -3.47 -13.43 19.11
C MET D 227 -4.14 -13.48 17.74
N GLY D 228 -5.43 -13.12 17.70
CA GLY D 228 -6.14 -13.11 16.43
C GLY D 228 -5.51 -12.08 15.53
N GLN D 229 -5.20 -10.92 16.10
CA GLN D 229 -4.54 -9.86 15.36
C GLN D 229 -3.17 -10.36 14.86
N ALA D 230 -2.43 -11.03 15.74
CA ALA D 230 -1.11 -11.55 15.38
C ALA D 230 -1.17 -12.56 14.26
N ALA D 231 -2.08 -13.52 14.38
CA ALA D 231 -2.23 -14.55 13.37
C ALA D 231 -2.69 -13.93 12.05
N ALA D 232 -3.37 -12.80 12.13
CA ALA D 232 -3.85 -12.14 10.92
C ALA D 232 -2.66 -11.53 10.20
N ARG D 233 -1.83 -10.81 10.94
CA ARG D 233 -0.64 -10.20 10.34
C ARG D 233 0.17 -11.30 9.64
N PHE D 234 0.28 -12.45 10.28
CA PHE D 234 1.01 -13.56 9.69
C PHE D 234 0.35 -14.01 8.40
N GLY D 235 -0.94 -14.33 8.48
CA GLY D 235 -1.68 -14.79 7.32
C GLY D 235 -1.56 -13.82 6.15
N LEU D 236 -1.72 -12.52 6.43
CA LEU D 236 -1.62 -11.51 5.39
C LEU D 236 -0.23 -11.51 4.76
N SER D 237 0.80 -11.63 5.59
CA SER D 237 2.17 -11.64 5.10
C SER D 237 2.39 -12.84 4.19
N LEU D 238 1.75 -13.95 4.51
CA LEU D 238 1.88 -15.15 3.70
C LEU D 238 1.23 -14.99 2.32
N VAL D 239 -0.06 -14.66 2.31
CA VAL D 239 -0.80 -14.49 1.07
C VAL D 239 -0.13 -13.47 0.13
N ARG D 240 0.38 -12.38 0.69
CA ARG D 240 1.06 -11.37 -0.11
C ARG D 240 2.24 -12.03 -0.80
N ALA D 241 3.03 -12.76 -0.02
CA ALA D 241 4.20 -13.45 -0.54
C ALA D 241 3.80 -14.45 -1.62
N LEU D 242 2.80 -15.28 -1.32
CA LEU D 242 2.36 -16.27 -2.29
C LEU D 242 1.90 -15.58 -3.55
N GLN D 243 1.43 -14.34 -3.42
CA GLN D 243 0.94 -13.62 -4.58
C GLN D 243 2.05 -12.89 -5.35
N GLY D 244 3.30 -13.28 -5.10
CA GLY D 244 4.41 -12.67 -5.81
C GLY D 244 4.99 -11.39 -5.25
N GLU D 245 4.53 -10.96 -4.08
CA GLU D 245 5.07 -9.75 -3.49
C GLU D 245 6.42 -10.07 -2.85
N GLN D 246 7.34 -9.09 -2.89
CA GLN D 246 8.67 -9.28 -2.37
C GLN D 246 9.07 -8.44 -1.17
N GLY D 247 10.11 -8.90 -0.48
CA GLY D 247 10.60 -8.19 0.69
C GLY D 247 9.79 -8.52 1.92
N VAL D 248 8.99 -9.58 1.81
CA VAL D 248 8.15 -9.98 2.93
C VAL D 248 8.96 -10.82 3.93
N VAL D 249 9.27 -10.21 5.07
CA VAL D 249 10.04 -10.91 6.08
C VAL D 249 9.21 -11.08 7.33
N GLU D 250 9.31 -12.26 7.92
CA GLU D 250 8.54 -12.56 9.11
C GLU D 250 9.27 -13.65 9.92
N CYS D 251 9.34 -13.47 11.24
CA CYS D 251 9.97 -14.43 12.13
C CYS D 251 8.99 -15.56 12.43
N ALA D 252 9.37 -16.81 12.14
CA ALA D 252 8.50 -17.94 12.39
C ALA D 252 9.28 -19.19 12.75
N TYR D 253 8.61 -20.10 13.45
CA TYR D 253 9.18 -21.37 13.91
C TYR D 253 9.18 -22.39 12.78
N VAL D 254 10.36 -22.69 12.24
CA VAL D 254 10.46 -23.67 11.16
C VAL D 254 11.65 -24.64 11.29
N GLU D 255 11.68 -25.63 10.41
CA GLU D 255 12.76 -26.59 10.39
C GLU D 255 13.91 -25.96 9.59
N GLY D 256 14.95 -25.52 10.30
CA GLY D 256 16.08 -24.88 9.65
C GLY D 256 17.39 -25.65 9.63
N ASP D 257 18.50 -24.91 9.57
CA ASP D 257 19.85 -25.48 9.52
C ASP D 257 20.12 -26.47 10.66
N GLY D 258 20.02 -25.99 11.88
CA GLY D 258 20.21 -26.85 13.07
C GLY D 258 21.22 -26.26 14.06
N GLN D 259 21.73 -25.10 13.72
CA GLN D 259 22.74 -24.43 14.56
C GLN D 259 22.35 -24.43 16.04
N TYR D 260 21.05 -24.34 16.29
CA TYR D 260 20.57 -24.26 17.67
C TYR D 260 19.52 -25.32 18.02
N ALA D 261 18.88 -25.88 17.02
CA ALA D 261 17.86 -26.90 17.23
C ALA D 261 17.28 -27.30 15.88
N ARG D 262 16.49 -28.37 15.85
CA ARG D 262 15.91 -28.84 14.61
C ARG D 262 14.93 -27.81 14.07
N PHE D 263 14.15 -27.27 15.00
CA PHE D 263 13.16 -26.26 14.68
C PHE D 263 13.61 -25.03 15.44
N PHE D 264 13.61 -23.89 14.76
CA PHE D 264 14.03 -22.67 15.40
C PHE D 264 13.27 -21.51 14.77
N SER D 265 13.02 -20.47 15.57
CA SER D 265 12.32 -19.30 15.06
C SER D 265 13.33 -18.20 14.79
N GLN D 266 13.39 -17.77 13.54
CA GLN D 266 14.31 -16.72 13.13
C GLN D 266 13.64 -15.94 11.99
N PRO D 267 14.22 -14.78 11.60
CA PRO D 267 13.60 -14.02 10.51
C PRO D 267 13.69 -14.82 9.21
N LEU D 268 12.57 -14.93 8.50
CA LEU D 268 12.51 -15.70 7.25
C LEU D 268 12.07 -14.81 6.10
N LEU D 269 12.41 -15.21 4.88
CA LEU D 269 11.99 -14.46 3.70
C LEU D 269 10.89 -15.28 3.07
N LEU D 270 9.74 -14.66 2.83
CA LEU D 270 8.60 -15.34 2.24
C LEU D 270 8.56 -15.23 0.72
N GLY D 271 8.05 -16.28 0.07
CA GLY D 271 7.94 -16.26 -1.38
C GLY D 271 6.81 -17.13 -1.90
N LYS D 272 6.79 -17.35 -3.21
CA LYS D 272 5.73 -18.14 -3.83
C LYS D 272 5.60 -19.59 -3.38
N ASN D 273 6.55 -20.08 -2.59
CA ASN D 273 6.48 -21.46 -2.10
C ASN D 273 6.72 -21.56 -0.60
N GLY D 274 6.41 -20.48 0.12
CA GLY D 274 6.62 -20.47 1.55
C GLY D 274 7.94 -19.78 1.84
N VAL D 275 8.65 -20.23 2.87
CA VAL D 275 9.94 -19.63 3.18
C VAL D 275 10.77 -19.81 1.95
N GLU D 276 11.51 -18.77 1.58
CA GLU D 276 12.35 -18.81 0.40
C GLU D 276 13.79 -18.75 0.85
N GLU D 277 14.00 -18.15 2.02
CA GLU D 277 15.32 -17.99 2.55
C GLU D 277 15.27 -17.71 4.06
N ARG D 278 16.04 -18.49 4.81
CA ARG D 278 16.11 -18.33 6.26
C ARG D 278 17.26 -17.39 6.57
N LYS D 279 16.93 -16.13 6.83
CA LYS D 279 17.95 -15.12 7.13
C LYS D 279 18.71 -15.42 8.41
N SER D 280 19.88 -14.78 8.56
CA SER D 280 20.73 -14.97 9.73
C SER D 280 20.21 -14.17 10.92
N ILE D 281 20.34 -14.73 12.10
CA ILE D 281 19.90 -14.06 13.31
C ILE D 281 20.77 -12.82 13.54
N GLY D 282 21.96 -12.82 12.95
CA GLY D 282 22.86 -11.68 13.10
C GLY D 282 23.77 -11.67 14.31
N THR D 283 24.11 -10.46 14.77
CA THR D 283 24.99 -10.28 15.92
C THR D 283 24.22 -10.17 17.22
N LEU D 284 24.51 -11.07 18.16
CA LEU D 284 23.85 -11.07 19.47
C LEU D 284 24.68 -10.33 20.51
N SER D 285 24.07 -10.05 21.65
CA SER D 285 24.75 -9.36 22.73
C SER D 285 25.18 -10.37 23.80
N ALA D 286 25.91 -9.90 24.80
CA ALA D 286 26.34 -10.78 25.87
C ALA D 286 25.10 -11.43 26.45
N PHE D 287 24.08 -10.61 26.69
CA PHE D 287 22.82 -11.08 27.26
C PHE D 287 22.03 -11.98 26.30
N GLU D 288 22.01 -11.61 25.02
CA GLU D 288 21.29 -12.42 24.03
C GLU D 288 21.95 -13.78 23.88
N GLN D 289 23.27 -13.78 23.71
CA GLN D 289 24.05 -14.99 23.55
C GLN D 289 23.86 -15.91 24.74
N ASN D 290 23.88 -15.32 25.94
CA ASN D 290 23.70 -16.06 27.17
C ASN D 290 22.30 -16.65 27.20
N ALA D 291 21.31 -15.77 27.16
CA ALA D 291 19.91 -16.17 27.19
C ALA D 291 19.67 -17.32 26.22
N LEU D 292 20.31 -17.24 25.07
CA LEU D 292 20.16 -18.28 24.06
C LEU D 292 20.60 -19.67 24.53
N GLU D 293 21.78 -19.75 25.13
CA GLU D 293 22.29 -21.03 25.60
C GLU D 293 21.48 -21.63 26.74
N GLY D 294 21.25 -20.86 27.79
CA GLY D 294 20.48 -21.36 28.91
C GLY D 294 19.02 -21.63 28.56
N MET D 295 18.80 -22.14 27.36
CA MET D 295 17.43 -22.43 26.92
C MET D 295 17.37 -23.58 25.89
N LEU D 296 18.42 -23.69 25.11
CA LEU D 296 18.51 -24.69 24.01
C LEU D 296 18.13 -26.10 24.46
N ASP D 297 18.43 -26.44 25.71
CA ASP D 297 18.08 -27.77 26.20
C ASP D 297 16.59 -27.86 26.38
N THR D 298 15.99 -26.81 26.93
CA THR D 298 14.55 -26.77 27.14
C THR D 298 13.82 -26.87 25.80
N LEU D 299 14.34 -26.17 24.80
CA LEU D 299 13.74 -26.17 23.47
C LEU D 299 13.83 -27.55 22.83
N LYS D 300 15.00 -28.18 22.93
CA LYS D 300 15.20 -29.50 22.35
C LYS D 300 14.29 -30.53 23.00
N LYS D 301 13.95 -30.30 24.25
CA LYS D 301 13.05 -31.19 24.98
C LYS D 301 11.69 -31.14 24.28
N ASP D 302 11.20 -29.92 24.06
CA ASP D 302 9.91 -29.69 23.40
C ASP D 302 9.82 -30.39 22.06
N ILE D 303 10.80 -30.15 21.20
CA ILE D 303 10.81 -30.78 19.89
C ILE D 303 10.80 -32.30 20.07
N ALA D 304 11.56 -32.76 21.06
CA ALA D 304 11.67 -34.18 21.36
C ALA D 304 10.33 -34.77 21.76
N LEU D 305 9.71 -34.15 22.77
CA LEU D 305 8.42 -34.60 23.24
C LEU D 305 7.41 -34.64 22.10
N GLY D 306 7.66 -33.86 21.06
CA GLY D 306 6.77 -33.82 19.92
C GLY D 306 6.94 -34.99 18.97
N GLN D 307 8.20 -35.35 18.69
CA GLN D 307 8.50 -36.46 17.80
C GLN D 307 8.17 -37.77 18.52
N GLU D 308 8.34 -37.77 19.83
CA GLU D 308 8.03 -38.94 20.62
C GLU D 308 6.55 -39.26 20.41
N PHE D 309 5.71 -38.27 20.66
CA PHE D 309 4.27 -38.41 20.50
C PHE D 309 3.86 -39.10 19.20
N VAL D 310 4.41 -38.63 18.09
CA VAL D 310 4.10 -39.16 16.77
C VAL D 310 4.70 -40.53 16.45
N ASN D 311 5.99 -40.70 16.75
CA ASN D 311 6.68 -41.95 16.45
C ASN D 311 6.58 -42.96 17.62
N LYS D 312 5.35 -43.15 18.11
CA LYS D 312 5.03 -44.13 19.19
C LYS D 312 5.96 -43.92 20.39
PA NAD E . 23.96 13.78 -22.83
O1A NAD E . 24.78 14.35 -23.92
O2A NAD E . 22.63 13.23 -23.21
O5B NAD E . 23.76 14.84 -21.66
C5B NAD E . 24.85 15.72 -21.31
C4B NAD E . 24.27 17.08 -20.97
O4B NAD E . 25.40 17.90 -20.62
C3B NAD E . 23.59 17.78 -22.15
O3B NAD E . 22.20 18.02 -21.85
C2B NAD E . 24.47 19.01 -22.35
O2B NAD E . 23.74 20.15 -22.85
C1B NAD E . 25.05 19.20 -20.96
N9A NAD E . 26.26 20.03 -20.89
C8A NAD E . 27.29 20.09 -21.79
N7A NAD E . 28.25 20.96 -21.45
C5A NAD E . 27.80 21.50 -20.26
C6A NAD E . 28.37 22.47 -19.41
N6A NAD E . 29.51 23.10 -19.62
N1A NAD E . 27.67 22.81 -18.28
C2A NAD E . 26.48 22.16 -18.05
N3A NAD E . 25.85 21.24 -18.77
C4A NAD E . 26.58 20.94 -19.89
O3 NAD E . 24.80 12.68 -22.14
PN NAD E . 24.47 11.69 -20.90
O1N NAD E . 24.01 10.44 -21.49
O2N NAD E . 23.47 12.36 -20.04
O5D NAD E . 25.98 11.58 -20.35
C5D NAD E . 26.28 12.15 -19.06
C4D NAD E . 27.75 11.94 -18.69
O4D NAD E . 27.78 10.86 -17.69
C3D NAD E . 28.71 11.47 -19.80
O3D NAD E . 30.00 12.07 -19.60
C2D NAD E . 28.74 9.96 -19.60
O2D NAD E . 29.96 9.39 -20.12
C1D NAD E . 28.65 9.84 -18.11
N1N NAD E . 28.16 8.52 -17.65
C2N NAD E . 28.44 8.09 -16.35
C3N NAD E . 28.05 6.72 -15.89
C7N NAD E . 28.46 6.34 -14.52
O7N NAD E . 28.14 5.21 -14.13
N7N NAD E . 29.15 7.16 -13.69
C4N NAD E . 27.20 5.85 -16.80
C5N NAD E . 26.95 6.48 -18.13
C6N NAD E . 27.39 7.66 -18.51
PA NAD F . 8.90 11.91 -29.53
O1A NAD F . 9.16 12.32 -30.94
O2A NAD F . 10.01 12.16 -28.58
O5B NAD F . 8.51 10.36 -29.44
C5B NAD F . 7.61 9.76 -30.42
C4B NAD F . 8.12 8.37 -30.73
O4B NAD F . 7.21 7.78 -31.70
C3B NAD F . 9.52 8.34 -31.38
O3B NAD F . 10.42 7.66 -30.52
C2B NAD F . 9.23 7.71 -32.75
O2B NAD F . 10.34 6.94 -33.26
C1B NAD F . 7.97 6.89 -32.46
N9A NAD F . 7.17 6.50 -33.65
C8A NAD F . 6.81 7.28 -34.71
N7A NAD F . 6.10 6.64 -35.64
C5A NAD F . 5.98 5.36 -35.14
C6A NAD F . 5.35 4.20 -35.65
N6A NAD F . 4.69 4.12 -36.78
N1A NAD F . 5.41 3.04 -34.90
C2A NAD F . 6.09 3.11 -33.71
N3A NAD F . 6.73 4.12 -33.14
C4A NAD F . 6.64 5.24 -33.91
O3 NAD F . 7.61 12.58 -29.01
PN NAD F . 6.84 12.50 -27.56
O1N NAD F . 7.23 13.72 -26.83
O2N NAD F . 7.27 11.25 -26.90
O5D NAD F . 5.35 12.57 -28.09
C5D NAD F . 4.55 11.41 -27.88
C4D NAD F . 3.16 11.61 -28.44
O4D NAD F . 2.27 11.89 -27.32
C3D NAD F . 2.92 12.75 -29.43
O3D NAD F . 1.99 12.35 -30.44
C2D NAD F . 2.35 13.84 -28.54
O2D NAD F . 1.53 14.73 -29.33
C1D NAD F . 1.53 13.06 -27.56
N1N NAD F . 1.27 13.75 -26.30
C2N NAD F . 0.18 13.36 -25.52
C3N NAD F . -0.19 14.06 -24.26
C7N NAD F . -1.39 13.57 -23.54
O7N NAD F . -1.69 14.17 -22.50
N7N NAD F . -2.15 12.53 -23.96
C4N NAD F . 0.71 15.19 -23.77
C5N NAD F . 1.83 15.48 -24.71
C6N NAD F . 2.08 14.84 -25.83
PA NAD G . -23.53 -11.06 24.90
O1A NAD G . -24.45 -11.70 25.87
O2A NAD G . -22.51 -11.95 24.29
O5B NAD G . -22.78 -9.80 25.57
C5B NAD G . -23.50 -8.90 26.45
C4B NAD G . -22.54 -8.30 27.46
O4B NAD G . -23.32 -7.43 28.32
C3B NAD G . -21.89 -9.34 28.40
O3B NAD G . -20.46 -9.30 28.22
C2B NAD G . -22.43 -8.90 29.77
O2B NAD G . -21.51 -9.20 30.86
C1B NAD G . -22.68 -7.43 29.55
N9A NAD G . -23.57 -6.81 30.53
C8A NAD G . -24.78 -7.28 30.98
N7A NAD G . -25.35 -6.50 31.87
C5A NAD G . -24.47 -5.45 32.02
C6A NAD G . -24.52 -4.30 32.84
N6A NAD G . -25.50 -3.99 33.68
N1A NAD G . -23.47 -3.42 32.76
C2A NAD G . -22.45 -3.73 31.89
N3A NAD G . -22.30 -4.77 31.09
C4A NAD G . -23.36 -5.61 31.20
O3 NAD G . -24.38 -10.39 23.81
PN NAD G . -23.99 -9.53 22.48
O1N NAD G . -23.99 -10.49 21.36
O2N NAD G . -22.69 -8.87 22.73
O5D NAD G . -25.29 -8.63 22.51
C5D NAD G . -25.11 -7.24 22.79
C4D NAD G . -26.46 -6.56 22.78
O4D NAD G . -26.58 -5.92 21.48
C3D NAD G . -27.70 -7.44 22.93
O3D NAD G . -28.69 -6.76 23.69
C2D NAD G . -28.14 -7.64 21.47
O2D NAD G . -29.57 -7.88 21.42
C1D NAD G . -27.77 -6.33 20.85
N1N NAD G . -27.58 -6.36 19.40
C2N NAD G . -27.75 -5.19 18.67
C3N NAD G . -27.65 -5.17 17.19
C7N NAD G . -27.92 -3.86 16.55
O7N NAD G . -27.85 -3.82 15.30
N7N NAD G . -28.23 -2.74 17.23
C4N NAD G . -27.23 -6.43 16.46
C5N NAD G . -27.05 -7.59 17.38
C6N NAD G . -27.21 -7.57 18.69
C PYR H . -33.49 -8.31 12.27
O PYR H . -34.47 -7.65 12.71
OXT PYR H . -33.46 -9.55 12.39
CA PYR H . -32.38 -7.62 11.64
O3 PYR H . -31.63 -6.87 12.29
CB PYR H . -32.19 -7.85 10.22
PA NAD I . -10.99 -22.02 22.23
O1A NAD I . -11.30 -23.14 23.17
O2A NAD I . -11.82 -20.81 22.38
O5B NAD I . -11.09 -22.52 20.69
C5B NAD I . -10.59 -23.83 20.30
C4B NAD I . -11.46 -24.34 19.18
O4B NAD I . -10.96 -25.63 18.76
C3B NAD I . -12.93 -24.59 19.58
O3B NAD I . -13.77 -23.71 18.83
C2B NAD I . -13.07 -26.10 19.31
O2B NAD I . -14.41 -26.48 18.94
C1B NAD I . -12.04 -26.31 18.22
N9A NAD I . -11.63 -27.72 17.97
C8A NAD I . -11.26 -28.67 18.87
N7A NAD I . -10.95 -29.85 18.33
C5A NAD I . -11.13 -29.65 16.98
C6A NAD I . -10.98 -30.52 15.88
N6A NAD I . -10.60 -31.79 15.92
N1A NAD I . -11.25 -30.02 14.62
C2A NAD I . -11.66 -28.70 14.55
N3A NAD I . -11.84 -27.81 15.51
C4A NAD I . -11.55 -28.34 16.72
O3 NAD I . -9.49 -21.64 22.39
PN NAD I . -8.51 -20.53 21.68
O1N NAD I . -8.39 -19.40 22.62
O2N NAD I . -9.12 -20.17 20.37
O5D NAD I . -7.20 -21.44 21.67
C5D NAD I . -6.70 -21.87 20.40
C4D NAD I . -5.44 -22.70 20.62
O4D NAD I . -4.33 -21.81 20.34
C3D NAD I . -5.19 -23.23 22.03
O3D NAD I . -4.57 -24.52 21.96
C2D NAD I . -4.25 -22.19 22.63
O2D NAD I . -3.42 -22.76 23.65
C1D NAD I . -3.45 -21.76 21.42
N1N NAD I . -2.88 -20.41 21.54
C2N NAD I . -1.78 -20.06 20.75
C3N NAD I . -1.08 -18.75 20.90
C7N NAD I . 0.12 -18.54 20.07
O7N NAD I . 0.71 -17.45 20.19
N7N NAD I . 0.59 -19.47 19.21
C4N NAD I . -1.68 -17.72 21.83
C5N NAD I . -2.88 -18.22 22.56
C6N NAD I . -3.41 -19.42 22.44
#